data_2MPS
#
_entry.id   2MPS
#
loop_
_entity.id
_entity.type
_entity.pdbx_description
1 polymer 'E3 ubiquitin-protein ligase Mdm2'
2 polymer 'Tumor protein p73'
#
loop_
_entity_poly.entity_id
_entity_poly.type
_entity_poly.pdbx_seq_one_letter_code
_entity_poly.pdbx_strand_id
1 'polypeptide(L)'
;NTNMSVPTDGAVTTSQIPASEQETLVRPKPLLLKLLKSVGAQKDTYTMKEVLFYLGQYIMTKRLYDEKQQHIVYCSNDLL
GDLFGVPSFSVKEHRKIYTMIYRNLVV
;
A
2 'polypeptide(L)' DGGTTFEHLWSSLEPD B
#
# COMPACT_ATOMS: atom_id res chain seq x y z
N ASN A 1 42.66 14.74 -7.91
CA ASN A 1 42.48 14.00 -6.67
C ASN A 1 41.15 14.33 -6.08
N THR A 2 40.53 13.36 -5.49
CA THR A 2 39.28 13.53 -4.81
C THR A 2 39.29 12.61 -3.59
N ASN A 3 39.44 13.19 -2.42
CA ASN A 3 39.46 12.39 -1.21
C ASN A 3 38.05 12.18 -0.70
N MET A 4 37.11 12.96 -1.23
CA MET A 4 35.71 12.78 -0.94
C MET A 4 35.22 11.56 -1.68
N SER A 5 35.17 10.46 -0.98
CA SER A 5 34.73 9.23 -1.55
C SER A 5 33.20 9.23 -1.63
N VAL A 6 32.69 9.58 -2.78
CA VAL A 6 31.28 9.62 -3.00
C VAL A 6 30.88 8.74 -4.16
N PRO A 7 29.76 8.05 -4.04
CA PRO A 7 29.22 7.24 -5.12
C PRO A 7 28.89 8.11 -6.33
N THR A 8 29.29 7.67 -7.50
CA THR A 8 28.98 8.40 -8.68
C THR A 8 27.56 8.09 -9.16
N ASP A 9 26.61 8.78 -8.54
CA ASP A 9 25.21 8.58 -8.80
C ASP A 9 24.80 9.34 -10.03
N GLY A 10 24.61 8.62 -11.08
CA GLY A 10 24.22 9.19 -12.30
C GLY A 10 23.64 8.12 -13.16
N ALA A 11 23.16 8.50 -14.30
CA ALA A 11 22.58 7.56 -15.20
C ALA A 11 23.67 6.85 -15.98
N VAL A 12 24.22 5.86 -15.36
CA VAL A 12 25.23 5.05 -15.96
C VAL A 12 24.67 3.69 -16.26
N THR A 13 24.47 3.44 -17.52
CA THR A 13 23.92 2.19 -17.93
C THR A 13 24.81 1.52 -18.95
N THR A 14 25.69 0.68 -18.48
CA THR A 14 26.55 -0.04 -19.35
C THR A 14 26.05 -1.47 -19.51
N SER A 15 26.08 -2.24 -18.45
CA SER A 15 25.67 -3.62 -18.54
C SER A 15 24.17 -3.78 -18.28
N GLN A 16 23.62 -2.97 -17.42
CA GLN A 16 22.23 -3.11 -17.06
C GLN A 16 21.45 -1.84 -17.33
N ILE A 17 20.16 -2.00 -17.31
CA ILE A 17 19.22 -0.92 -17.41
C ILE A 17 18.43 -0.98 -16.09
N PRO A 18 18.16 0.16 -15.45
CA PRO A 18 17.50 0.20 -14.14
C PRO A 18 16.18 -0.58 -14.13
N ALA A 19 16.02 -1.42 -13.13
CA ALA A 19 14.81 -2.19 -12.97
C ALA A 19 13.70 -1.27 -12.49
N SER A 20 13.02 -0.68 -13.42
CA SER A 20 11.98 0.25 -13.13
C SER A 20 10.83 0.06 -14.10
N GLU A 21 9.72 -0.34 -13.58
CA GLU A 21 8.54 -0.47 -14.37
C GLU A 21 7.62 0.67 -14.05
N GLN A 22 6.79 1.06 -15.00
CA GLN A 22 5.85 2.14 -14.77
C GLN A 22 4.91 1.72 -13.68
N GLU A 23 4.91 2.50 -12.60
CA GLU A 23 4.14 2.21 -11.42
C GLU A 23 2.68 2.08 -11.77
N THR A 24 2.20 0.88 -11.64
CA THR A 24 0.87 0.53 -11.97
C THR A 24 -0.14 1.16 -11.01
N LEU A 25 -1.05 1.93 -11.57
CA LEU A 25 -2.15 2.47 -10.84
C LEU A 25 -3.09 1.34 -10.55
N VAL A 26 -3.56 1.27 -9.36
CA VAL A 26 -4.35 0.15 -8.95
C VAL A 26 -5.84 0.48 -9.00
N ARG A 27 -6.61 -0.55 -9.23
CA ARG A 27 -8.05 -0.43 -9.32
C ARG A 27 -8.66 -0.62 -7.95
N PRO A 28 -9.44 0.33 -7.49
CA PRO A 28 -10.06 0.25 -6.18
C PRO A 28 -11.48 -0.35 -6.20
N LYS A 29 -12.05 -0.38 -5.02
CA LYS A 29 -13.42 -0.78 -4.79
C LYS A 29 -14.06 0.40 -4.07
N PRO A 30 -15.41 0.50 -3.98
CA PRO A 30 -16.10 1.61 -3.28
C PRO A 30 -15.61 1.74 -1.84
N LEU A 31 -15.29 0.60 -1.26
CA LEU A 31 -14.80 0.52 0.10
C LEU A 31 -13.44 1.24 0.23
N LEU A 32 -12.56 0.99 -0.74
CA LEU A 32 -11.26 1.67 -0.77
C LEU A 32 -11.46 3.13 -1.06
N LEU A 33 -12.28 3.42 -2.06
CA LEU A 33 -12.55 4.80 -2.46
C LEU A 33 -13.12 5.63 -1.33
N LYS A 34 -13.97 5.04 -0.49
CA LYS A 34 -14.53 5.78 0.61
C LYS A 34 -13.48 6.12 1.63
N LEU A 35 -12.50 5.23 1.82
CA LEU A 35 -11.48 5.51 2.80
C LEU A 35 -10.50 6.54 2.23
N LEU A 36 -10.17 6.37 0.97
CA LEU A 36 -9.22 7.21 0.26
C LEU A 36 -9.72 8.64 0.17
N LYS A 37 -10.91 8.81 -0.34
CA LYS A 37 -11.41 10.14 -0.59
C LYS A 37 -11.77 10.84 0.70
N SER A 38 -12.01 10.07 1.76
CA SER A 38 -12.29 10.66 3.05
C SER A 38 -10.99 11.04 3.80
N VAL A 39 -9.84 10.64 3.28
CA VAL A 39 -8.56 11.00 3.91
C VAL A 39 -7.76 11.98 3.05
N GLY A 40 -8.41 12.50 2.03
CA GLY A 40 -7.78 13.52 1.22
C GLY A 40 -7.34 13.06 -0.15
N ALA A 41 -7.86 11.95 -0.64
CA ALA A 41 -7.49 11.51 -1.97
C ALA A 41 -8.34 12.19 -3.01
N GLN A 42 -7.67 12.76 -3.96
CA GLN A 42 -8.27 13.49 -5.04
C GLN A 42 -8.35 12.60 -6.26
N LYS A 43 -7.57 11.56 -6.24
CA LYS A 43 -7.49 10.64 -7.30
C LYS A 43 -8.52 9.54 -7.20
N ASP A 44 -8.68 8.88 -8.31
CA ASP A 44 -9.48 7.68 -8.42
C ASP A 44 -8.57 6.55 -8.86
N THR A 45 -7.34 6.90 -9.18
CA THR A 45 -6.33 5.94 -9.54
C THR A 45 -5.06 6.31 -8.86
N TYR A 46 -4.40 5.35 -8.30
CA TYR A 46 -3.30 5.61 -7.44
C TYR A 46 -2.34 4.44 -7.44
N THR A 47 -1.08 4.71 -7.25
CA THR A 47 -0.05 3.69 -7.23
C THR A 47 0.07 3.12 -5.83
N MET A 48 0.92 2.11 -5.69
CA MET A 48 1.16 1.45 -4.39
C MET A 48 1.64 2.42 -3.31
N LYS A 49 2.45 3.38 -3.71
CA LYS A 49 2.96 4.42 -2.82
C LYS A 49 1.85 5.26 -2.28
N GLU A 50 0.91 5.53 -3.12
CA GLU A 50 -0.20 6.36 -2.81
C GLU A 50 -1.18 5.61 -1.93
N VAL A 51 -1.21 4.29 -2.08
CA VAL A 51 -2.00 3.45 -1.18
C VAL A 51 -1.41 3.61 0.20
N LEU A 52 -0.10 3.44 0.29
CA LEU A 52 0.62 3.60 1.56
C LEU A 52 0.31 4.96 2.17
N PHE A 53 0.31 5.97 1.33
CA PHE A 53 0.06 7.31 1.80
C PHE A 53 -1.38 7.45 2.32
N TYR A 54 -2.35 7.20 1.47
CA TYR A 54 -3.74 7.41 1.82
C TYR A 54 -4.32 6.34 2.73
N LEU A 55 -3.97 5.09 2.50
CA LEU A 55 -4.51 4.02 3.29
C LEU A 55 -3.96 4.15 4.70
N GLY A 56 -2.72 4.65 4.79
CA GLY A 56 -2.08 4.87 6.06
C GLY A 56 -2.77 5.95 6.85
N GLN A 57 -3.29 6.96 6.15
CA GLN A 57 -4.04 8.05 6.78
C GLN A 57 -5.23 7.48 7.52
N TYR A 58 -5.93 6.56 6.85
CA TYR A 58 -7.13 5.94 7.40
C TYR A 58 -6.83 5.14 8.67
N ILE A 59 -5.73 4.42 8.66
CA ILE A 59 -5.37 3.56 9.78
C ILE A 59 -4.95 4.44 10.95
N MET A 60 -4.27 5.52 10.62
CA MET A 60 -3.82 6.50 11.59
C MET A 60 -4.96 7.25 12.22
N THR A 61 -5.80 7.82 11.39
CA THR A 61 -6.85 8.72 11.84
C THR A 61 -7.96 7.99 12.62
N LYS A 62 -8.06 6.70 12.42
CA LYS A 62 -9.05 5.90 13.12
C LYS A 62 -8.39 5.21 14.28
N ARG A 63 -7.06 5.23 14.26
CA ARG A 63 -6.21 4.60 15.27
C ARG A 63 -6.52 3.13 15.38
N LEU A 64 -6.47 2.46 14.25
CA LEU A 64 -6.83 1.05 14.18
C LEU A 64 -5.66 0.14 14.53
N TYR A 65 -4.53 0.75 14.80
CA TYR A 65 -3.37 -0.02 15.19
C TYR A 65 -3.22 -0.03 16.70
N ASP A 66 -2.31 -0.85 17.19
CA ASP A 66 -2.11 -1.04 18.61
C ASP A 66 -1.61 0.23 19.31
N GLU A 67 -1.77 0.25 20.61
CA GLU A 67 -1.43 1.38 21.39
C GLU A 67 0.07 1.35 21.76
N LYS A 68 0.64 0.15 21.92
CA LYS A 68 2.02 0.07 22.27
C LYS A 68 2.92 -0.31 21.10
N GLN A 69 2.41 -1.09 20.17
CA GLN A 69 3.23 -1.50 19.04
C GLN A 69 2.63 -0.95 17.75
N GLN A 70 3.24 0.10 17.22
CA GLN A 70 2.74 0.78 16.02
C GLN A 70 2.75 -0.14 14.80
N HIS A 71 3.67 -1.07 14.77
CA HIS A 71 3.80 -2.03 13.68
C HIS A 71 2.69 -3.09 13.67
N ILE A 72 1.83 -3.06 14.67
CA ILE A 72 0.75 -4.01 14.80
C ILE A 72 -0.57 -3.31 14.56
N VAL A 73 -1.20 -3.62 13.48
CA VAL A 73 -2.47 -3.05 13.17
C VAL A 73 -3.54 -4.08 13.41
N TYR A 74 -4.51 -3.76 14.21
CA TYR A 74 -5.58 -4.68 14.47
C TYR A 74 -6.65 -4.52 13.44
N CYS A 75 -7.30 -3.34 13.43
CA CYS A 75 -8.40 -3.00 12.52
C CYS A 75 -9.50 -4.07 12.50
N SER A 76 -9.63 -4.75 13.61
CA SER A 76 -10.58 -5.79 13.77
C SER A 76 -11.96 -5.16 13.92
N ASN A 77 -12.95 -5.78 13.30
CA ASN A 77 -14.34 -5.28 13.27
C ASN A 77 -14.51 -4.13 12.30
N ASP A 78 -13.46 -3.83 11.57
CA ASP A 78 -13.52 -2.82 10.52
C ASP A 78 -13.49 -3.59 9.21
N LEU A 79 -13.66 -2.90 8.14
CA LEU A 79 -13.67 -3.49 6.85
C LEU A 79 -12.22 -3.64 6.37
N LEU A 80 -11.36 -2.68 6.78
CA LEU A 80 -9.94 -2.63 6.40
C LEU A 80 -9.23 -3.99 6.53
N GLY A 81 -9.13 -4.47 7.75
CA GLY A 81 -8.44 -5.73 7.99
C GLY A 81 -9.11 -6.87 7.31
N ASP A 82 -10.43 -6.87 7.41
CA ASP A 82 -11.27 -7.92 6.82
C ASP A 82 -10.90 -8.12 5.39
N LEU A 83 -10.99 -7.03 4.64
CA LEU A 83 -10.79 -6.93 3.21
C LEU A 83 -9.36 -7.29 2.80
N PHE A 84 -8.42 -7.04 3.68
CA PHE A 84 -7.05 -7.45 3.48
C PHE A 84 -6.93 -8.96 3.56
N GLY A 85 -7.93 -9.54 4.17
CA GLY A 85 -8.01 -10.97 4.31
C GLY A 85 -7.53 -11.35 5.66
N VAL A 86 -7.59 -10.41 6.57
CA VAL A 86 -6.97 -10.62 7.88
C VAL A 86 -7.83 -10.17 9.07
N PRO A 87 -7.47 -10.65 10.29
CA PRO A 87 -8.04 -10.14 11.52
C PRO A 87 -7.25 -8.92 12.02
N SER A 88 -5.96 -8.91 11.70
CA SER A 88 -4.99 -7.89 12.05
C SER A 88 -3.78 -8.08 11.11
N PHE A 89 -2.89 -7.11 11.03
CA PHE A 89 -1.76 -7.23 10.12
C PHE A 89 -0.52 -6.52 10.65
N SER A 90 0.64 -6.95 10.18
CA SER A 90 1.88 -6.34 10.54
C SER A 90 2.44 -5.58 9.34
N VAL A 91 2.87 -4.36 9.58
CA VAL A 91 3.41 -3.50 8.54
C VAL A 91 4.87 -3.88 8.19
N LYS A 92 5.38 -4.84 8.93
CA LYS A 92 6.72 -5.33 8.72
C LYS A 92 6.77 -6.28 7.54
N GLU A 93 5.66 -6.92 7.28
CA GLU A 93 5.58 -7.82 6.17
C GLU A 93 5.16 -7.09 4.93
N HIS A 94 6.13 -6.62 4.24
CA HIS A 94 5.98 -5.85 3.00
C HIS A 94 5.21 -6.64 1.98
N ARG A 95 5.58 -7.90 1.86
CA ARG A 95 4.98 -8.80 0.88
C ARG A 95 3.51 -8.99 1.16
N LYS A 96 3.16 -9.09 2.44
CA LYS A 96 1.82 -9.22 2.83
C LYS A 96 1.05 -7.95 2.49
N ILE A 97 1.69 -6.81 2.70
CA ILE A 97 1.07 -5.53 2.42
C ILE A 97 0.67 -5.46 0.95
N TYR A 98 1.62 -5.82 0.08
CA TYR A 98 1.38 -5.80 -1.36
C TYR A 98 0.22 -6.69 -1.72
N THR A 99 0.25 -7.89 -1.20
CA THR A 99 -0.76 -8.89 -1.52
C THR A 99 -2.13 -8.56 -0.95
N MET A 100 -2.19 -7.95 0.21
CA MET A 100 -3.47 -7.56 0.82
C MET A 100 -4.14 -6.45 0.02
N ILE A 101 -3.33 -5.63 -0.60
CA ILE A 101 -3.81 -4.54 -1.44
C ILE A 101 -4.15 -5.12 -2.81
N TYR A 102 -3.26 -5.97 -3.29
CA TYR A 102 -3.39 -6.64 -4.56
C TYR A 102 -4.64 -7.52 -4.61
N ARG A 103 -5.03 -8.07 -3.47
CA ARG A 103 -6.26 -8.86 -3.33
C ARG A 103 -7.46 -8.03 -3.76
N ASN A 104 -7.34 -6.73 -3.66
CA ASN A 104 -8.44 -5.84 -3.87
C ASN A 104 -8.38 -5.08 -5.17
N LEU A 105 -7.40 -5.36 -5.98
CA LEU A 105 -7.28 -4.70 -7.26
C LEU A 105 -7.33 -5.73 -8.36
N VAL A 106 -7.58 -5.30 -9.56
CA VAL A 106 -7.66 -6.21 -10.68
C VAL A 106 -6.49 -6.04 -11.62
N VAL A 107 -5.83 -7.13 -11.94
CA VAL A 107 -4.71 -7.16 -12.86
C VAL A 107 -4.80 -8.37 -13.74
N ASP B 1 13.35 -3.52 15.91
CA ASP B 1 13.81 -2.25 15.31
C ASP B 1 13.53 -1.07 16.21
N GLY B 2 13.05 -1.34 17.38
CA GLY B 2 12.82 -0.32 18.34
C GLY B 2 11.37 -0.03 18.51
N GLY B 3 10.96 1.02 17.92
CA GLY B 3 9.60 1.47 17.99
C GLY B 3 9.37 2.46 16.90
N THR B 4 9.51 2.01 15.70
CA THR B 4 9.42 2.83 14.55
C THR B 4 7.98 3.30 14.27
N THR B 5 7.85 4.58 13.94
CA THR B 5 6.54 5.18 13.78
C THR B 5 5.80 4.63 12.58
N PHE B 6 4.50 4.39 12.79
CA PHE B 6 3.60 3.88 11.77
C PHE B 6 3.57 4.82 10.56
N GLU B 7 3.81 6.08 10.83
CA GLU B 7 3.77 7.12 9.82
C GLU B 7 4.86 6.88 8.75
N HIS B 8 6.00 6.41 9.18
CA HIS B 8 7.13 6.30 8.29
C HIS B 8 7.22 4.93 7.66
N LEU B 9 7.25 3.90 8.49
CA LEU B 9 7.55 2.54 8.00
C LEU B 9 6.48 1.99 7.05
N TRP B 10 5.31 2.55 7.11
CA TRP B 10 4.21 2.18 6.26
C TRP B 10 4.33 2.93 4.93
N SER B 11 4.59 4.20 5.01
CA SER B 11 4.66 5.05 3.84
C SER B 11 5.96 4.83 3.04
N SER B 12 6.90 4.12 3.65
CA SER B 12 8.23 3.92 3.09
C SER B 12 8.48 2.44 2.80
N LEU B 13 7.43 1.65 2.65
CA LEU B 13 7.65 0.23 2.51
C LEU B 13 7.64 -0.19 1.06
N GLU B 14 7.43 0.76 0.17
CA GLU B 14 7.34 0.49 -1.24
C GLU B 14 8.73 0.15 -1.81
N PRO B 15 8.81 -0.59 -2.92
CA PRO B 15 10.09 -1.00 -3.53
C PRO B 15 11.01 0.16 -3.84
N ASP B 16 10.63 0.97 -4.80
CA ASP B 16 11.43 2.10 -5.20
C ASP B 16 10.58 3.08 -5.93
N ASN A 1 6.14 16.98 -11.55
CA ASN A 1 6.50 17.81 -12.72
C ASN A 1 8.00 17.96 -12.77
N THR A 2 8.55 18.43 -11.69
CA THR A 2 9.95 18.64 -11.57
C THR A 2 10.65 17.38 -11.06
N ASN A 3 11.93 17.27 -11.29
CA ASN A 3 12.68 16.13 -10.82
C ASN A 3 13.54 16.54 -9.65
N MET A 4 13.44 15.78 -8.57
CA MET A 4 14.29 16.02 -7.41
C MET A 4 15.64 15.38 -7.64
N SER A 5 15.64 14.42 -8.53
CA SER A 5 16.83 13.79 -9.00
C SER A 5 16.85 13.98 -10.51
N VAL A 6 17.48 15.04 -10.97
CA VAL A 6 17.54 15.32 -12.38
C VAL A 6 18.43 14.30 -13.09
N PRO A 7 18.05 13.89 -14.30
CA PRO A 7 18.75 12.87 -15.05
C PRO A 7 20.20 13.25 -15.37
N THR A 8 21.06 12.88 -14.47
CA THR A 8 22.48 13.05 -14.59
C THR A 8 23.06 11.65 -14.44
N ASP A 9 22.13 10.72 -14.47
CA ASP A 9 22.33 9.33 -14.29
C ASP A 9 21.45 8.67 -15.29
N GLY A 10 22.04 7.99 -16.22
CA GLY A 10 21.27 7.33 -17.25
C GLY A 10 20.84 5.97 -16.78
N ALA A 11 20.18 5.24 -17.64
CA ALA A 11 19.82 3.88 -17.34
C ALA A 11 21.09 3.05 -17.40
N VAL A 12 21.65 2.81 -16.24
CA VAL A 12 22.94 2.14 -16.12
C VAL A 12 22.90 0.67 -16.51
N THR A 13 23.25 0.41 -17.73
CA THR A 13 23.35 -0.92 -18.19
C THR A 13 24.80 -1.39 -18.09
N THR A 14 25.14 -1.88 -16.93
CA THR A 14 26.46 -2.37 -16.65
C THR A 14 26.37 -3.77 -16.04
N SER A 15 25.71 -3.86 -14.91
CA SER A 15 25.52 -5.13 -14.22
C SER A 15 24.31 -5.84 -14.82
N GLN A 16 23.25 -5.09 -15.01
CA GLN A 16 22.03 -5.57 -15.60
C GLN A 16 21.30 -4.36 -16.14
N ILE A 17 20.18 -4.59 -16.76
CA ILE A 17 19.34 -3.51 -17.18
C ILE A 17 18.51 -3.12 -15.96
N PRO A 18 18.52 -1.84 -15.57
CA PRO A 18 17.74 -1.38 -14.44
C PRO A 18 16.26 -1.49 -14.74
N ALA A 19 15.64 -2.41 -14.12
CA ALA A 19 14.26 -2.70 -14.38
C ALA A 19 13.40 -2.17 -13.27
N SER A 20 12.68 -1.13 -13.56
CA SER A 20 11.79 -0.56 -12.61
C SER A 20 10.45 -1.25 -12.73
N GLU A 21 10.04 -1.95 -11.68
CA GLU A 21 8.71 -2.55 -11.65
C GLU A 21 7.72 -1.42 -11.68
N GLN A 22 7.03 -1.27 -12.81
CA GLN A 22 6.09 -0.20 -12.99
C GLN A 22 5.04 -0.25 -11.95
N GLU A 23 4.94 0.80 -11.20
CA GLU A 23 3.96 0.88 -10.19
C GLU A 23 2.68 1.34 -10.88
N THR A 24 1.92 0.36 -11.32
CA THR A 24 0.74 0.55 -12.12
C THR A 24 -0.37 1.27 -11.35
N LEU A 25 -1.09 2.16 -12.02
CA LEU A 25 -2.23 2.78 -11.44
C LEU A 25 -3.33 1.76 -11.26
N VAL A 26 -3.54 1.40 -10.06
CA VAL A 26 -4.44 0.37 -9.71
C VAL A 26 -5.75 0.94 -9.27
N ARG A 27 -6.77 0.13 -9.37
CA ARG A 27 -8.12 0.59 -9.18
C ARG A 27 -8.64 0.14 -7.85
N PRO A 28 -9.08 1.05 -7.01
CA PRO A 28 -9.61 0.70 -5.71
C PRO A 28 -11.04 0.21 -5.81
N LYS A 29 -11.36 -0.81 -5.04
CA LYS A 29 -12.73 -1.22 -4.87
C LYS A 29 -13.45 -0.09 -4.12
N PRO A 30 -14.80 0.01 -4.17
CA PRO A 30 -15.58 1.12 -3.56
C PRO A 30 -15.17 1.42 -2.12
N LEU A 31 -14.91 0.35 -1.36
CA LEU A 31 -14.54 0.49 0.03
C LEU A 31 -13.17 1.16 0.20
N LEU A 32 -12.27 0.91 -0.72
CA LEU A 32 -10.96 1.53 -0.66
C LEU A 32 -11.06 2.95 -1.14
N LEU A 33 -11.85 3.15 -2.19
CA LEU A 33 -12.12 4.48 -2.75
C LEU A 33 -12.65 5.38 -1.64
N LYS A 34 -13.56 4.80 -0.88
CA LYS A 34 -14.17 5.37 0.30
C LYS A 34 -13.12 5.89 1.29
N LEU A 35 -12.16 5.05 1.62
CA LEU A 35 -11.21 5.42 2.67
C LEU A 35 -10.18 6.40 2.12
N LEU A 36 -9.81 6.20 0.86
CA LEU A 36 -8.82 7.04 0.19
C LEU A 36 -9.31 8.47 0.09
N LYS A 37 -10.53 8.66 -0.38
CA LYS A 37 -11.04 9.98 -0.57
C LYS A 37 -11.49 10.63 0.73
N SER A 38 -11.70 9.81 1.75
CA SER A 38 -12.02 10.34 3.06
C SER A 38 -10.77 10.97 3.70
N VAL A 39 -9.60 10.53 3.27
CA VAL A 39 -8.36 11.06 3.82
C VAL A 39 -7.66 12.01 2.86
N GLY A 40 -8.36 12.41 1.81
CA GLY A 40 -7.84 13.44 0.95
C GLY A 40 -7.39 13.00 -0.43
N ALA A 41 -7.79 11.83 -0.88
CA ALA A 41 -7.45 11.42 -2.24
C ALA A 41 -8.41 12.05 -3.23
N GLN A 42 -7.90 12.48 -4.35
CA GLN A 42 -8.72 13.11 -5.38
C GLN A 42 -8.67 12.31 -6.67
N LYS A 43 -7.87 11.29 -6.68
CA LYS A 43 -7.71 10.41 -7.81
C LYS A 43 -8.58 9.17 -7.63
N ASP A 44 -8.95 8.55 -8.74
CA ASP A 44 -9.72 7.31 -8.69
C ASP A 44 -8.84 6.12 -8.97
N THR A 45 -7.58 6.39 -9.12
CA THR A 45 -6.57 5.38 -9.26
C THR A 45 -5.40 5.79 -8.41
N TYR A 46 -4.58 4.87 -8.05
CA TYR A 46 -3.47 5.17 -7.19
C TYR A 46 -2.33 4.24 -7.47
N THR A 47 -1.19 4.56 -6.94
CA THR A 47 -0.05 3.72 -7.01
C THR A 47 0.19 3.13 -5.63
N MET A 48 1.09 2.18 -5.54
CA MET A 48 1.46 1.56 -4.26
C MET A 48 1.94 2.62 -3.26
N LYS A 49 2.68 3.60 -3.74
CA LYS A 49 3.13 4.71 -2.89
C LYS A 49 1.97 5.54 -2.37
N GLU A 50 1.00 5.80 -3.23
CA GLU A 50 -0.14 6.62 -2.87
C GLU A 50 -1.05 5.92 -1.89
N VAL A 51 -1.20 4.61 -2.04
CA VAL A 51 -2.00 3.87 -1.09
C VAL A 51 -1.32 3.83 0.25
N LEU A 52 0.02 3.69 0.27
CA LEU A 52 0.77 3.79 1.52
C LEU A 52 0.40 5.09 2.22
N PHE A 53 0.38 6.15 1.45
CA PHE A 53 0.08 7.45 1.99
C PHE A 53 -1.34 7.50 2.54
N TYR A 54 -2.32 7.29 1.69
CA TYR A 54 -3.70 7.45 2.08
C TYR A 54 -4.23 6.35 2.99
N LEU A 55 -3.89 5.10 2.71
CA LEU A 55 -4.41 3.97 3.48
C LEU A 55 -3.92 4.13 4.92
N GLY A 56 -2.67 4.55 5.03
CA GLY A 56 -2.05 4.76 6.33
C GLY A 56 -2.73 5.82 7.14
N GLN A 57 -3.19 6.87 6.46
CA GLN A 57 -3.89 7.97 7.13
C GLN A 57 -5.12 7.44 7.82
N TYR A 58 -5.86 6.61 7.09
CA TYR A 58 -7.11 6.09 7.59
C TYR A 58 -6.90 5.19 8.80
N ILE A 59 -5.85 4.38 8.76
CA ILE A 59 -5.55 3.44 9.84
C ILE A 59 -5.20 4.24 11.09
N MET A 60 -4.47 5.29 10.87
CA MET A 60 -3.96 6.12 11.93
C MET A 60 -5.08 6.93 12.59
N THR A 61 -5.86 7.60 11.77
CA THR A 61 -6.90 8.51 12.27
C THR A 61 -8.04 7.73 12.98
N LYS A 62 -8.23 6.49 12.60
CA LYS A 62 -9.27 5.65 13.17
C LYS A 62 -8.68 4.86 14.33
N ARG A 63 -7.35 4.90 14.42
CA ARG A 63 -6.58 4.19 15.46
C ARG A 63 -6.81 2.70 15.36
N LEU A 64 -6.70 2.20 14.16
CA LEU A 64 -6.93 0.79 13.91
C LEU A 64 -5.69 -0.02 14.25
N TYR A 65 -4.60 0.68 14.52
CA TYR A 65 -3.38 0.03 14.88
C TYR A 65 -3.30 -0.10 16.39
N ASP A 66 -2.38 -0.90 16.84
CA ASP A 66 -2.27 -1.21 18.25
C ASP A 66 -1.71 -0.05 19.06
N GLU A 67 -2.14 0.01 20.28
CA GLU A 67 -1.73 1.01 21.21
C GLU A 67 -0.30 0.77 21.71
N LYS A 68 0.18 -0.47 21.76
CA LYS A 68 1.53 -0.69 22.25
C LYS A 68 2.47 -0.83 21.08
N GLN A 69 1.95 -1.38 20.01
CA GLN A 69 2.75 -1.59 18.83
C GLN A 69 2.24 -0.83 17.64
N GLN A 70 3.04 0.06 17.14
CA GLN A 70 2.68 0.85 15.98
C GLN A 70 2.69 -0.05 14.75
N HIS A 71 3.67 -0.96 14.70
CA HIS A 71 3.85 -1.88 13.56
C HIS A 71 2.78 -2.98 13.48
N ILE A 72 1.81 -2.93 14.34
CA ILE A 72 0.76 -3.93 14.37
C ILE A 72 -0.57 -3.27 14.18
N VAL A 73 -1.23 -3.61 13.11
CA VAL A 73 -2.53 -3.07 12.85
C VAL A 73 -3.53 -4.16 13.04
N TYR A 74 -4.46 -3.96 13.93
CA TYR A 74 -5.48 -4.94 14.12
C TYR A 74 -6.60 -4.71 13.17
N CYS A 75 -7.13 -3.49 13.16
CA CYS A 75 -8.26 -3.07 12.30
C CYS A 75 -9.45 -4.05 12.36
N SER A 76 -9.57 -4.72 13.49
CA SER A 76 -10.61 -5.69 13.74
C SER A 76 -11.89 -4.93 14.14
N ASN A 77 -11.70 -3.66 14.47
CA ASN A 77 -12.80 -2.75 14.84
C ASN A 77 -13.28 -2.06 13.54
N ASP A 78 -12.86 -2.60 12.42
CA ASP A 78 -13.22 -2.06 11.14
C ASP A 78 -13.40 -3.21 10.16
N LEU A 79 -13.79 -2.92 8.96
CA LEU A 79 -14.02 -3.91 7.94
C LEU A 79 -12.72 -4.10 7.13
N LEU A 80 -11.83 -3.09 7.22
CA LEU A 80 -10.53 -3.03 6.51
C LEU A 80 -9.81 -4.38 6.53
N GLY A 81 -9.44 -4.83 7.72
CA GLY A 81 -8.67 -6.05 7.87
C GLY A 81 -9.37 -7.24 7.30
N ASP A 82 -10.63 -7.38 7.66
CA ASP A 82 -11.48 -8.46 7.20
C ASP A 82 -11.36 -8.63 5.71
N LEU A 83 -11.66 -7.54 4.99
CA LEU A 83 -11.69 -7.43 3.54
C LEU A 83 -10.36 -7.79 2.92
N PHE A 84 -9.30 -7.40 3.60
CA PHE A 84 -7.93 -7.70 3.20
C PHE A 84 -7.66 -9.19 3.30
N GLY A 85 -8.52 -9.85 4.01
CA GLY A 85 -8.46 -11.27 4.18
C GLY A 85 -7.79 -11.61 5.46
N VAL A 86 -7.79 -10.65 6.37
CA VAL A 86 -7.03 -10.83 7.59
C VAL A 86 -7.79 -10.48 8.88
N PRO A 87 -7.33 -11.02 10.02
CA PRO A 87 -7.82 -10.62 11.34
C PRO A 87 -7.17 -9.29 11.74
N SER A 88 -5.92 -9.17 11.36
CA SER A 88 -5.07 -8.04 11.63
C SER A 88 -3.89 -8.14 10.66
N PHE A 89 -3.01 -7.14 10.62
CA PHE A 89 -1.90 -7.20 9.72
C PHE A 89 -0.64 -6.52 10.29
N SER A 90 0.50 -7.04 9.90
CA SER A 90 1.78 -6.55 10.33
C SER A 90 2.39 -5.68 9.21
N VAL A 91 2.63 -4.41 9.49
CA VAL A 91 3.10 -3.43 8.49
C VAL A 91 4.47 -3.75 7.88
N LYS A 92 5.31 -4.48 8.58
CA LYS A 92 6.67 -4.76 8.11
C LYS A 92 6.68 -5.86 7.06
N GLU A 93 5.60 -6.58 6.94
CA GLU A 93 5.54 -7.64 5.97
C GLU A 93 5.06 -7.07 4.67
N HIS A 94 5.99 -6.55 3.98
CA HIS A 94 5.78 -5.71 2.78
C HIS A 94 5.14 -6.45 1.65
N ARG A 95 5.53 -7.69 1.46
CA ARG A 95 4.97 -8.52 0.41
C ARG A 95 3.50 -8.80 0.69
N LYS A 96 3.16 -8.88 1.96
CA LYS A 96 1.80 -9.09 2.38
C LYS A 96 1.00 -7.82 2.28
N ILE A 97 1.65 -6.69 2.56
CA ILE A 97 1.02 -5.39 2.40
C ILE A 97 0.55 -5.25 0.98
N TYR A 98 1.48 -5.48 0.06
CA TYR A 98 1.21 -5.45 -1.37
C TYR A 98 0.05 -6.34 -1.76
N THR A 99 0.11 -7.57 -1.36
CA THR A 99 -0.89 -8.54 -1.74
C THR A 99 -2.27 -8.31 -1.12
N MET A 100 -2.31 -7.72 0.06
CA MET A 100 -3.60 -7.40 0.70
C MET A 100 -4.28 -6.27 -0.03
N ILE A 101 -3.48 -5.37 -0.57
CA ILE A 101 -3.97 -4.23 -1.31
C ILE A 101 -4.32 -4.68 -2.72
N TYR A 102 -3.46 -5.51 -3.26
CA TYR A 102 -3.61 -6.08 -4.57
C TYR A 102 -4.89 -6.93 -4.69
N ARG A 103 -5.26 -7.60 -3.61
CA ARG A 103 -6.54 -8.33 -3.55
C ARG A 103 -7.72 -7.35 -3.54
N ASN A 104 -7.48 -6.17 -3.04
CA ASN A 104 -8.53 -5.18 -2.89
C ASN A 104 -8.53 -4.14 -3.96
N LEU A 105 -7.69 -4.28 -4.90
CA LEU A 105 -7.72 -3.45 -6.04
C LEU A 105 -8.28 -4.26 -7.18
N VAL A 106 -8.67 -3.62 -8.23
CA VAL A 106 -9.26 -4.32 -9.31
C VAL A 106 -8.22 -4.52 -10.37
N VAL A 107 -7.80 -5.75 -10.51
CA VAL A 107 -6.82 -6.12 -11.47
C VAL A 107 -7.57 -6.51 -12.71
N ASP B 1 15.52 -0.36 20.44
CA ASP B 1 14.68 -1.10 19.48
C ASP B 1 14.30 -0.20 18.30
N GLY B 2 14.84 0.99 18.27
CA GLY B 2 14.53 1.93 17.21
C GLY B 2 13.18 2.57 17.40
N GLY B 3 12.14 1.78 17.25
CA GLY B 3 10.80 2.24 17.41
C GLY B 3 10.35 3.15 16.30
N THR B 4 10.37 2.64 15.09
CA THR B 4 9.93 3.37 13.93
C THR B 4 8.44 3.75 14.08
N THR B 5 8.12 4.99 13.82
CA THR B 5 6.76 5.44 13.97
C THR B 5 5.93 5.07 12.73
N PHE B 6 4.66 4.69 12.96
CA PHE B 6 3.72 4.21 11.93
C PHE B 6 3.68 5.12 10.70
N GLU B 7 3.49 6.41 10.97
CA GLU B 7 3.43 7.48 9.96
C GLU B 7 4.59 7.37 8.95
N HIS B 8 5.75 7.03 9.44
CA HIS B 8 6.92 7.00 8.61
C HIS B 8 7.11 5.67 7.98
N LEU B 9 7.11 4.63 8.82
CA LEU B 9 7.43 3.28 8.39
C LEU B 9 6.50 2.75 7.29
N TRP B 10 5.26 3.16 7.35
CA TRP B 10 4.25 2.68 6.44
C TRP B 10 4.37 3.39 5.10
N SER B 11 4.75 4.63 5.15
CA SER B 11 4.86 5.43 3.96
C SER B 11 6.25 5.22 3.30
N SER B 12 7.07 4.44 3.96
CA SER B 12 8.45 4.19 3.58
C SER B 12 8.69 2.72 3.29
N LEU B 13 7.65 1.97 2.98
CA LEU B 13 7.84 0.53 2.92
C LEU B 13 8.11 0.05 1.51
N GLU B 14 8.17 0.98 0.60
CA GLU B 14 8.36 0.65 -0.78
C GLU B 14 9.88 0.42 -1.05
N PRO B 15 10.21 -0.39 -2.06
CA PRO B 15 11.59 -0.64 -2.47
C PRO B 15 12.19 0.53 -3.23
N ASP B 16 11.38 1.14 -4.05
CA ASP B 16 11.81 2.18 -4.95
C ASP B 16 10.67 3.08 -5.28
N ASN A 1 35.24 4.82 -17.18
CA ASN A 1 35.20 6.21 -16.67
C ASN A 1 34.25 7.07 -17.52
N THR A 2 34.77 7.59 -18.62
CA THR A 2 34.02 8.48 -19.47
C THR A 2 33.23 7.69 -20.51
N ASN A 3 33.91 6.80 -21.23
CA ASN A 3 33.25 5.99 -22.25
C ASN A 3 32.58 4.82 -21.57
N MET A 4 31.37 5.04 -21.11
CA MET A 4 30.62 4.01 -20.41
C MET A 4 30.13 2.97 -21.38
N SER A 5 30.40 1.74 -21.08
CA SER A 5 30.02 0.64 -21.91
C SER A 5 28.53 0.35 -21.74
N VAL A 6 27.77 0.84 -22.66
CA VAL A 6 26.35 0.62 -22.67
C VAL A 6 26.03 -0.66 -23.44
N PRO A 7 24.87 -1.29 -23.17
CA PRO A 7 24.44 -2.50 -23.89
C PRO A 7 24.41 -2.29 -25.40
N THR A 8 24.82 -3.28 -26.13
CA THR A 8 24.86 -3.17 -27.57
C THR A 8 24.39 -4.47 -28.21
N ASP A 9 23.14 -4.48 -28.60
CA ASP A 9 22.55 -5.63 -29.24
C ASP A 9 21.60 -5.15 -30.31
N GLY A 10 21.40 -5.95 -31.30
CA GLY A 10 20.49 -5.66 -32.34
C GLY A 10 19.99 -6.93 -32.97
N ALA A 11 19.65 -7.88 -32.13
CA ALA A 11 19.16 -9.16 -32.61
C ALA A 11 17.74 -8.99 -33.12
N VAL A 12 17.39 -9.72 -34.16
CA VAL A 12 16.05 -9.64 -34.74
C VAL A 12 14.98 -10.09 -33.76
N THR A 13 15.31 -11.05 -32.94
CA THR A 13 14.45 -11.46 -31.89
C THR A 13 14.76 -10.65 -30.63
N THR A 14 14.02 -9.59 -30.45
CA THR A 14 14.25 -8.70 -29.34
C THR A 14 13.61 -9.25 -28.06
N SER A 15 14.41 -9.92 -27.28
CA SER A 15 13.96 -10.49 -26.03
C SER A 15 14.40 -9.60 -24.86
N GLN A 16 15.53 -8.91 -25.04
CA GLN A 16 16.07 -8.04 -24.00
C GLN A 16 15.28 -6.75 -23.90
N ILE A 17 14.19 -6.83 -23.21
CA ILE A 17 13.35 -5.70 -22.96
C ILE A 17 13.36 -5.46 -21.46
N PRO A 18 13.70 -4.24 -21.04
CA PRO A 18 13.84 -3.91 -19.63
C PRO A 18 12.51 -3.89 -18.89
N ALA A 19 12.44 -4.67 -17.85
CA ALA A 19 11.26 -4.70 -17.03
C ALA A 19 11.36 -3.62 -15.99
N SER A 20 11.23 -2.41 -16.45
CA SER A 20 11.28 -1.26 -15.61
C SER A 20 9.95 -1.11 -14.91
N GLU A 21 9.97 -1.11 -13.60
CA GLU A 21 8.76 -0.95 -12.84
C GLU A 21 8.25 0.44 -13.01
N GLN A 22 7.06 0.54 -13.50
CA GLN A 22 6.44 1.81 -13.69
C GLN A 22 5.55 2.07 -12.51
N GLU A 23 5.24 3.33 -12.30
CA GLU A 23 4.29 3.71 -11.29
C GLU A 23 2.95 3.14 -11.67
N THR A 24 2.55 2.14 -10.96
CA THR A 24 1.42 1.36 -11.32
C THR A 24 0.16 1.86 -10.65
N LEU A 25 -0.77 2.30 -11.47
CA LEU A 25 -2.04 2.74 -10.99
C LEU A 25 -2.93 1.53 -10.80
N VAL A 26 -3.49 1.45 -9.65
CA VAL A 26 -4.33 0.33 -9.29
C VAL A 26 -5.80 0.68 -9.43
N ARG A 27 -6.62 -0.34 -9.59
CA ARG A 27 -8.06 -0.19 -9.69
C ARG A 27 -8.74 -0.60 -8.40
N PRO A 28 -9.02 0.35 -7.52
CA PRO A 28 -9.57 0.06 -6.22
C PRO A 28 -11.08 -0.16 -6.22
N LYS A 29 -11.52 -1.06 -5.40
CA LYS A 29 -12.92 -1.27 -5.17
C LYS A 29 -13.47 -0.16 -4.29
N PRO A 30 -14.82 0.08 -4.30
CA PRO A 30 -15.49 1.16 -3.53
C PRO A 30 -15.05 1.23 -2.08
N LEU A 31 -14.77 0.08 -1.51
CA LEU A 31 -14.35 -0.01 -0.13
C LEU A 31 -13.01 0.72 0.11
N LEU A 32 -12.07 0.52 -0.80
CA LEU A 32 -10.80 1.19 -0.71
C LEU A 32 -10.98 2.62 -1.12
N LEU A 33 -11.67 2.79 -2.22
CA LEU A 33 -11.97 4.10 -2.81
C LEU A 33 -12.63 5.02 -1.75
N LYS A 34 -13.55 4.48 -0.95
CA LYS A 34 -14.22 5.26 0.07
C LYS A 34 -13.27 5.65 1.18
N LEU A 35 -12.31 4.77 1.50
CA LEU A 35 -11.38 5.09 2.57
C LEU A 35 -10.40 6.14 2.06
N LEU A 36 -9.99 5.93 0.81
CA LEU A 36 -9.09 6.82 0.09
C LEU A 36 -9.65 8.24 0.03
N LYS A 37 -10.86 8.39 -0.45
CA LYS A 37 -11.42 9.70 -0.65
C LYS A 37 -11.84 10.35 0.65
N SER A 38 -12.05 9.55 1.69
CA SER A 38 -12.38 10.09 2.98
C SER A 38 -11.17 10.77 3.61
N VAL A 39 -9.98 10.27 3.29
CA VAL A 39 -8.77 10.82 3.86
C VAL A 39 -8.10 11.83 2.92
N GLY A 40 -8.82 12.26 1.91
CA GLY A 40 -8.34 13.34 1.10
C GLY A 40 -7.86 12.97 -0.28
N ALA A 41 -8.15 11.77 -0.76
CA ALA A 41 -7.73 11.39 -2.10
C ALA A 41 -8.72 11.93 -3.11
N GLN A 42 -8.23 12.58 -4.14
CA GLN A 42 -9.08 13.16 -5.17
C GLN A 42 -9.02 12.33 -6.45
N LYS A 43 -8.12 11.40 -6.49
CA LYS A 43 -7.95 10.57 -7.66
C LYS A 43 -8.88 9.40 -7.63
N ASP A 44 -8.95 8.72 -8.75
CA ASP A 44 -9.67 7.48 -8.85
C ASP A 44 -8.68 6.37 -9.13
N THR A 45 -7.42 6.76 -9.30
CA THR A 45 -6.36 5.81 -9.51
C THR A 45 -5.22 6.17 -8.64
N TYR A 46 -4.58 5.20 -8.10
CA TYR A 46 -3.53 5.46 -7.15
C TYR A 46 -2.41 4.49 -7.42
N THR A 47 -1.20 4.88 -7.14
CA THR A 47 -0.11 3.96 -7.20
C THR A 47 -0.04 3.26 -5.86
N MET A 48 0.73 2.18 -5.77
CA MET A 48 0.88 1.45 -4.48
C MET A 48 1.40 2.37 -3.38
N LYS A 49 2.20 3.33 -3.79
CA LYS A 49 2.80 4.28 -2.88
C LYS A 49 1.76 5.27 -2.35
N GLU A 50 0.80 5.61 -3.19
CA GLU A 50 -0.26 6.53 -2.80
C GLU A 50 -1.21 5.85 -1.84
N VAL A 51 -1.31 4.54 -1.97
CA VAL A 51 -2.09 3.76 -1.05
C VAL A 51 -1.42 3.81 0.30
N LEU A 52 -0.11 3.65 0.33
CA LEU A 52 0.65 3.79 1.58
C LEU A 52 0.34 5.13 2.23
N PHE A 53 0.27 6.16 1.42
CA PHE A 53 -0.01 7.46 1.96
C PHE A 53 -1.44 7.56 2.47
N TYR A 54 -2.42 7.34 1.63
CA TYR A 54 -3.82 7.50 2.03
C TYR A 54 -4.35 6.40 2.93
N LEU A 55 -4.00 5.15 2.65
CA LEU A 55 -4.50 4.05 3.47
C LEU A 55 -3.89 4.20 4.87
N GLY A 56 -2.66 4.70 4.88
CA GLY A 56 -1.96 4.96 6.11
C GLY A 56 -2.66 5.99 6.96
N GLN A 57 -3.17 7.04 6.30
CA GLN A 57 -3.90 8.11 6.99
C GLN A 57 -5.07 7.50 7.72
N TYR A 58 -5.82 6.72 6.97
CA TYR A 58 -7.04 6.06 7.42
C TYR A 58 -6.80 5.22 8.69
N ILE A 59 -5.78 4.41 8.68
CA ILE A 59 -5.48 3.53 9.80
C ILE A 59 -4.99 4.34 10.98
N MET A 60 -4.14 5.29 10.70
CA MET A 60 -3.49 6.08 11.69
C MET A 60 -4.43 7.07 12.37
N THR A 61 -5.27 7.71 11.59
CA THR A 61 -6.18 8.73 12.09
C THR A 61 -7.26 8.10 13.00
N LYS A 62 -7.61 6.87 12.70
CA LYS A 62 -8.60 6.14 13.46
C LYS A 62 -7.95 5.46 14.63
N ARG A 63 -6.63 5.32 14.54
CA ARG A 63 -5.83 4.61 15.54
C ARG A 63 -6.22 3.14 15.54
N LEU A 64 -6.35 2.60 14.34
CA LEU A 64 -6.70 1.20 14.14
C LEU A 64 -5.48 0.33 14.38
N TYR A 65 -4.34 0.97 14.47
CA TYR A 65 -3.13 0.28 14.78
C TYR A 65 -2.95 0.32 16.27
N ASP A 66 -2.05 -0.45 16.78
CA ASP A 66 -1.89 -0.51 18.21
C ASP A 66 -1.08 0.64 18.75
N GLU A 67 -1.52 1.18 19.82
CA GLU A 67 -0.85 2.30 20.45
C GLU A 67 0.46 1.90 21.10
N LYS A 68 0.64 0.63 21.43
CA LYS A 68 1.87 0.22 22.06
C LYS A 68 2.78 -0.34 20.98
N GLN A 69 2.17 -0.94 19.98
CA GLN A 69 2.91 -1.49 18.87
C GLN A 69 2.45 -0.92 17.55
N GLN A 70 3.25 -0.01 17.05
CA GLN A 70 2.95 0.69 15.81
C GLN A 70 2.97 -0.23 14.60
N HIS A 71 3.86 -1.21 14.62
CA HIS A 71 3.95 -2.19 13.53
C HIS A 71 2.77 -3.18 13.53
N ILE A 72 1.95 -3.10 14.54
CA ILE A 72 0.82 -3.99 14.68
C ILE A 72 -0.45 -3.24 14.42
N VAL A 73 -1.12 -3.61 13.37
CA VAL A 73 -2.36 -3.02 13.07
C VAL A 73 -3.45 -4.00 13.35
N TYR A 74 -4.34 -3.67 14.22
CA TYR A 74 -5.43 -4.54 14.51
C TYR A 74 -6.52 -4.34 13.50
N CYS A 75 -7.08 -3.13 13.46
CA CYS A 75 -8.17 -2.73 12.52
C CYS A 75 -9.32 -3.75 12.48
N SER A 76 -9.49 -4.42 13.59
CA SER A 76 -10.48 -5.47 13.76
C SER A 76 -11.87 -4.89 13.71
N ASN A 77 -11.97 -3.65 14.14
CA ASN A 77 -13.24 -2.95 14.19
C ASN A 77 -13.45 -2.14 12.93
N ASP A 78 -12.72 -2.44 11.89
CA ASP A 78 -12.88 -1.73 10.65
C ASP A 78 -12.87 -2.72 9.49
N LEU A 79 -13.06 -2.22 8.30
CA LEU A 79 -13.26 -3.01 7.14
C LEU A 79 -11.94 -3.31 6.42
N LEU A 80 -10.98 -2.39 6.45
CA LEU A 80 -9.75 -2.55 5.64
C LEU A 80 -8.97 -3.85 5.95
N GLY A 81 -8.77 -4.15 7.23
CA GLY A 81 -8.03 -5.33 7.60
C GLY A 81 -8.86 -6.56 7.40
N ASP A 82 -10.14 -6.40 7.71
CA ASP A 82 -11.13 -7.46 7.54
C ASP A 82 -11.04 -7.96 6.12
N LEU A 83 -11.15 -6.99 5.19
CA LEU A 83 -11.14 -7.15 3.75
C LEU A 83 -9.85 -7.76 3.25
N PHE A 84 -8.74 -7.42 3.90
CA PHE A 84 -7.45 -8.04 3.62
C PHE A 84 -7.52 -9.53 3.88
N GLY A 85 -8.48 -9.90 4.68
CA GLY A 85 -8.71 -11.29 4.99
C GLY A 85 -8.09 -11.62 6.28
N VAL A 86 -7.93 -10.61 7.11
CA VAL A 86 -7.24 -10.79 8.38
C VAL A 86 -7.96 -10.11 9.54
N PRO A 87 -7.75 -10.60 10.79
CA PRO A 87 -8.30 -9.97 11.98
C PRO A 87 -7.43 -8.79 12.43
N SER A 88 -6.16 -8.88 12.11
CA SER A 88 -5.13 -7.91 12.41
C SER A 88 -4.02 -8.18 11.42
N PHE A 89 -3.13 -7.24 11.20
CA PHE A 89 -2.09 -7.45 10.23
C PHE A 89 -0.79 -6.76 10.67
N SER A 90 0.30 -7.28 10.17
CA SER A 90 1.61 -6.77 10.48
C SER A 90 2.18 -6.00 9.28
N VAL A 91 2.56 -4.77 9.51
CA VAL A 91 3.08 -3.91 8.44
C VAL A 91 4.43 -4.37 7.84
N LYS A 92 5.26 -5.06 8.63
CA LYS A 92 6.58 -5.45 8.14
C LYS A 92 6.56 -6.54 7.08
N GLU A 93 5.44 -7.22 6.92
CA GLU A 93 5.36 -8.17 5.84
C GLU A 93 4.88 -7.48 4.59
N HIS A 94 5.85 -6.88 3.97
CA HIS A 94 5.65 -5.92 2.85
C HIS A 94 5.05 -6.56 1.64
N ARG A 95 5.49 -7.76 1.33
CA ARG A 95 5.00 -8.45 0.16
C ARG A 95 3.54 -8.82 0.35
N LYS A 96 3.17 -9.06 1.59
CA LYS A 96 1.81 -9.39 1.94
C LYS A 96 0.98 -8.14 1.91
N ILE A 97 1.59 -7.01 2.26
CA ILE A 97 0.91 -5.74 2.20
C ILE A 97 0.45 -5.51 0.77
N TYR A 98 1.38 -5.68 -0.16
CA TYR A 98 1.09 -5.50 -1.58
C TYR A 98 -0.03 -6.41 -2.01
N THR A 99 0.08 -7.68 -1.66
CA THR A 99 -0.88 -8.67 -2.10
C THR A 99 -2.27 -8.50 -1.46
N MET A 100 -2.30 -8.07 -0.21
CA MET A 100 -3.59 -7.85 0.48
C MET A 100 -4.35 -6.69 -0.15
N ILE A 101 -3.62 -5.75 -0.69
CA ILE A 101 -4.21 -4.60 -1.35
C ILE A 101 -4.55 -5.01 -2.77
N TYR A 102 -3.61 -5.71 -3.41
CA TYR A 102 -3.74 -6.21 -4.76
C TYR A 102 -4.94 -7.15 -4.92
N ARG A 103 -5.24 -7.88 -3.87
CA ARG A 103 -6.41 -8.76 -3.78
C ARG A 103 -7.70 -7.99 -4.01
N ASN A 104 -7.67 -6.73 -3.72
CA ASN A 104 -8.86 -5.90 -3.75
C ASN A 104 -8.84 -4.89 -4.89
N LEU A 105 -7.87 -5.01 -5.75
CA LEU A 105 -7.77 -4.13 -6.91
C LEU A 105 -7.59 -4.97 -8.15
N VAL A 106 -7.80 -4.43 -9.32
CA VAL A 106 -7.59 -5.24 -10.49
C VAL A 106 -6.40 -4.82 -11.32
N VAL A 107 -5.55 -5.78 -11.55
CA VAL A 107 -4.38 -5.68 -12.38
C VAL A 107 -4.23 -7.01 -13.08
N ASP B 1 15.80 4.19 14.38
CA ASP B 1 15.67 2.79 13.91
C ASP B 1 14.91 2.71 12.60
N GLY B 2 14.57 3.86 12.06
CA GLY B 2 13.85 3.94 10.82
C GLY B 2 12.38 3.65 11.00
N GLY B 3 12.05 2.40 10.95
CA GLY B 3 10.68 1.98 11.05
C GLY B 3 10.24 1.84 12.48
N THR B 4 10.17 2.95 13.15
CA THR B 4 9.78 3.00 14.52
C THR B 4 8.26 3.19 14.66
N THR B 5 7.81 4.34 14.24
CA THR B 5 6.43 4.68 14.31
C THR B 5 5.73 4.33 12.99
N PHE B 6 4.43 4.10 13.08
CA PHE B 6 3.59 3.65 11.96
C PHE B 6 3.65 4.64 10.81
N GLU B 7 3.61 5.91 11.16
CA GLU B 7 3.68 7.06 10.26
C GLU B 7 4.88 6.94 9.31
N HIS B 8 5.96 6.36 9.80
CA HIS B 8 7.17 6.24 9.04
C HIS B 8 7.19 4.92 8.30
N LEU B 9 7.01 3.84 9.04
CA LEU B 9 7.20 2.48 8.52
C LEU B 9 6.20 2.06 7.44
N TRP B 10 5.01 2.59 7.49
CA TRP B 10 3.99 2.21 6.55
C TRP B 10 4.17 2.98 5.26
N SER B 11 4.39 4.27 5.40
CA SER B 11 4.56 5.16 4.29
C SER B 11 5.89 4.87 3.54
N SER B 12 6.75 4.09 4.15
CA SER B 12 8.04 3.79 3.62
C SER B 12 8.19 2.30 3.29
N LEU B 13 7.10 1.56 3.15
CA LEU B 13 7.27 0.12 2.94
C LEU B 13 7.40 -0.23 1.47
N GLU B 14 7.51 0.80 0.65
CA GLU B 14 7.71 0.67 -0.78
C GLU B 14 9.13 0.15 -1.05
N PRO B 15 9.37 -0.46 -2.21
CA PRO B 15 10.69 -0.95 -2.55
C PRO B 15 11.67 0.16 -2.91
N ASP B 16 11.33 0.93 -3.92
CA ASP B 16 12.21 1.94 -4.45
C ASP B 16 11.40 2.89 -5.31
N ASN A 1 29.68 -1.77 -15.90
CA ASN A 1 29.07 -1.67 -14.57
C ASN A 1 27.88 -0.75 -14.57
N THR A 2 28.06 0.54 -14.29
CA THR A 2 26.94 1.45 -14.26
C THR A 2 27.23 2.72 -15.06
N ASN A 3 28.06 3.63 -14.51
CA ASN A 3 28.42 4.87 -15.22
C ASN A 3 29.23 4.49 -16.43
N MET A 4 30.11 3.54 -16.23
CA MET A 4 30.76 2.90 -17.33
C MET A 4 29.90 1.72 -17.69
N SER A 5 29.04 1.91 -18.68
CA SER A 5 28.15 0.85 -19.11
C SER A 5 28.96 -0.17 -19.88
N VAL A 6 29.98 0.32 -20.46
CA VAL A 6 30.99 -0.46 -21.12
C VAL A 6 32.32 -0.06 -20.53
N PRO A 7 33.24 -1.01 -20.36
CA PRO A 7 34.53 -0.75 -19.72
C PRO A 7 35.58 -0.20 -20.69
N THR A 8 35.12 0.27 -21.82
CA THR A 8 35.97 0.80 -22.85
C THR A 8 35.22 1.93 -23.55
N ASP A 9 35.78 3.13 -23.52
CA ASP A 9 35.13 4.29 -24.15
C ASP A 9 35.28 4.24 -25.64
N GLY A 10 36.20 3.42 -26.08
CA GLY A 10 36.41 3.20 -27.48
C GLY A 10 35.62 2.02 -27.99
N ALA A 11 34.63 1.63 -27.24
CA ALA A 11 33.74 0.57 -27.64
C ALA A 11 32.37 1.16 -27.84
N VAL A 12 32.05 1.47 -29.07
CA VAL A 12 30.78 2.09 -29.40
C VAL A 12 29.64 1.07 -29.38
N THR A 13 28.81 1.19 -28.41
CA THR A 13 27.75 0.26 -28.19
C THR A 13 26.38 0.95 -28.23
N THR A 14 25.34 0.16 -28.27
CA THR A 14 24.01 0.68 -28.33
C THR A 14 23.35 0.68 -26.94
N SER A 15 23.57 1.74 -26.22
CA SER A 15 22.97 1.92 -24.92
C SER A 15 21.60 2.56 -25.07
N GLN A 16 20.58 1.84 -24.71
CA GLN A 16 19.23 2.33 -24.82
C GLN A 16 18.73 2.65 -23.43
N ILE A 17 17.52 3.13 -23.35
CA ILE A 17 16.88 3.33 -22.09
C ILE A 17 16.32 1.97 -21.66
N PRO A 18 16.57 1.54 -20.41
CA PRO A 18 16.11 0.24 -19.92
C PRO A 18 14.60 0.11 -20.03
N ALA A 19 14.13 -0.99 -20.60
CA ALA A 19 12.72 -1.21 -20.81
C ALA A 19 12.00 -1.33 -19.49
N SER A 20 11.07 -0.47 -19.28
CA SER A 20 10.28 -0.42 -18.10
C SER A 20 9.05 0.38 -18.47
N GLU A 21 8.01 0.25 -17.70
CA GLU A 21 6.78 0.96 -17.96
C GLU A 21 6.53 1.88 -16.79
N GLN A 22 5.77 2.93 -16.99
CA GLN A 22 5.41 3.75 -15.86
C GLN A 22 4.42 2.99 -15.01
N GLU A 23 4.61 3.04 -13.72
CA GLU A 23 3.77 2.31 -12.80
C GLU A 23 2.35 2.89 -12.79
N THR A 24 1.48 2.21 -13.48
CA THR A 24 0.10 2.56 -13.58
C THR A 24 -0.56 2.44 -12.22
N LEU A 25 -1.53 3.28 -11.96
CA LEU A 25 -2.24 3.29 -10.74
C LEU A 25 -3.07 2.03 -10.62
N VAL A 26 -3.46 1.72 -9.43
CA VAL A 26 -4.25 0.56 -9.16
C VAL A 26 -5.71 0.95 -9.01
N ARG A 27 -6.60 0.02 -9.23
CA ARG A 27 -8.03 0.29 -9.16
C ARG A 27 -8.58 -0.19 -7.85
N PRO A 28 -9.05 0.70 -7.01
CA PRO A 28 -9.59 0.33 -5.72
C PRO A 28 -11.06 -0.09 -5.79
N LYS A 29 -11.42 -1.07 -4.97
CA LYS A 29 -12.82 -1.44 -4.78
C LYS A 29 -13.52 -0.27 -4.08
N PRO A 30 -14.89 -0.19 -4.07
CA PRO A 30 -15.64 0.92 -3.43
C PRO A 30 -15.24 1.09 -1.97
N LEU A 31 -14.87 -0.01 -1.34
CA LEU A 31 -14.47 -0.01 0.05
C LEU A 31 -13.14 0.75 0.23
N LEU A 32 -12.21 0.54 -0.68
CA LEU A 32 -10.96 1.25 -0.63
C LEU A 32 -11.19 2.67 -1.05
N LEU A 33 -11.94 2.83 -2.12
CA LEU A 33 -12.26 4.11 -2.69
C LEU A 33 -12.91 5.03 -1.66
N LYS A 34 -13.83 4.48 -0.87
CA LYS A 34 -14.50 5.26 0.17
C LYS A 34 -13.52 5.67 1.25
N LEU A 35 -12.53 4.81 1.56
CA LEU A 35 -11.60 5.15 2.62
C LEU A 35 -10.62 6.20 2.13
N LEU A 36 -10.23 6.08 0.86
CA LEU A 36 -9.30 6.98 0.21
C LEU A 36 -9.86 8.38 0.14
N LYS A 37 -11.04 8.50 -0.40
CA LYS A 37 -11.63 9.79 -0.64
C LYS A 37 -12.04 10.47 0.64
N SER A 38 -12.23 9.67 1.68
CA SER A 38 -12.55 10.23 2.97
C SER A 38 -11.30 10.83 3.62
N VAL A 39 -10.13 10.25 3.34
CA VAL A 39 -8.90 10.73 3.97
C VAL A 39 -8.19 11.78 3.14
N GLY A 40 -8.76 12.14 2.02
CA GLY A 40 -8.21 13.20 1.24
C GLY A 40 -7.59 12.76 -0.06
N ALA A 41 -8.04 11.65 -0.62
CA ALA A 41 -7.56 11.23 -1.92
C ALA A 41 -8.21 12.07 -2.98
N GLN A 42 -7.41 12.90 -3.60
CA GLN A 42 -7.87 13.75 -4.67
C GLN A 42 -7.81 12.98 -5.97
N LYS A 43 -6.97 11.98 -5.97
CA LYS A 43 -6.79 11.14 -7.10
C LYS A 43 -7.65 9.92 -6.91
N ASP A 44 -8.27 9.48 -7.96
CA ASP A 44 -9.13 8.30 -7.91
C ASP A 44 -8.32 7.10 -8.32
N THR A 45 -7.12 7.35 -8.76
CA THR A 45 -6.21 6.33 -9.10
C THR A 45 -4.93 6.61 -8.39
N TYR A 46 -4.31 5.59 -7.90
CA TYR A 46 -3.17 5.77 -7.05
C TYR A 46 -2.22 4.57 -7.14
N THR A 47 -0.95 4.81 -6.94
CA THR A 47 0.06 3.76 -6.95
C THR A 47 0.15 3.12 -5.57
N MET A 48 1.01 2.11 -5.43
CA MET A 48 1.15 1.40 -4.16
C MET A 48 1.66 2.32 -3.05
N LYS A 49 2.56 3.22 -3.42
CA LYS A 49 3.06 4.26 -2.50
C LYS A 49 1.95 5.13 -2.02
N GLU A 50 1.03 5.40 -2.91
CA GLU A 50 -0.08 6.24 -2.61
C GLU A 50 -1.13 5.49 -1.83
N VAL A 51 -1.13 4.16 -1.92
CA VAL A 51 -1.97 3.34 -1.07
C VAL A 51 -1.41 3.48 0.30
N LEU A 52 -0.11 3.30 0.43
CA LEU A 52 0.57 3.48 1.69
C LEU A 52 0.28 4.89 2.25
N PHE A 53 0.22 5.84 1.37
CA PHE A 53 -0.06 7.19 1.77
C PHE A 53 -1.52 7.32 2.27
N TYR A 54 -2.47 7.11 1.38
CA TYR A 54 -3.89 7.29 1.71
C TYR A 54 -4.41 6.25 2.69
N LEU A 55 -4.10 4.99 2.46
CA LEU A 55 -4.60 3.92 3.31
C LEU A 55 -4.01 4.11 4.70
N GLY A 56 -2.78 4.63 4.72
CA GLY A 56 -2.10 4.93 5.95
C GLY A 56 -2.80 6.00 6.73
N GLN A 57 -3.32 7.02 6.02
CA GLN A 57 -4.04 8.12 6.66
C GLN A 57 -5.24 7.54 7.37
N TYR A 58 -5.89 6.59 6.72
CA TYR A 58 -7.10 5.98 7.22
C TYR A 58 -6.83 5.19 8.50
N ILE A 59 -5.72 4.48 8.55
CA ILE A 59 -5.39 3.66 9.70
C ILE A 59 -5.00 4.57 10.85
N MET A 60 -4.31 5.66 10.50
CA MET A 60 -3.87 6.65 11.46
C MET A 60 -5.04 7.40 12.05
N THR A 61 -5.92 7.90 11.20
CA THR A 61 -7.04 8.74 11.63
C THR A 61 -8.07 7.94 12.45
N LYS A 62 -8.18 6.67 12.18
CA LYS A 62 -9.11 5.83 12.90
C LYS A 62 -8.43 5.20 14.09
N ARG A 63 -7.11 5.29 14.10
CA ARG A 63 -6.24 4.74 15.17
C ARG A 63 -6.41 3.24 15.26
N LEU A 64 -6.40 2.59 14.11
CA LEU A 64 -6.66 1.16 14.00
C LEU A 64 -5.43 0.34 14.29
N TYR A 65 -4.32 1.00 14.51
CA TYR A 65 -3.10 0.30 14.79
C TYR A 65 -2.88 0.22 16.28
N ASP A 66 -1.94 -0.57 16.69
CA ASP A 66 -1.67 -0.74 18.10
C ASP A 66 -0.92 0.43 18.65
N GLU A 67 -1.32 0.88 19.79
CA GLU A 67 -0.71 2.01 20.44
C GLU A 67 0.63 1.61 21.07
N LYS A 68 0.81 0.31 21.30
CA LYS A 68 2.04 -0.16 21.93
C LYS A 68 3.02 -0.53 20.83
N GLN A 69 2.47 -0.99 19.73
CA GLN A 69 3.27 -1.43 18.60
C GLN A 69 2.74 -0.80 17.32
N GLN A 70 3.39 0.23 16.83
CA GLN A 70 2.92 0.90 15.61
C GLN A 70 3.05 0.01 14.38
N HIS A 71 3.97 -0.92 14.43
CA HIS A 71 4.14 -1.91 13.34
C HIS A 71 3.00 -2.95 13.31
N ILE A 72 2.13 -2.90 14.29
CA ILE A 72 1.03 -3.84 14.40
C ILE A 72 -0.28 -3.11 14.19
N VAL A 73 -1.05 -3.59 13.25
CA VAL A 73 -2.34 -3.00 13.01
C VAL A 73 -3.39 -4.03 13.27
N TYR A 74 -4.38 -3.69 14.01
CA TYR A 74 -5.45 -4.60 14.25
C TYR A 74 -6.51 -4.39 13.21
N CYS A 75 -7.02 -3.15 13.14
CA CYS A 75 -8.07 -2.72 12.18
C CYS A 75 -9.27 -3.66 12.15
N SER A 76 -9.48 -4.33 13.27
CA SER A 76 -10.53 -5.30 13.44
C SER A 76 -11.85 -4.56 13.63
N ASN A 77 -11.74 -3.36 14.18
CA ASN A 77 -12.87 -2.48 14.43
C ASN A 77 -13.47 -1.98 13.12
N ASP A 78 -12.68 -2.00 12.08
CA ASP A 78 -13.09 -1.48 10.79
C ASP A 78 -13.29 -2.67 9.84
N LEU A 79 -13.59 -2.41 8.61
CA LEU A 79 -13.80 -3.45 7.63
C LEU A 79 -12.45 -3.72 6.92
N LEU A 80 -11.56 -2.71 7.01
CA LEU A 80 -10.21 -2.67 6.40
C LEU A 80 -9.50 -4.04 6.49
N GLY A 81 -9.23 -4.47 7.72
CA GLY A 81 -8.47 -5.69 7.94
C GLY A 81 -9.17 -6.90 7.42
N ASP A 82 -10.46 -6.96 7.67
CA ASP A 82 -11.27 -8.08 7.26
C ASP A 82 -11.11 -8.31 5.79
N LEU A 83 -11.25 -7.23 5.03
CA LEU A 83 -11.18 -7.19 3.58
C LEU A 83 -9.79 -7.59 3.06
N PHE A 84 -8.78 -7.30 3.85
CA PHE A 84 -7.42 -7.76 3.55
C PHE A 84 -7.36 -9.28 3.68
N GLY A 85 -8.34 -9.81 4.38
CA GLY A 85 -8.46 -11.23 4.61
C GLY A 85 -7.92 -11.57 5.96
N VAL A 86 -7.86 -10.58 6.80
CA VAL A 86 -7.16 -10.76 8.06
C VAL A 86 -7.93 -10.26 9.29
N PRO A 87 -7.55 -10.75 10.49
CA PRO A 87 -8.07 -10.21 11.75
C PRO A 87 -7.26 -8.97 12.17
N SER A 88 -5.98 -8.99 11.82
CA SER A 88 -5.02 -7.95 12.12
C SER A 88 -3.88 -8.11 11.12
N PHE A 89 -2.99 -7.14 11.00
CA PHE A 89 -1.93 -7.25 10.04
C PHE A 89 -0.66 -6.57 10.54
N SER A 90 0.46 -7.07 10.10
CA SER A 90 1.76 -6.55 10.49
C SER A 90 2.38 -5.83 9.30
N VAL A 91 2.83 -4.61 9.51
CA VAL A 91 3.36 -3.77 8.41
C VAL A 91 4.72 -4.23 7.91
N LYS A 92 5.44 -4.98 8.72
CA LYS A 92 6.75 -5.45 8.32
C LYS A 92 6.68 -6.66 7.39
N GLU A 93 5.50 -7.16 7.13
CA GLU A 93 5.35 -8.20 6.13
C GLU A 93 5.09 -7.54 4.81
N HIS A 94 6.14 -7.12 4.21
CA HIS A 94 6.10 -6.29 2.98
C HIS A 94 5.30 -6.92 1.84
N ARG A 95 5.52 -8.19 1.57
CA ARG A 95 4.84 -8.85 0.47
C ARG A 95 3.39 -9.10 0.82
N LYS A 96 3.11 -9.31 2.09
CA LYS A 96 1.75 -9.54 2.55
C LYS A 96 0.94 -8.28 2.41
N ILE A 97 1.61 -7.14 2.60
CA ILE A 97 0.96 -5.86 2.41
C ILE A 97 0.51 -5.75 0.98
N TYR A 98 1.43 -6.07 0.07
CA TYR A 98 1.15 -5.98 -1.35
C TYR A 98 -0.02 -6.89 -1.73
N THR A 99 0.01 -8.12 -1.26
CA THR A 99 -1.01 -9.07 -1.61
C THR A 99 -2.39 -8.73 -1.02
N MET A 100 -2.39 -8.11 0.17
CA MET A 100 -3.65 -7.71 0.79
C MET A 100 -4.29 -6.56 0.04
N ILE A 101 -3.46 -5.74 -0.56
CA ILE A 101 -3.92 -4.60 -1.33
C ILE A 101 -4.28 -5.08 -2.72
N TYR A 102 -3.43 -5.93 -3.26
CA TYR A 102 -3.60 -6.52 -4.57
C TYR A 102 -4.91 -7.33 -4.64
N ARG A 103 -5.26 -7.97 -3.54
CA ARG A 103 -6.51 -8.72 -3.43
C ARG A 103 -7.71 -7.77 -3.57
N ASN A 104 -7.48 -6.49 -3.34
CA ASN A 104 -8.55 -5.55 -3.34
C ASN A 104 -8.43 -4.48 -4.39
N LEU A 105 -7.48 -4.63 -5.26
CA LEU A 105 -7.37 -3.73 -6.38
C LEU A 105 -7.73 -4.50 -7.64
N VAL A 106 -8.11 -3.80 -8.66
CA VAL A 106 -8.56 -4.45 -9.87
C VAL A 106 -7.52 -4.28 -10.97
N VAL A 107 -7.03 -5.37 -11.49
CA VAL A 107 -6.10 -5.35 -12.61
C VAL A 107 -6.69 -6.05 -13.82
N ASP B 1 11.78 2.85 21.34
CA ASP B 1 12.78 2.29 20.43
C ASP B 1 13.08 3.27 19.31
N GLY B 2 12.39 4.38 19.32
CA GLY B 2 12.52 5.36 18.31
C GLY B 2 11.18 5.99 18.06
N GLY B 3 11.18 7.25 17.78
CA GLY B 3 9.95 7.98 17.54
C GLY B 3 9.50 7.86 16.09
N THR B 4 9.40 6.66 15.61
CA THR B 4 8.99 6.39 14.28
C THR B 4 7.49 6.11 14.24
N THR B 5 6.74 7.01 13.68
CA THR B 5 5.32 6.86 13.63
C THR B 5 4.93 5.84 12.57
N PHE B 6 3.80 5.17 12.80
CA PHE B 6 3.19 4.23 11.87
C PHE B 6 3.19 4.81 10.47
N GLU B 7 2.75 6.05 10.38
CA GLU B 7 2.59 6.76 9.12
C GLU B 7 3.88 6.70 8.29
N HIS B 8 5.03 6.82 8.93
CA HIS B 8 6.28 6.90 8.20
C HIS B 8 6.72 5.54 7.75
N LEU B 9 6.65 4.60 8.66
CA LEU B 9 7.15 3.27 8.42
C LEU B 9 6.27 2.48 7.45
N TRP B 10 5.02 2.88 7.36
CA TRP B 10 4.05 2.30 6.48
C TRP B 10 4.20 2.89 5.09
N SER B 11 4.34 4.21 5.02
CA SER B 11 4.49 4.91 3.75
C SER B 11 5.84 4.61 3.08
N SER B 12 6.70 3.93 3.81
CA SER B 12 8.03 3.66 3.36
C SER B 12 8.28 2.18 3.20
N LEU B 13 7.23 1.35 3.09
CA LEU B 13 7.48 -0.10 3.02
C LEU B 13 7.73 -0.58 1.58
N GLU B 14 7.83 0.37 0.68
CA GLU B 14 8.15 0.11 -0.70
C GLU B 14 9.62 -0.26 -0.85
N PRO B 15 9.91 -1.10 -1.82
CA PRO B 15 11.27 -1.54 -2.12
C PRO B 15 12.09 -0.44 -2.76
N ASP B 16 11.43 0.33 -3.55
CA ASP B 16 12.02 1.35 -4.36
C ASP B 16 10.99 2.39 -4.63
N ASN A 1 27.88 14.88 -25.22
CA ASN A 1 26.49 15.23 -24.94
C ASN A 1 25.57 14.47 -25.88
N THR A 2 24.67 13.71 -25.30
CA THR A 2 23.75 12.89 -26.04
C THR A 2 22.65 13.76 -26.72
N ASN A 3 22.15 14.75 -26.00
CA ASN A 3 21.07 15.57 -26.53
C ASN A 3 21.55 16.88 -27.08
N MET A 4 21.93 16.88 -28.33
CA MET A 4 22.29 18.13 -28.99
C MET A 4 21.02 18.74 -29.49
N SER A 5 20.25 17.93 -30.17
CA SER A 5 18.93 18.30 -30.56
C SER A 5 18.03 17.91 -29.40
N VAL A 6 17.72 18.87 -28.56
CA VAL A 6 16.96 18.62 -27.35
C VAL A 6 15.51 18.29 -27.64
N PRO A 7 14.88 17.43 -26.79
CA PRO A 7 13.46 17.06 -26.90
C PRO A 7 12.56 18.27 -27.03
N THR A 8 12.02 18.44 -28.20
CA THR A 8 11.19 19.56 -28.55
C THR A 8 10.17 19.09 -29.60
N ASP A 9 10.65 19.01 -30.82
CA ASP A 9 9.89 18.51 -31.96
C ASP A 9 10.82 17.77 -32.87
N GLY A 10 12.01 18.33 -33.03
CA GLY A 10 13.00 17.75 -33.92
C GLY A 10 13.92 16.75 -33.26
N ALA A 11 13.49 16.17 -32.17
CA ALA A 11 14.23 15.12 -31.55
C ALA A 11 13.39 13.88 -31.59
N VAL A 12 13.59 13.10 -32.61
CA VAL A 12 12.75 11.95 -32.86
C VAL A 12 13.46 10.65 -32.58
N THR A 13 12.67 9.62 -32.42
CA THR A 13 13.13 8.29 -32.25
C THR A 13 12.28 7.42 -33.18
N THR A 14 12.91 6.76 -34.12
CA THR A 14 12.21 5.99 -35.10
C THR A 14 11.56 4.77 -34.44
N SER A 15 12.29 4.16 -33.54
CA SER A 15 11.74 3.13 -32.74
C SER A 15 11.27 3.79 -31.46
N GLN A 16 9.99 4.10 -31.41
CA GLN A 16 9.40 4.78 -30.31
C GLN A 16 9.26 3.86 -29.12
N ILE A 17 9.67 4.35 -27.98
CA ILE A 17 9.70 3.56 -26.77
C ILE A 17 8.58 4.04 -25.86
N PRO A 18 7.69 3.13 -25.44
CA PRO A 18 6.59 3.46 -24.56
C PRO A 18 7.09 3.82 -23.16
N ALA A 19 6.38 4.68 -22.50
CA ALA A 19 6.73 5.07 -21.17
C ALA A 19 6.21 4.02 -20.21
N SER A 20 7.04 3.04 -19.95
CA SER A 20 6.70 1.99 -19.04
C SER A 20 6.62 2.57 -17.64
N GLU A 21 5.41 2.71 -17.18
CA GLU A 21 5.13 3.29 -15.90
C GLU A 21 5.48 2.31 -14.82
N GLN A 22 6.62 2.54 -14.20
CA GLN A 22 7.06 1.71 -13.11
C GLN A 22 6.11 1.86 -11.95
N GLU A 23 5.68 3.07 -11.74
CA GLU A 23 4.69 3.37 -10.77
C GLU A 23 3.35 3.24 -11.45
N THR A 24 2.79 2.06 -11.38
CA THR A 24 1.58 1.73 -12.07
C THR A 24 0.34 2.07 -11.21
N LEU A 25 -0.64 2.69 -11.83
CA LEU A 25 -1.89 2.99 -11.18
C LEU A 25 -2.75 1.76 -11.10
N VAL A 26 -3.24 1.49 -9.93
CA VAL A 26 -4.11 0.38 -9.69
C VAL A 26 -5.52 0.90 -9.45
N ARG A 27 -6.49 0.06 -9.66
CA ARG A 27 -7.89 0.45 -9.58
C ARG A 27 -8.51 -0.12 -8.31
N PRO A 28 -8.75 0.67 -7.29
CA PRO A 28 -9.30 0.17 -6.03
C PRO A 28 -10.78 -0.23 -6.10
N LYS A 29 -11.11 -1.26 -5.35
CA LYS A 29 -12.49 -1.66 -5.12
C LYS A 29 -13.15 -0.57 -4.24
N PRO A 30 -14.52 -0.49 -4.22
CA PRO A 30 -15.28 0.54 -3.44
C PRO A 30 -14.88 0.62 -1.97
N LEU A 31 -14.38 -0.46 -1.45
CA LEU A 31 -13.97 -0.55 -0.07
C LEU A 31 -12.69 0.28 0.15
N LEU A 32 -11.78 0.24 -0.78
CA LEU A 32 -10.59 1.05 -0.67
C LEU A 32 -10.91 2.47 -1.02
N LEU A 33 -11.83 2.63 -1.95
CA LEU A 33 -12.34 3.94 -2.31
C LEU A 33 -12.96 4.65 -1.12
N LYS A 34 -13.63 3.87 -0.25
CA LYS A 34 -14.25 4.45 0.93
C LYS A 34 -13.16 5.00 1.83
N LEU A 35 -12.05 4.26 1.96
CA LEU A 35 -11.00 4.70 2.86
C LEU A 35 -10.22 5.86 2.26
N LEU A 36 -9.98 5.78 0.96
CA LEU A 36 -9.25 6.79 0.24
C LEU A 36 -9.98 8.12 0.26
N LYS A 37 -11.23 8.10 -0.10
CA LYS A 37 -11.95 9.34 -0.19
C LYS A 37 -12.29 9.91 1.16
N SER A 38 -12.21 9.08 2.19
CA SER A 38 -12.38 9.56 3.54
C SER A 38 -11.17 10.38 3.98
N VAL A 39 -10.01 10.12 3.37
CA VAL A 39 -8.81 10.86 3.75
C VAL A 39 -8.54 12.02 2.81
N GLY A 40 -9.43 12.19 1.86
CA GLY A 40 -9.34 13.30 0.96
C GLY A 40 -8.70 12.95 -0.35
N ALA A 41 -8.90 11.74 -0.82
CA ALA A 41 -8.37 11.34 -2.11
C ALA A 41 -9.22 11.93 -3.21
N GLN A 42 -8.60 12.66 -4.08
CA GLN A 42 -9.31 13.26 -5.19
C GLN A 42 -9.24 12.36 -6.41
N LYS A 43 -8.23 11.52 -6.42
CA LYS A 43 -7.98 10.61 -7.52
C LYS A 43 -8.75 9.32 -7.29
N ASP A 44 -9.08 8.65 -8.37
CA ASP A 44 -9.75 7.37 -8.30
C ASP A 44 -8.74 6.27 -8.52
N THR A 45 -7.52 6.68 -8.80
CA THR A 45 -6.44 5.78 -9.02
C THR A 45 -5.23 6.21 -8.24
N TYR A 46 -4.37 5.28 -7.94
CA TYR A 46 -3.20 5.57 -7.16
C TYR A 46 -2.14 4.55 -7.44
N THR A 47 -0.94 4.84 -7.06
CA THR A 47 0.15 3.94 -7.18
C THR A 47 0.42 3.31 -5.82
N MET A 48 1.36 2.39 -5.79
CA MET A 48 1.76 1.65 -4.57
C MET A 48 2.23 2.65 -3.48
N LYS A 49 2.84 3.73 -3.92
CA LYS A 49 3.34 4.74 -3.01
C LYS A 49 2.22 5.62 -2.49
N GLU A 50 1.32 5.99 -3.37
CA GLU A 50 0.20 6.87 -3.03
C GLU A 50 -0.72 6.21 -2.02
N VAL A 51 -0.93 4.92 -2.18
CA VAL A 51 -1.74 4.20 -1.24
C VAL A 51 -1.10 4.16 0.12
N LEU A 52 0.22 3.99 0.19
CA LEU A 52 0.94 4.07 1.48
C LEU A 52 0.58 5.36 2.21
N PHE A 53 0.62 6.46 1.50
CA PHE A 53 0.31 7.74 2.11
C PHE A 53 -1.16 7.80 2.50
N TYR A 54 -2.03 7.64 1.53
CA TYR A 54 -3.47 7.80 1.71
C TYR A 54 -4.06 6.74 2.65
N LEU A 55 -3.72 5.49 2.44
CA LEU A 55 -4.26 4.38 3.23
C LEU A 55 -3.73 4.54 4.64
N GLY A 56 -2.49 4.99 4.72
CA GLY A 56 -1.84 5.23 5.98
C GLY A 56 -2.56 6.28 6.79
N GLN A 57 -3.10 7.30 6.12
CA GLN A 57 -3.83 8.36 6.79
C GLN A 57 -5.01 7.75 7.52
N TYR A 58 -5.72 6.89 6.79
CA TYR A 58 -6.94 6.26 7.26
C TYR A 58 -6.69 5.41 8.50
N ILE A 59 -5.60 4.67 8.48
CA ILE A 59 -5.27 3.78 9.58
C ILE A 59 -4.91 4.61 10.80
N MET A 60 -4.23 5.71 10.58
CA MET A 60 -3.81 6.56 11.67
C MET A 60 -4.96 7.38 12.24
N THR A 61 -5.74 7.99 11.35
CA THR A 61 -6.80 8.93 11.77
C THR A 61 -7.97 8.22 12.47
N LYS A 62 -8.18 6.98 12.14
CA LYS A 62 -9.24 6.21 12.76
C LYS A 62 -8.70 5.48 13.96
N ARG A 63 -7.37 5.42 14.00
CA ARG A 63 -6.61 4.72 15.02
C ARG A 63 -6.92 3.25 14.95
N LEU A 64 -6.53 2.67 13.87
CA LEU A 64 -6.79 1.27 13.61
C LEU A 64 -5.63 0.42 14.05
N TYR A 65 -4.53 1.03 14.41
CA TYR A 65 -3.38 0.26 14.79
C TYR A 65 -3.23 0.23 16.29
N ASP A 66 -2.27 -0.52 16.77
CA ASP A 66 -2.06 -0.68 18.19
C ASP A 66 -1.27 0.46 18.74
N GLU A 67 -1.65 0.91 19.89
CA GLU A 67 -0.99 1.98 20.54
C GLU A 67 0.29 1.50 21.20
N LYS A 68 0.39 0.20 21.44
CA LYS A 68 1.57 -0.31 22.12
C LYS A 68 2.58 -0.77 21.10
N GLN A 69 2.09 -1.25 19.99
CA GLN A 69 2.93 -1.77 18.93
C GLN A 69 2.61 -1.07 17.63
N GLN A 70 3.57 -0.37 17.09
CA GLN A 70 3.38 0.38 15.86
C GLN A 70 3.28 -0.59 14.67
N HIS A 71 3.99 -1.72 14.78
CA HIS A 71 3.98 -2.74 13.72
C HIS A 71 2.68 -3.55 13.67
N ILE A 72 1.76 -3.30 14.57
CA ILE A 72 0.53 -4.05 14.63
C ILE A 72 -0.64 -3.16 14.28
N VAL A 73 -1.37 -3.55 13.28
CA VAL A 73 -2.55 -2.84 12.91
C VAL A 73 -3.73 -3.75 13.09
N TYR A 74 -4.65 -3.36 13.91
CA TYR A 74 -5.81 -4.17 14.15
C TYR A 74 -6.80 -4.02 13.03
N CYS A 75 -7.29 -2.78 12.85
CA CYS A 75 -8.30 -2.41 11.83
C CYS A 75 -9.50 -3.36 11.82
N SER A 76 -9.83 -3.82 13.00
CA SER A 76 -10.89 -4.79 13.22
C SER A 76 -12.22 -4.06 13.23
N ASN A 77 -12.16 -2.80 13.63
CA ASN A 77 -13.33 -1.95 13.71
C ASN A 77 -13.79 -1.57 12.32
N ASP A 78 -12.86 -1.60 11.39
CA ASP A 78 -13.15 -1.22 10.04
C ASP A 78 -13.22 -2.49 9.19
N LEU A 79 -13.36 -2.34 7.93
CA LEU A 79 -13.50 -3.44 7.03
C LEU A 79 -12.10 -3.84 6.50
N LEU A 80 -11.16 -2.90 6.58
CA LEU A 80 -9.78 -3.04 6.07
C LEU A 80 -9.12 -4.39 6.40
N GLY A 81 -8.92 -4.67 7.68
CA GLY A 81 -8.26 -5.90 8.09
C GLY A 81 -9.07 -7.09 7.75
N ASP A 82 -10.37 -6.97 7.98
CA ASP A 82 -11.33 -8.04 7.73
C ASP A 82 -11.16 -8.52 6.30
N LEU A 83 -11.15 -7.55 5.38
CA LEU A 83 -11.06 -7.70 3.94
C LEU A 83 -9.86 -8.51 3.50
N PHE A 84 -8.72 -8.26 4.13
CA PHE A 84 -7.49 -9.04 3.85
C PHE A 84 -7.71 -10.47 4.28
N GLY A 85 -8.62 -10.60 5.16
CA GLY A 85 -9.02 -11.87 5.69
C GLY A 85 -8.40 -12.09 7.01
N VAL A 86 -8.27 -11.01 7.75
CA VAL A 86 -7.58 -11.07 9.04
C VAL A 86 -8.28 -10.25 10.12
N PRO A 87 -8.04 -10.53 11.41
CA PRO A 87 -8.55 -9.72 12.50
C PRO A 87 -7.62 -8.55 12.81
N SER A 88 -6.36 -8.70 12.41
CA SER A 88 -5.30 -7.73 12.61
C SER A 88 -4.18 -8.09 11.63
N PHE A 89 -3.37 -7.13 11.24
CA PHE A 89 -2.29 -7.39 10.32
C PHE A 89 -1.01 -6.72 10.82
N SER A 90 0.12 -7.17 10.35
CA SER A 90 1.35 -6.58 10.73
C SER A 90 2.05 -6.01 9.52
N VAL A 91 2.53 -4.80 9.67
CA VAL A 91 3.22 -4.05 8.63
C VAL A 91 4.55 -4.69 8.21
N LYS A 92 5.06 -5.56 9.05
CA LYS A 92 6.34 -6.20 8.83
C LYS A 92 6.29 -7.22 7.70
N GLU A 93 5.11 -7.61 7.33
CA GLU A 93 4.96 -8.44 6.19
C GLU A 93 4.72 -7.51 5.02
N HIS A 94 5.78 -7.13 4.42
CA HIS A 94 5.79 -6.09 3.39
C HIS A 94 5.07 -6.54 2.14
N ARG A 95 5.24 -7.79 1.78
CA ARG A 95 4.58 -8.32 0.61
C ARG A 95 3.09 -8.48 0.85
N LYS A 96 2.73 -8.70 2.11
CA LYS A 96 1.33 -8.81 2.51
C LYS A 96 0.63 -7.49 2.35
N ILE A 97 1.39 -6.41 2.43
CA ILE A 97 0.84 -5.10 2.24
C ILE A 97 0.51 -4.94 0.77
N TYR A 98 1.44 -5.36 -0.07
CA TYR A 98 1.29 -5.28 -1.51
C TYR A 98 0.11 -6.11 -1.97
N THR A 99 0.03 -7.32 -1.46
CA THR A 99 -0.99 -8.26 -1.85
C THR A 99 -2.37 -7.89 -1.29
N MET A 100 -2.37 -7.18 -0.19
CA MET A 100 -3.59 -6.68 0.46
C MET A 100 -4.24 -5.68 -0.46
N ILE A 101 -3.40 -4.86 -1.04
CA ILE A 101 -3.81 -3.82 -1.93
C ILE A 101 -4.10 -4.42 -3.32
N TYR A 102 -3.23 -5.35 -3.73
CA TYR A 102 -3.40 -6.06 -5.00
C TYR A 102 -4.71 -6.84 -5.06
N ARG A 103 -5.11 -7.40 -3.93
CA ARG A 103 -6.36 -8.16 -3.83
C ARG A 103 -7.56 -7.23 -3.97
N ASN A 104 -7.32 -5.96 -3.77
CA ASN A 104 -8.38 -5.00 -3.82
C ASN A 104 -8.28 -4.05 -4.98
N LEU A 105 -7.37 -4.32 -5.87
CA LEU A 105 -7.34 -3.57 -7.10
C LEU A 105 -8.07 -4.38 -8.14
N VAL A 106 -8.54 -3.75 -9.16
CA VAL A 106 -9.25 -4.48 -10.17
C VAL A 106 -8.46 -4.54 -11.44
N VAL A 107 -8.39 -5.70 -11.97
CA VAL A 107 -7.69 -5.97 -13.17
C VAL A 107 -8.65 -6.17 -14.32
N ASP B 1 15.09 3.55 18.39
CA ASP B 1 14.84 2.30 17.64
C ASP B 1 15.00 2.52 16.15
N GLY B 2 15.37 3.73 15.79
CA GLY B 2 15.59 4.08 14.41
C GLY B 2 14.33 4.46 13.69
N GLY B 3 13.42 5.08 14.40
CA GLY B 3 12.18 5.54 13.80
C GLY B 3 11.32 4.41 13.28
N THR B 4 11.07 3.43 14.12
CA THR B 4 10.26 2.28 13.75
C THR B 4 8.80 2.50 14.07
N THR B 5 8.42 3.73 14.07
CA THR B 5 7.08 4.13 14.32
C THR B 5 6.25 3.93 13.02
N PHE B 6 4.94 3.74 13.17
CA PHE B 6 4.03 3.44 12.07
C PHE B 6 4.10 4.51 10.98
N GLU B 7 4.19 5.75 11.42
CA GLU B 7 4.28 6.92 10.55
C GLU B 7 5.43 6.77 9.54
N HIS B 8 6.51 6.13 9.94
CA HIS B 8 7.67 6.02 9.08
C HIS B 8 7.60 4.76 8.26
N LEU B 9 7.49 3.63 8.93
CA LEU B 9 7.63 2.34 8.30
C LEU B 9 6.54 1.99 7.27
N TRP B 10 5.39 2.60 7.40
CA TRP B 10 4.30 2.34 6.48
C TRP B 10 4.49 3.17 5.23
N SER B 11 4.84 4.41 5.43
CA SER B 11 4.99 5.35 4.35
C SER B 11 6.25 5.05 3.53
N SER B 12 7.13 4.26 4.09
CA SER B 12 8.39 3.98 3.49
C SER B 12 8.56 2.52 3.12
N LEU B 13 7.46 1.76 3.01
CA LEU B 13 7.62 0.33 2.72
C LEU B 13 7.47 0.06 1.22
N GLU B 14 7.62 1.12 0.46
CA GLU B 14 7.48 1.13 -0.97
C GLU B 14 8.62 0.34 -1.66
N PRO B 15 8.39 -0.12 -2.91
CA PRO B 15 9.39 -0.84 -3.66
C PRO B 15 10.47 0.07 -4.24
N ASP B 16 10.11 0.88 -5.20
CA ASP B 16 11.04 1.75 -5.87
C ASP B 16 10.30 2.89 -6.49
N ASN A 1 -3.65 18.84 28.15
CA ASN A 1 -3.67 20.15 28.81
C ASN A 1 -2.25 20.67 28.98
N THR A 2 -1.38 19.87 29.55
CA THR A 2 -0.01 20.22 29.73
C THR A 2 0.74 20.04 28.41
N ASN A 3 1.20 21.16 27.84
CA ASN A 3 1.83 21.21 26.51
C ASN A 3 0.76 21.03 25.46
N MET A 4 0.28 22.14 24.95
CA MET A 4 -0.80 22.12 23.97
C MET A 4 -0.32 21.59 22.65
N SER A 5 0.51 22.37 21.98
CA SER A 5 0.99 21.99 20.69
C SER A 5 2.19 21.05 20.81
N VAL A 6 1.88 19.78 20.90
CA VAL A 6 2.89 18.75 20.96
C VAL A 6 3.14 18.19 19.58
N PRO A 7 4.36 17.72 19.31
CA PRO A 7 4.71 17.08 18.05
C PRO A 7 3.78 15.90 17.76
N THR A 8 2.82 16.13 16.91
CA THR A 8 1.87 15.10 16.56
C THR A 8 2.23 14.56 15.20
N ASP A 9 2.65 15.43 14.32
CA ASP A 9 3.09 15.07 12.99
C ASP A 9 4.62 15.00 13.03
N GLY A 10 5.24 14.62 11.97
CA GLY A 10 6.67 14.51 11.97
C GLY A 10 7.21 14.52 10.57
N ALA A 11 7.54 13.35 10.07
CA ALA A 11 8.08 13.21 8.76
C ALA A 11 7.66 11.90 8.13
N VAL A 12 6.74 11.96 7.20
CA VAL A 12 6.37 10.79 6.45
C VAL A 12 7.27 10.71 5.24
N THR A 13 8.13 9.73 5.24
CA THR A 13 9.09 9.57 4.20
C THR A 13 8.49 9.36 2.82
N THR A 14 8.53 10.41 2.05
CA THR A 14 8.07 10.43 0.72
C THR A 14 9.29 10.55 -0.19
N SER A 15 9.77 9.44 -0.63
CA SER A 15 10.92 9.38 -1.51
C SER A 15 10.42 9.05 -2.90
N GLN A 16 10.60 9.96 -3.83
CA GLN A 16 10.10 9.78 -5.21
C GLN A 16 10.71 8.54 -5.85
N ILE A 17 9.83 7.67 -6.35
CA ILE A 17 10.22 6.44 -7.04
C ILE A 17 11.17 6.82 -8.18
N PRO A 18 12.36 6.19 -8.24
CA PRO A 18 13.36 6.51 -9.24
C PRO A 18 12.84 6.36 -10.67
N ALA A 19 12.85 7.46 -11.39
CA ALA A 19 12.38 7.57 -12.76
C ALA A 19 10.93 7.16 -12.90
N SER A 20 10.06 8.02 -12.46
CA SER A 20 8.65 7.75 -12.55
C SER A 20 8.07 8.45 -13.76
N GLU A 21 8.14 7.79 -14.86
CA GLU A 21 7.56 8.26 -16.08
C GLU A 21 6.21 7.60 -16.21
N GLN A 22 6.20 6.41 -15.72
CA GLN A 22 5.03 5.58 -15.63
C GLN A 22 4.81 5.24 -14.19
N GLU A 23 3.83 5.87 -13.60
CA GLU A 23 3.48 5.54 -12.24
C GLU A 23 2.43 4.45 -12.30
N THR A 24 2.72 3.33 -11.67
CA THR A 24 1.83 2.19 -11.67
C THR A 24 0.58 2.48 -10.87
N LEU A 25 -0.50 2.66 -11.56
CA LEU A 25 -1.74 3.01 -10.93
C LEU A 25 -2.59 1.79 -10.74
N VAL A 26 -3.14 1.65 -9.58
CA VAL A 26 -4.00 0.55 -9.25
C VAL A 26 -5.43 1.01 -9.35
N ARG A 27 -6.31 0.07 -9.63
CA ARG A 27 -7.73 0.35 -9.67
C ARG A 27 -8.31 -0.11 -8.36
N PRO A 28 -8.47 0.77 -7.39
CA PRO A 28 -8.96 0.38 -6.08
C PRO A 28 -10.44 0.10 -6.09
N LYS A 29 -10.81 -1.05 -5.55
CA LYS A 29 -12.20 -1.42 -5.38
C LYS A 29 -12.87 -0.43 -4.40
N PRO A 30 -14.23 -0.35 -4.37
CA PRO A 30 -14.99 0.60 -3.54
C PRO A 30 -14.56 0.65 -2.07
N LEU A 31 -14.00 -0.45 -1.59
CA LEU A 31 -13.52 -0.54 -0.22
C LEU A 31 -12.38 0.47 -0.02
N LEU A 32 -11.45 0.45 -0.95
CA LEU A 32 -10.33 1.35 -0.89
C LEU A 32 -10.76 2.74 -1.30
N LEU A 33 -11.61 2.82 -2.31
CA LEU A 33 -12.13 4.11 -2.78
C LEU A 33 -12.81 4.89 -1.67
N LYS A 34 -13.60 4.19 -0.85
CA LYS A 34 -14.30 4.86 0.22
C LYS A 34 -13.32 5.37 1.26
N LEU A 35 -12.27 4.60 1.55
CA LEU A 35 -11.32 5.04 2.55
C LEU A 35 -10.47 6.18 2.01
N LEU A 36 -10.10 6.07 0.73
CA LEU A 36 -9.30 7.08 0.06
C LEU A 36 -10.03 8.42 0.03
N LYS A 37 -11.28 8.39 -0.38
CA LYS A 37 -12.02 9.61 -0.53
C LYS A 37 -12.45 10.18 0.81
N SER A 38 -12.34 9.39 1.84
CA SER A 38 -12.63 9.85 3.17
C SER A 38 -11.37 10.38 3.87
N VAL A 39 -10.21 10.27 3.21
CA VAL A 39 -8.98 10.80 3.77
C VAL A 39 -8.41 11.92 2.91
N GLY A 40 -9.21 12.39 1.97
CA GLY A 40 -8.81 13.52 1.17
C GLY A 40 -8.21 13.17 -0.18
N ALA A 41 -8.67 12.10 -0.78
CA ALA A 41 -8.21 11.71 -2.11
C ALA A 41 -8.79 12.61 -3.18
N GLN A 42 -8.09 12.73 -4.27
CA GLN A 42 -8.51 13.56 -5.39
C GLN A 42 -8.57 12.75 -6.69
N LYS A 43 -7.95 11.62 -6.68
CA LYS A 43 -7.92 10.74 -7.86
C LYS A 43 -8.68 9.45 -7.55
N ASP A 44 -9.08 8.74 -8.58
CA ASP A 44 -9.69 7.42 -8.39
C ASP A 44 -8.65 6.34 -8.57
N THR A 45 -7.49 6.75 -9.03
CA THR A 45 -6.37 5.86 -9.20
C THR A 45 -5.16 6.38 -8.49
N TYR A 46 -4.42 5.49 -7.90
CA TYR A 46 -3.27 5.83 -7.13
C TYR A 46 -2.22 4.78 -7.30
N THR A 47 -0.99 5.13 -7.04
CA THR A 47 0.08 4.18 -7.04
C THR A 47 0.07 3.45 -5.71
N MET A 48 0.79 2.35 -5.60
CA MET A 48 0.84 1.61 -4.35
C MET A 48 1.45 2.43 -3.25
N LYS A 49 2.36 3.28 -3.64
CA LYS A 49 3.03 4.20 -2.78
C LYS A 49 2.02 5.16 -2.18
N GLU A 50 1.09 5.58 -3.00
CA GLU A 50 0.05 6.49 -2.60
C GLU A 50 -0.99 5.78 -1.77
N VAL A 51 -1.12 4.47 -1.94
CA VAL A 51 -2.02 3.72 -1.10
C VAL A 51 -1.42 3.72 0.28
N LEU A 52 -0.12 3.57 0.38
CA LEU A 52 0.56 3.67 1.66
C LEU A 52 0.26 5.03 2.29
N PHE A 53 0.30 6.06 1.49
CA PHE A 53 0.08 7.40 2.00
C PHE A 53 -1.37 7.58 2.48
N TYR A 54 -2.32 7.30 1.61
CA TYR A 54 -3.72 7.52 1.93
C TYR A 54 -4.36 6.42 2.77
N LEU A 55 -3.95 5.17 2.57
CA LEU A 55 -4.51 4.09 3.38
C LEU A 55 -3.96 4.26 4.80
N GLY A 56 -2.73 4.74 4.86
CA GLY A 56 -2.07 5.01 6.12
C GLY A 56 -2.79 6.09 6.90
N GLN A 57 -3.31 7.09 6.18
CA GLN A 57 -4.08 8.17 6.80
C GLN A 57 -5.26 7.56 7.53
N TYR A 58 -5.97 6.68 6.84
CA TYR A 58 -7.17 6.02 7.33
C TYR A 58 -6.89 5.21 8.60
N ILE A 59 -5.75 4.56 8.64
CA ILE A 59 -5.39 3.72 9.78
C ILE A 59 -5.00 4.60 10.95
N MET A 60 -4.27 5.63 10.65
CA MET A 60 -3.72 6.49 11.66
C MET A 60 -4.80 7.39 12.25
N THR A 61 -5.60 8.01 11.39
CA THR A 61 -6.60 8.98 11.84
C THR A 61 -7.66 8.35 12.76
N LYS A 62 -8.02 7.11 12.49
CA LYS A 62 -9.03 6.42 13.27
C LYS A 62 -8.37 5.67 14.41
N ARG A 63 -7.05 5.59 14.32
CA ARG A 63 -6.24 4.85 15.29
C ARG A 63 -6.63 3.39 15.31
N LEU A 64 -6.36 2.72 14.21
CA LEU A 64 -6.71 1.32 14.09
C LEU A 64 -5.53 0.43 14.47
N TYR A 65 -4.41 1.07 14.77
CA TYR A 65 -3.20 0.36 15.10
C TYR A 65 -3.01 0.27 16.62
N ASP A 66 -1.98 -0.43 17.04
CA ASP A 66 -1.73 -0.63 18.47
C ASP A 66 -1.18 0.62 19.12
N GLU A 67 -1.46 0.74 20.36
CA GLU A 67 -1.13 1.85 21.17
C GLU A 67 0.36 1.88 21.45
N LYS A 68 0.93 0.72 21.59
CA LYS A 68 2.30 0.61 22.00
C LYS A 68 3.17 0.18 20.86
N GLN A 69 2.60 -0.59 19.97
CA GLN A 69 3.35 -1.13 18.85
C GLN A 69 2.81 -0.67 17.52
N GLN A 70 3.56 0.20 16.87
CA GLN A 70 3.17 0.79 15.60
C GLN A 70 3.15 -0.25 14.45
N HIS A 71 3.92 -1.31 14.60
CA HIS A 71 3.97 -2.35 13.58
C HIS A 71 2.74 -3.26 13.63
N ILE A 72 1.98 -3.13 14.69
CA ILE A 72 0.82 -3.94 14.89
C ILE A 72 -0.41 -3.12 14.63
N VAL A 73 -1.21 -3.56 13.72
CA VAL A 73 -2.42 -2.91 13.44
C VAL A 73 -3.55 -3.88 13.66
N TYR A 74 -4.58 -3.46 14.32
CA TYR A 74 -5.66 -4.35 14.55
C TYR A 74 -6.70 -4.17 13.50
N CYS A 75 -7.25 -2.94 13.41
CA CYS A 75 -8.31 -2.58 12.45
C CYS A 75 -9.43 -3.62 12.42
N SER A 76 -9.72 -4.15 13.60
CA SER A 76 -10.72 -5.18 13.81
C SER A 76 -12.11 -4.55 13.60
N ASN A 77 -12.13 -3.25 13.77
CA ASN A 77 -13.31 -2.41 13.57
C ASN A 77 -13.61 -2.30 12.08
N ASP A 78 -12.66 -2.65 11.27
CA ASP A 78 -12.75 -2.44 9.86
C ASP A 78 -12.51 -3.77 9.12
N LEU A 79 -12.58 -3.74 7.80
CA LEU A 79 -12.37 -4.92 7.01
C LEU A 79 -10.92 -5.06 6.61
N LEU A 80 -10.17 -4.01 6.82
CA LEU A 80 -8.73 -3.94 6.49
C LEU A 80 -8.01 -5.20 7.05
N GLY A 81 -8.24 -5.46 8.32
CA GLY A 81 -7.60 -6.58 8.96
C GLY A 81 -8.20 -7.88 8.49
N ASP A 82 -9.49 -7.84 8.19
CA ASP A 82 -10.18 -9.02 7.77
C ASP A 82 -9.61 -9.50 6.47
N LEU A 83 -9.33 -8.54 5.55
CA LEU A 83 -8.63 -8.75 4.26
C LEU A 83 -7.31 -9.51 4.44
N PHE A 84 -6.58 -9.20 5.51
CA PHE A 84 -5.33 -9.95 5.84
C PHE A 84 -5.68 -11.41 6.09
N GLY A 85 -6.90 -11.58 6.47
CA GLY A 85 -7.52 -12.87 6.72
C GLY A 85 -7.57 -13.18 8.16
N VAL A 86 -7.76 -12.13 8.96
CA VAL A 86 -7.70 -12.21 10.45
C VAL A 86 -8.34 -10.96 11.07
N PRO A 87 -8.40 -10.82 12.42
CA PRO A 87 -8.92 -9.61 13.05
C PRO A 87 -7.82 -8.56 13.30
N SER A 88 -6.64 -8.80 12.77
CA SER A 88 -5.50 -7.89 12.93
C SER A 88 -4.50 -8.06 11.78
N PHE A 89 -3.54 -7.14 11.62
CA PHE A 89 -2.56 -7.29 10.57
C PHE A 89 -1.22 -6.70 11.00
N SER A 90 -0.17 -7.20 10.41
CA SER A 90 1.16 -6.73 10.73
C SER A 90 1.79 -6.04 9.53
N VAL A 91 2.23 -4.80 9.72
CA VAL A 91 2.83 -4.00 8.65
C VAL A 91 4.12 -4.64 8.10
N LYS A 92 4.84 -5.35 8.97
CA LYS A 92 6.09 -5.99 8.59
C LYS A 92 5.91 -7.10 7.56
N GLU A 93 4.68 -7.49 7.30
CA GLU A 93 4.44 -8.45 6.28
C GLU A 93 4.15 -7.68 5.02
N HIS A 94 5.19 -7.26 4.43
CA HIS A 94 5.18 -6.34 3.29
C HIS A 94 4.47 -6.93 2.11
N ARG A 95 4.69 -8.20 1.87
CA ARG A 95 4.09 -8.86 0.74
C ARG A 95 2.64 -9.13 0.98
N LYS A 96 2.25 -9.20 2.23
CA LYS A 96 0.85 -9.36 2.55
C LYS A 96 0.16 -8.04 2.33
N ILE A 97 0.88 -6.95 2.58
CA ILE A 97 0.36 -5.63 2.34
C ILE A 97 0.09 -5.50 0.85
N TYR A 98 1.08 -5.92 0.04
CA TYR A 98 0.96 -5.87 -1.41
C TYR A 98 -0.22 -6.68 -1.87
N THR A 99 -0.34 -7.89 -1.36
CA THR A 99 -1.39 -8.78 -1.79
C THR A 99 -2.77 -8.29 -1.37
N MET A 100 -2.89 -7.65 -0.20
CA MET A 100 -4.18 -7.10 0.25
C MET A 100 -4.65 -6.00 -0.68
N ILE A 101 -3.70 -5.23 -1.17
CA ILE A 101 -3.99 -4.13 -2.05
C ILE A 101 -4.22 -4.66 -3.47
N TYR A 102 -3.39 -5.60 -3.86
CA TYR A 102 -3.48 -6.26 -5.16
C TYR A 102 -4.78 -7.04 -5.31
N ARG A 103 -5.27 -7.57 -4.22
CA ARG A 103 -6.52 -8.29 -4.18
C ARG A 103 -7.67 -7.31 -4.32
N ASN A 104 -7.44 -6.11 -3.88
CA ASN A 104 -8.44 -5.07 -3.90
C ASN A 104 -8.28 -4.10 -5.04
N LEU A 105 -7.39 -4.40 -5.92
CA LEU A 105 -7.32 -3.69 -7.16
C LEU A 105 -7.92 -4.57 -8.22
N VAL A 106 -8.30 -4.01 -9.31
CA VAL A 106 -8.92 -4.82 -10.34
C VAL A 106 -8.03 -4.98 -11.55
N VAL A 107 -7.96 -6.18 -12.01
CA VAL A 107 -7.23 -6.56 -13.18
C VAL A 107 -8.05 -7.56 -13.94
N ASP B 1 9.82 -2.72 19.19
CA ASP B 1 10.14 -3.09 17.79
C ASP B 1 11.29 -2.30 17.25
N GLY B 2 11.44 -1.12 17.74
CA GLY B 2 12.51 -0.29 17.36
C GLY B 2 12.23 1.14 17.69
N GLY B 3 12.44 1.97 16.74
CA GLY B 3 12.26 3.39 16.92
C GLY B 3 11.77 4.05 15.66
N THR B 4 10.85 3.41 15.03
CA THR B 4 10.27 3.90 13.82
C THR B 4 8.74 3.87 13.98
N THR B 5 8.12 5.03 13.84
CA THR B 5 6.70 5.10 14.03
C THR B 5 5.96 4.58 12.78
N PHE B 6 4.65 4.38 12.94
CA PHE B 6 3.79 3.83 11.90
C PHE B 6 3.88 4.66 10.63
N GLU B 7 3.83 5.95 10.81
CA GLU B 7 3.86 6.94 9.74
C GLU B 7 5.17 6.89 8.95
N HIS B 8 6.18 6.34 9.55
CA HIS B 8 7.48 6.26 8.93
C HIS B 8 7.64 4.92 8.24
N LEU B 9 7.28 3.86 8.93
CA LEU B 9 7.49 2.52 8.44
C LEU B 9 6.49 2.09 7.33
N TRP B 10 5.28 2.60 7.41
CA TRP B 10 4.20 2.22 6.51
C TRP B 10 4.39 2.88 5.16
N SER B 11 4.80 4.12 5.19
CA SER B 11 5.02 4.91 4.00
C SER B 11 6.28 4.42 3.25
N SER B 12 7.02 3.55 3.89
CA SER B 12 8.26 3.08 3.37
C SER B 12 8.25 1.57 3.10
N LEU B 13 7.08 0.93 3.04
CA LEU B 13 7.08 -0.52 2.87
C LEU B 13 6.78 -0.94 1.44
N GLU B 14 6.88 0.02 0.56
CA GLU B 14 6.57 -0.14 -0.85
C GLU B 14 7.63 -1.04 -1.53
N PRO B 15 7.26 -1.71 -2.62
CA PRO B 15 8.17 -2.60 -3.32
C PRO B 15 9.12 -1.86 -4.25
N ASP B 16 8.58 -1.17 -5.21
CA ASP B 16 9.31 -0.47 -6.21
C ASP B 16 8.31 0.41 -6.91
N ASN A 1 6.69 15.60 -19.09
CA ASN A 1 5.30 15.16 -19.04
C ASN A 1 4.98 14.73 -17.63
N THR A 2 3.73 14.89 -17.21
CA THR A 2 3.28 14.55 -15.87
C THR A 2 3.50 13.06 -15.55
N ASN A 3 4.56 12.81 -14.81
CA ASN A 3 4.87 11.50 -14.29
C ASN A 3 5.24 11.67 -12.86
N MET A 4 4.92 10.72 -12.06
CA MET A 4 5.28 10.77 -10.68
C MET A 4 6.60 10.08 -10.51
N SER A 5 6.85 9.14 -11.39
CA SER A 5 8.11 8.46 -11.44
C SER A 5 9.07 9.28 -12.30
N VAL A 6 9.63 10.31 -11.70
CA VAL A 6 10.56 11.17 -12.39
C VAL A 6 11.86 10.45 -12.63
N PRO A 7 12.49 10.67 -13.78
CA PRO A 7 13.72 10.02 -14.12
C PRO A 7 14.91 10.53 -13.31
N THR A 8 15.19 9.87 -12.21
CA THR A 8 16.36 10.16 -11.42
C THR A 8 17.55 9.62 -12.20
N ASP A 9 17.31 8.50 -12.83
CA ASP A 9 18.20 7.94 -13.80
C ASP A 9 17.58 8.28 -15.10
N GLY A 10 18.22 9.09 -15.83
CA GLY A 10 17.63 9.57 -17.01
C GLY A 10 18.16 8.90 -18.23
N ALA A 11 17.54 9.21 -19.33
CA ALA A 11 17.94 8.67 -20.58
C ALA A 11 19.12 9.43 -21.15
N VAL A 12 20.31 9.04 -20.72
CA VAL A 12 21.53 9.62 -21.26
C VAL A 12 21.68 9.16 -22.71
N THR A 13 21.20 7.97 -22.95
CA THR A 13 21.02 7.42 -24.26
C THR A 13 19.57 6.94 -24.30
N THR A 14 19.31 5.88 -23.58
CA THR A 14 17.99 5.35 -23.35
C THR A 14 17.99 4.74 -21.94
N SER A 15 17.02 5.05 -21.12
CA SER A 15 16.94 4.44 -19.83
C SER A 15 15.81 3.43 -19.88
N GLN A 16 16.19 2.20 -20.00
CA GLN A 16 15.27 1.11 -20.18
C GLN A 16 14.72 0.70 -18.85
N ILE A 17 13.45 0.46 -18.81
CA ILE A 17 12.80 -0.01 -17.62
C ILE A 17 12.13 -1.33 -17.96
N PRO A 18 12.37 -2.40 -17.15
CA PRO A 18 11.85 -3.77 -17.41
C PRO A 18 10.35 -3.86 -17.41
N ALA A 19 9.76 -2.89 -16.87
CA ALA A 19 8.33 -2.73 -16.78
C ALA A 19 8.00 -1.27 -16.88
N SER A 20 7.46 -0.86 -18.01
CA SER A 20 7.17 0.53 -18.30
C SER A 20 6.18 1.17 -17.29
N GLU A 21 5.35 0.36 -16.67
CA GLU A 21 4.45 0.87 -15.68
C GLU A 21 5.09 0.81 -14.30
N GLN A 22 5.90 1.80 -13.98
CA GLN A 22 6.46 1.88 -12.64
C GLN A 22 5.41 2.42 -11.73
N GLU A 23 4.67 3.34 -12.26
CA GLU A 23 3.50 3.84 -11.64
C GLU A 23 2.36 2.93 -12.00
N THR A 24 2.24 1.85 -11.29
CA THR A 24 1.19 0.92 -11.54
C THR A 24 -0.07 1.36 -10.82
N LEU A 25 -1.05 1.77 -11.57
CA LEU A 25 -2.29 2.23 -11.01
C LEU A 25 -3.13 1.05 -10.65
N VAL A 26 -3.64 1.06 -9.48
CA VAL A 26 -4.44 -0.02 -8.99
C VAL A 26 -5.91 0.34 -9.11
N ARG A 27 -6.75 -0.66 -9.13
CA ARG A 27 -8.18 -0.44 -9.16
C ARG A 27 -8.75 -0.63 -7.77
N PRO A 28 -8.99 0.46 -7.03
CA PRO A 28 -9.51 0.40 -5.68
C PRO A 28 -11.01 0.13 -5.67
N LYS A 29 -11.41 -0.85 -4.88
CA LYS A 29 -12.83 -1.17 -4.70
C LYS A 29 -13.52 -0.02 -3.91
N PRO A 30 -14.88 0.02 -3.83
CA PRO A 30 -15.65 1.07 -3.12
C PRO A 30 -15.15 1.32 -1.70
N LEU A 31 -14.79 0.27 -0.98
CA LEU A 31 -14.35 0.43 0.40
C LEU A 31 -12.96 1.05 0.47
N LEU A 32 -12.18 0.86 -0.57
CA LEU A 32 -10.89 1.49 -0.66
C LEU A 32 -11.08 2.94 -0.99
N LEU A 33 -11.98 3.21 -1.95
CA LEU A 33 -12.34 4.58 -2.33
C LEU A 33 -12.82 5.35 -1.13
N LYS A 34 -13.60 4.65 -0.30
CA LYS A 34 -14.07 5.17 0.97
C LYS A 34 -12.92 5.72 1.78
N LEU A 35 -11.91 4.90 2.00
CA LEU A 35 -10.84 5.27 2.90
C LEU A 35 -9.91 6.27 2.24
N LEU A 36 -9.69 6.08 0.95
CA LEU A 36 -8.81 6.94 0.19
C LEU A 36 -9.36 8.36 0.13
N LYS A 37 -10.57 8.51 -0.33
CA LYS A 37 -11.11 9.82 -0.57
C LYS A 37 -11.57 10.50 0.69
N SER A 38 -11.65 9.78 1.78
CA SER A 38 -12.03 10.41 3.02
C SER A 38 -10.82 11.05 3.68
N VAL A 39 -9.64 10.50 3.41
CA VAL A 39 -8.40 11.02 3.99
C VAL A 39 -7.74 12.03 3.06
N GLY A 40 -8.41 12.35 1.98
CA GLY A 40 -7.92 13.38 1.12
C GLY A 40 -7.39 12.91 -0.21
N ALA A 41 -7.82 11.75 -0.68
CA ALA A 41 -7.43 11.34 -2.02
C ALA A 41 -8.33 12.02 -3.01
N GLN A 42 -7.79 12.41 -4.10
CA GLN A 42 -8.49 13.20 -5.07
C GLN A 42 -8.85 12.38 -6.29
N LYS A 43 -7.97 11.48 -6.66
CA LYS A 43 -8.14 10.71 -7.88
C LYS A 43 -8.85 9.40 -7.60
N ASP A 44 -9.26 8.74 -8.65
CA ASP A 44 -9.92 7.44 -8.55
C ASP A 44 -8.95 6.29 -8.76
N THR A 45 -7.79 6.64 -9.24
CA THR A 45 -6.74 5.67 -9.44
C THR A 45 -5.47 6.15 -8.79
N TYR A 46 -4.74 5.22 -8.23
CA TYR A 46 -3.53 5.52 -7.53
C TYR A 46 -2.57 4.39 -7.69
N THR A 47 -1.31 4.65 -7.48
CA THR A 47 -0.31 3.63 -7.58
C THR A 47 -0.20 2.96 -6.23
N MET A 48 0.53 1.84 -6.18
CA MET A 48 0.75 1.11 -4.92
C MET A 48 1.25 2.04 -3.83
N LYS A 49 2.27 2.80 -4.19
CA LYS A 49 2.94 3.76 -3.32
C LYS A 49 1.94 4.81 -2.79
N GLU A 50 1.00 5.22 -3.61
CA GLU A 50 0.04 6.22 -3.19
C GLU A 50 -0.96 5.62 -2.23
N VAL A 51 -1.17 4.31 -2.34
CA VAL A 51 -2.04 3.62 -1.42
C VAL A 51 -1.41 3.67 -0.08
N LEU A 52 -0.10 3.40 0.01
CA LEU A 52 0.65 3.59 1.24
C LEU A 52 0.34 4.93 1.87
N PHE A 53 0.33 5.96 1.08
CA PHE A 53 0.12 7.28 1.61
C PHE A 53 -1.27 7.43 2.19
N TYR A 54 -2.28 7.17 1.39
CA TYR A 54 -3.64 7.37 1.83
C TYR A 54 -4.16 6.28 2.76
N LEU A 55 -3.76 5.03 2.51
CA LEU A 55 -4.21 3.90 3.32
C LEU A 55 -3.68 4.10 4.73
N GLY A 56 -2.45 4.59 4.79
CA GLY A 56 -1.80 4.85 6.04
C GLY A 56 -2.48 5.93 6.82
N GLN A 57 -2.96 6.97 6.13
CA GLN A 57 -3.64 8.08 6.79
C GLN A 57 -4.85 7.55 7.52
N TYR A 58 -5.63 6.73 6.83
CA TYR A 58 -6.88 6.19 7.36
C TYR A 58 -6.66 5.38 8.64
N ILE A 59 -5.67 4.52 8.62
CA ILE A 59 -5.40 3.65 9.77
C ILE A 59 -4.87 4.48 10.92
N MET A 60 -4.02 5.41 10.59
CA MET A 60 -3.35 6.22 11.55
C MET A 60 -4.27 7.24 12.19
N THR A 61 -5.09 7.89 11.39
CA THR A 61 -5.97 8.97 11.87
C THR A 61 -7.05 8.42 12.81
N LYS A 62 -7.46 7.19 12.60
CA LYS A 62 -8.49 6.60 13.42
C LYS A 62 -7.84 5.86 14.58
N ARG A 63 -6.56 5.53 14.39
CA ARG A 63 -5.79 4.76 15.36
C ARG A 63 -6.37 3.36 15.53
N LEU A 64 -6.26 2.58 14.47
CA LEU A 64 -6.77 1.21 14.46
C LEU A 64 -5.61 0.22 14.62
N TYR A 65 -4.47 0.75 15.00
CA TYR A 65 -3.29 -0.05 15.21
C TYR A 65 -3.03 -0.20 16.70
N ASP A 66 -2.05 -1.00 17.05
CA ASP A 66 -1.75 -1.28 18.44
C ASP A 66 -1.06 -0.11 19.09
N GLU A 67 -1.46 0.15 20.28
CA GLU A 67 -0.92 1.25 21.05
C GLU A 67 0.51 1.00 21.55
N LYS A 68 0.91 -0.26 21.68
CA LYS A 68 2.26 -0.55 22.15
C LYS A 68 3.14 -0.89 20.95
N GLN A 69 2.50 -1.48 19.95
CA GLN A 69 3.17 -1.91 18.76
C GLN A 69 2.57 -1.23 17.56
N GLN A 70 3.18 -0.17 17.10
CA GLN A 70 2.68 0.55 15.97
C GLN A 70 2.83 -0.25 14.68
N HIS A 71 3.75 -1.22 14.68
CA HIS A 71 3.90 -2.11 13.53
C HIS A 71 2.80 -3.17 13.47
N ILE A 72 1.93 -3.14 14.44
CA ILE A 72 0.84 -4.08 14.54
C ILE A 72 -0.45 -3.33 14.36
N VAL A 73 -1.17 -3.71 13.36
CA VAL A 73 -2.41 -3.06 13.07
C VAL A 73 -3.53 -4.07 13.20
N TYR A 74 -4.59 -3.71 13.88
CA TYR A 74 -5.67 -4.63 14.05
C TYR A 74 -6.74 -4.39 13.03
N CYS A 75 -7.42 -3.25 13.15
CA CYS A 75 -8.52 -2.87 12.25
C CYS A 75 -9.65 -3.89 12.27
N SER A 76 -9.75 -4.62 13.36
CA SER A 76 -10.76 -5.63 13.52
C SER A 76 -12.11 -4.97 13.74
N ASN A 77 -12.07 -3.73 14.19
CA ASN A 77 -13.26 -2.93 14.40
C ASN A 77 -13.71 -2.30 13.07
N ASP A 78 -12.84 -2.35 12.08
CA ASP A 78 -13.12 -1.75 10.79
C ASP A 78 -13.22 -2.88 9.75
N LEU A 79 -13.60 -2.56 8.54
CA LEU A 79 -13.74 -3.57 7.52
C LEU A 79 -12.44 -3.72 6.72
N LEU A 80 -11.58 -2.67 6.73
CA LEU A 80 -10.34 -2.64 5.89
C LEU A 80 -9.53 -3.94 5.99
N GLY A 81 -9.29 -4.38 7.22
CA GLY A 81 -8.46 -5.55 7.45
C GLY A 81 -9.13 -6.79 6.95
N ASP A 82 -10.41 -6.90 7.28
CA ASP A 82 -11.20 -8.07 6.92
C ASP A 82 -11.10 -8.30 5.44
N LEU A 83 -11.38 -7.22 4.69
CA LEU A 83 -11.39 -7.14 3.24
C LEU A 83 -10.05 -7.53 2.64
N PHE A 84 -8.99 -7.21 3.35
CA PHE A 84 -7.64 -7.56 2.96
C PHE A 84 -7.38 -9.03 3.15
N GLY A 85 -8.29 -9.65 3.83
CA GLY A 85 -8.25 -11.07 4.03
C GLY A 85 -7.68 -11.39 5.37
N VAL A 86 -7.68 -10.41 6.22
CA VAL A 86 -7.04 -10.58 7.52
C VAL A 86 -7.89 -10.11 8.69
N PRO A 87 -7.64 -10.62 9.91
CA PRO A 87 -8.27 -10.10 11.12
C PRO A 87 -7.50 -8.87 11.63
N SER A 88 -6.21 -8.91 11.41
CA SER A 88 -5.24 -7.90 11.81
C SER A 88 -4.03 -8.10 10.90
N PHE A 89 -3.11 -7.16 10.85
CA PHE A 89 -2.01 -7.27 9.93
C PHE A 89 -0.75 -6.61 10.49
N SER A 90 0.41 -7.12 10.12
CA SER A 90 1.66 -6.56 10.53
C SER A 90 2.26 -5.81 9.36
N VAL A 91 2.58 -4.55 9.57
CA VAL A 91 3.17 -3.70 8.53
C VAL A 91 4.57 -4.17 8.14
N LYS A 92 5.15 -5.02 8.98
CA LYS A 92 6.45 -5.58 8.74
C LYS A 92 6.44 -6.52 7.57
N GLU A 93 5.30 -7.08 7.28
CA GLU A 93 5.16 -7.92 6.12
C GLU A 93 4.83 -7.10 4.91
N HIS A 94 5.83 -6.52 4.38
CA HIS A 94 5.74 -5.61 3.24
C HIS A 94 5.14 -6.30 2.01
N ARG A 95 5.41 -7.58 1.86
CA ARG A 95 4.89 -8.31 0.72
C ARG A 95 3.43 -8.62 0.93
N LYS A 96 3.03 -8.80 2.17
CA LYS A 96 1.62 -9.03 2.48
C LYS A 96 0.84 -7.75 2.35
N ILE A 97 1.53 -6.64 2.48
CA ILE A 97 0.93 -5.35 2.25
C ILE A 97 0.59 -5.23 0.78
N TYR A 98 1.54 -5.63 -0.06
CA TYR A 98 1.30 -5.63 -1.48
C TYR A 98 0.15 -6.54 -1.82
N THR A 99 0.16 -7.73 -1.25
CA THR A 99 -0.86 -8.70 -1.57
C THR A 99 -2.25 -8.33 -1.04
N MET A 100 -2.33 -7.64 0.10
CA MET A 100 -3.64 -7.24 0.62
C MET A 100 -4.29 -6.20 -0.28
N ILE A 101 -3.45 -5.38 -0.89
CA ILE A 101 -3.91 -4.36 -1.81
C ILE A 101 -4.18 -5.03 -3.16
N TYR A 102 -3.25 -5.89 -3.57
CA TYR A 102 -3.35 -6.65 -4.81
C TYR A 102 -4.60 -7.52 -4.86
N ARG A 103 -5.00 -8.02 -3.70
CA ARG A 103 -6.16 -8.87 -3.57
C ARG A 103 -7.43 -8.09 -3.85
N ASN A 104 -7.36 -6.79 -3.71
CA ASN A 104 -8.53 -5.96 -3.89
C ASN A 104 -8.52 -5.22 -5.21
N LEU A 105 -7.44 -5.33 -5.95
CA LEU A 105 -7.37 -4.71 -7.25
C LEU A 105 -7.60 -5.78 -8.32
N VAL A 106 -7.67 -5.41 -9.55
CA VAL A 106 -7.89 -6.39 -10.59
C VAL A 106 -6.65 -6.59 -11.46
N VAL A 107 -6.24 -7.83 -11.62
CA VAL A 107 -5.13 -8.23 -12.46
C VAL A 107 -5.45 -9.53 -13.17
N ASP B 1 13.88 -0.67 15.46
CA ASP B 1 12.52 -1.21 15.61
C ASP B 1 11.91 -0.80 16.96
N GLY B 2 12.58 0.08 17.65
CA GLY B 2 12.10 0.53 18.92
C GLY B 2 11.95 2.02 18.90
N GLY B 3 10.77 2.47 18.62
CA GLY B 3 10.57 3.89 18.46
C GLY B 3 10.45 4.24 17.00
N THR B 4 9.84 3.36 16.27
CA THR B 4 9.60 3.54 14.88
C THR B 4 8.12 3.81 14.67
N THR B 5 7.79 5.07 14.42
CA THR B 5 6.42 5.46 14.24
C THR B 5 5.80 4.83 12.99
N PHE B 6 4.53 4.43 13.13
CA PHE B 6 3.72 3.89 12.04
C PHE B 6 3.78 4.80 10.81
N GLU B 7 3.77 6.11 11.08
CA GLU B 7 3.77 7.13 10.05
C GLU B 7 5.01 7.00 9.14
N HIS B 8 6.11 6.53 9.70
CA HIS B 8 7.35 6.42 8.96
C HIS B 8 7.44 5.05 8.33
N LEU B 9 7.31 4.03 9.16
CA LEU B 9 7.56 2.66 8.73
C LEU B 9 6.61 2.14 7.64
N TRP B 10 5.38 2.65 7.64
CA TRP B 10 4.39 2.26 6.66
C TRP B 10 4.72 2.94 5.35
N SER B 11 5.12 4.18 5.44
CA SER B 11 5.48 4.97 4.27
C SER B 11 6.85 4.52 3.71
N SER B 12 7.48 3.56 4.37
CA SER B 12 8.79 3.11 3.98
C SER B 12 8.78 1.65 3.51
N LEU B 13 7.61 1.07 3.32
CA LEU B 13 7.57 -0.33 2.93
C LEU B 13 7.43 -0.47 1.41
N GLU B 14 7.48 0.66 0.74
CA GLU B 14 7.38 0.79 -0.71
C GLU B 14 8.67 0.28 -1.37
N PRO B 15 8.62 -0.02 -2.67
CA PRO B 15 9.80 -0.41 -3.41
C PRO B 15 10.69 0.78 -3.71
N ASP B 16 10.10 1.80 -4.29
CA ASP B 16 10.77 3.00 -4.72
C ASP B 16 9.72 3.99 -5.12
N ASN A 1 -31.40 -15.40 -30.70
CA ASN A 1 -30.62 -14.45 -29.92
C ASN A 1 -29.34 -14.08 -30.63
N THR A 2 -28.52 -15.07 -30.96
CA THR A 2 -27.24 -14.86 -31.64
C THR A 2 -26.23 -14.10 -30.78
N ASN A 3 -25.19 -14.80 -30.34
CA ASN A 3 -24.10 -14.18 -29.59
C ASN A 3 -23.49 -13.05 -30.37
N MET A 4 -23.32 -11.92 -29.72
CA MET A 4 -22.76 -10.76 -30.39
C MET A 4 -21.29 -10.97 -30.53
N SER A 5 -20.66 -11.16 -29.42
CA SER A 5 -19.29 -11.49 -29.39
C SER A 5 -19.18 -12.99 -29.22
N VAL A 6 -18.92 -13.67 -30.32
CA VAL A 6 -18.83 -15.11 -30.32
C VAL A 6 -17.60 -15.54 -29.53
N PRO A 7 -17.62 -16.73 -28.95
CA PRO A 7 -16.49 -17.25 -28.20
C PRO A 7 -15.28 -17.45 -29.11
N THR A 8 -14.37 -16.53 -29.05
CA THR A 8 -13.21 -16.55 -29.86
C THR A 8 -12.16 -17.42 -29.20
N ASP A 9 -12.01 -18.61 -29.71
CA ASP A 9 -11.12 -19.58 -29.14
C ASP A 9 -10.06 -19.98 -30.12
N GLY A 10 -8.84 -20.10 -29.64
CA GLY A 10 -7.74 -20.56 -30.44
C GLY A 10 -7.11 -19.46 -31.24
N ALA A 11 -7.84 -18.97 -32.20
CA ALA A 11 -7.35 -17.94 -33.08
C ALA A 11 -7.79 -16.58 -32.58
N VAL A 12 -6.98 -15.98 -31.77
CA VAL A 12 -7.24 -14.65 -31.28
C VAL A 12 -6.10 -13.72 -31.65
N THR A 13 -6.21 -13.17 -32.83
CA THR A 13 -5.24 -12.26 -33.36
C THR A 13 -5.19 -11.00 -32.52
N THR A 14 -4.22 -10.93 -31.64
CA THR A 14 -4.11 -9.86 -30.70
C THR A 14 -3.51 -8.62 -31.36
N SER A 15 -4.36 -7.81 -31.91
CA SER A 15 -3.95 -6.59 -32.55
C SER A 15 -3.76 -5.46 -31.53
N GLN A 16 -4.43 -5.59 -30.41
CA GLN A 16 -4.28 -4.65 -29.33
C GLN A 16 -3.69 -5.34 -28.13
N ILE A 17 -2.41 -5.21 -27.97
CA ILE A 17 -1.69 -5.86 -26.90
C ILE A 17 -1.81 -5.01 -25.62
N PRO A 18 -2.03 -5.66 -24.47
CA PRO A 18 -2.09 -4.96 -23.17
C PRO A 18 -0.75 -4.30 -22.85
N ALA A 19 -0.81 -3.17 -22.21
CA ALA A 19 0.36 -2.41 -21.90
C ALA A 19 0.80 -2.72 -20.47
N SER A 20 2.02 -2.38 -20.17
CA SER A 20 2.55 -2.53 -18.85
C SER A 20 3.38 -1.30 -18.55
N GLU A 21 3.04 -0.58 -17.50
CA GLU A 21 3.69 0.67 -17.21
C GLU A 21 4.62 0.59 -16.02
N GLN A 22 5.47 1.59 -15.89
CA GLN A 22 6.42 1.69 -14.79
C GLN A 22 5.68 1.87 -13.49
N GLU A 23 4.74 2.78 -13.48
CA GLU A 23 3.93 3.02 -12.33
C GLU A 23 2.50 2.70 -12.69
N THR A 24 2.17 1.44 -12.59
CA THR A 24 0.86 0.98 -12.95
C THR A 24 -0.16 1.50 -11.95
N LEU A 25 -1.12 2.26 -12.43
CA LEU A 25 -2.17 2.76 -11.61
C LEU A 25 -3.11 1.64 -11.31
N VAL A 26 -3.49 1.53 -10.10
CA VAL A 26 -4.30 0.45 -9.66
C VAL A 26 -5.73 0.89 -9.56
N ARG A 27 -6.63 0.00 -9.83
CA ARG A 27 -8.05 0.28 -9.82
C ARG A 27 -8.62 -0.19 -8.51
N PRO A 28 -8.80 0.68 -7.51
CA PRO A 28 -9.28 0.28 -6.21
C PRO A 28 -10.76 -0.05 -6.18
N LYS A 29 -11.11 -1.10 -5.46
CA LYS A 29 -12.49 -1.49 -5.23
C LYS A 29 -13.13 -0.46 -4.27
N PRO A 30 -14.50 -0.42 -4.15
CA PRO A 30 -15.22 0.57 -3.29
C PRO A 30 -14.72 0.61 -1.84
N LEU A 31 -14.18 -0.50 -1.41
CA LEU A 31 -13.64 -0.64 -0.07
C LEU A 31 -12.40 0.26 0.09
N LEU A 32 -11.58 0.30 -0.91
CA LEU A 32 -10.41 1.15 -0.89
C LEU A 32 -10.82 2.57 -1.13
N LEU A 33 -11.83 2.75 -1.97
CA LEU A 33 -12.36 4.07 -2.24
C LEU A 33 -12.94 4.69 -0.98
N LYS A 34 -13.50 3.86 -0.10
CA LYS A 34 -14.05 4.36 1.13
C LYS A 34 -12.91 4.91 1.99
N LEU A 35 -11.80 4.18 2.04
CA LEU A 35 -10.70 4.58 2.87
C LEU A 35 -9.97 5.79 2.27
N LEU A 36 -9.74 5.72 0.96
CA LEU A 36 -9.02 6.75 0.22
C LEU A 36 -9.73 8.09 0.30
N LYS A 37 -11.01 8.12 -0.01
CA LYS A 37 -11.71 9.39 -0.08
C LYS A 37 -12.08 9.92 1.29
N SER A 38 -11.98 9.08 2.30
CA SER A 38 -12.18 9.56 3.63
C SER A 38 -10.92 10.28 4.16
N VAL A 39 -9.78 10.03 3.52
CA VAL A 39 -8.54 10.65 3.95
C VAL A 39 -8.04 11.70 2.95
N GLY A 40 -8.92 12.10 2.07
CA GLY A 40 -8.60 13.19 1.17
C GLY A 40 -7.95 12.76 -0.12
N ALA A 41 -8.36 11.63 -0.66
CA ALA A 41 -7.87 11.21 -1.97
C ALA A 41 -8.31 12.20 -3.03
N GLN A 42 -7.40 12.59 -3.87
CA GLN A 42 -7.67 13.59 -4.90
C GLN A 42 -7.73 12.94 -6.27
N LYS A 43 -7.50 11.66 -6.30
CA LYS A 43 -7.53 10.89 -7.51
C LYS A 43 -8.33 9.62 -7.27
N ASP A 44 -8.80 9.02 -8.32
CA ASP A 44 -9.59 7.78 -8.21
C ASP A 44 -8.71 6.59 -8.47
N THR A 45 -7.53 6.86 -8.96
CA THR A 45 -6.58 5.87 -9.28
C THR A 45 -5.27 6.27 -8.63
N TYR A 46 -4.47 5.31 -8.25
CA TYR A 46 -3.23 5.56 -7.53
C TYR A 46 -2.23 4.47 -7.84
N THR A 47 -0.97 4.68 -7.52
CA THR A 47 0.01 3.64 -7.71
C THR A 47 0.12 2.85 -6.43
N MET A 48 0.92 1.80 -6.46
CA MET A 48 1.24 0.95 -5.29
C MET A 48 1.63 1.86 -4.11
N LYS A 49 2.50 2.79 -4.38
CA LYS A 49 3.08 3.67 -3.38
C LYS A 49 2.10 4.71 -2.90
N GLU A 50 1.22 5.15 -3.76
CA GLU A 50 0.27 6.17 -3.38
C GLU A 50 -0.80 5.61 -2.46
N VAL A 51 -1.06 4.31 -2.58
CA VAL A 51 -1.96 3.64 -1.66
C VAL A 51 -1.33 3.64 -0.30
N LEU A 52 -0.02 3.29 -0.21
CA LEU A 52 0.73 3.45 1.02
C LEU A 52 0.42 4.78 1.70
N PHE A 53 0.46 5.85 0.95
CA PHE A 53 0.27 7.18 1.55
C PHE A 53 -1.13 7.31 2.14
N TYR A 54 -2.13 7.15 1.33
CA TYR A 54 -3.50 7.35 1.78
C TYR A 54 -4.05 6.21 2.63
N LEU A 55 -3.61 4.98 2.39
CA LEU A 55 -4.10 3.85 3.16
C LEU A 55 -3.62 4.02 4.60
N GLY A 56 -2.39 4.47 4.72
CA GLY A 56 -1.79 4.68 6.01
C GLY A 56 -2.48 5.75 6.79
N GLN A 57 -2.96 6.79 6.09
CA GLN A 57 -3.68 7.87 6.72
C GLN A 57 -4.91 7.34 7.42
N TYR A 58 -5.63 6.49 6.72
CA TYR A 58 -6.88 5.93 7.19
C TYR A 58 -6.69 5.11 8.46
N ILE A 59 -5.67 4.29 8.46
CA ILE A 59 -5.38 3.41 9.59
C ILE A 59 -4.97 4.26 10.78
N MET A 60 -4.21 5.27 10.48
CA MET A 60 -3.63 6.15 11.46
C MET A 60 -4.68 7.06 12.09
N THR A 61 -5.45 7.71 11.25
CA THR A 61 -6.43 8.70 11.69
C THR A 61 -7.52 8.05 12.56
N LYS A 62 -7.85 6.82 12.26
CA LYS A 62 -8.89 6.11 12.98
C LYS A 62 -8.32 5.36 14.14
N ARG A 63 -7.01 5.21 14.12
CA ARG A 63 -6.29 4.45 15.15
C ARG A 63 -6.65 3.00 15.06
N LEU A 64 -6.53 2.46 13.87
CA LEU A 64 -6.85 1.08 13.63
C LEU A 64 -5.63 0.22 13.93
N TYR A 65 -4.56 0.87 14.32
CA TYR A 65 -3.34 0.19 14.69
C TYR A 65 -3.25 0.14 16.20
N ASP A 66 -2.27 -0.55 16.72
CA ASP A 66 -2.13 -0.72 18.15
C ASP A 66 -1.48 0.47 18.79
N GLU A 67 -1.98 0.84 19.93
CA GLU A 67 -1.47 1.96 20.67
C GLU A 67 -0.09 1.67 21.27
N LYS A 68 0.21 0.40 21.56
CA LYS A 68 1.47 0.07 22.22
C LYS A 68 2.50 -0.32 21.16
N GLN A 69 2.03 -0.92 20.09
CA GLN A 69 2.87 -1.40 19.02
C GLN A 69 2.41 -0.84 17.71
N GLN A 70 3.18 0.08 17.17
CA GLN A 70 2.76 0.77 15.97
C GLN A 70 2.90 -0.10 14.72
N HIS A 71 3.80 -1.09 14.76
CA HIS A 71 3.95 -2.06 13.66
C HIS A 71 2.78 -3.05 13.60
N ILE A 72 1.90 -2.97 14.58
CA ILE A 72 0.76 -3.87 14.67
C ILE A 72 -0.50 -3.13 14.33
N VAL A 73 -1.18 -3.60 13.35
CA VAL A 73 -2.41 -3.01 12.97
C VAL A 73 -3.53 -4.00 13.17
N TYR A 74 -4.62 -3.58 13.76
CA TYR A 74 -5.72 -4.50 13.99
C TYR A 74 -6.78 -4.33 12.94
N CYS A 75 -7.43 -3.16 12.93
CA CYS A 75 -8.52 -2.84 12.02
C CYS A 75 -9.67 -3.81 12.21
N SER A 76 -9.80 -4.30 13.43
CA SER A 76 -10.82 -5.26 13.78
C SER A 76 -12.16 -4.53 13.85
N ASN A 77 -12.07 -3.22 13.99
CA ASN A 77 -13.22 -2.34 14.05
C ASN A 77 -13.50 -1.73 12.68
N ASP A 78 -12.89 -2.26 11.65
CA ASP A 78 -13.08 -1.76 10.29
C ASP A 78 -13.14 -2.96 9.35
N LEU A 79 -13.23 -2.72 8.08
CA LEU A 79 -13.38 -3.74 7.08
C LEU A 79 -11.98 -4.17 6.56
N LEU A 80 -11.02 -3.24 6.63
CA LEU A 80 -9.65 -3.39 6.12
C LEU A 80 -8.98 -4.76 6.49
N GLY A 81 -8.77 -4.99 7.77
CA GLY A 81 -8.11 -6.21 8.19
C GLY A 81 -8.93 -7.43 7.89
N ASP A 82 -10.24 -7.29 8.09
CA ASP A 82 -11.20 -8.38 7.85
C ASP A 82 -11.00 -8.93 6.47
N LEU A 83 -10.99 -7.99 5.52
CA LEU A 83 -10.88 -8.15 4.08
C LEU A 83 -9.68 -8.97 3.66
N PHE A 84 -8.55 -8.72 4.29
CA PHE A 84 -7.34 -9.49 3.98
C PHE A 84 -7.52 -10.92 4.47
N GLY A 85 -8.41 -11.03 5.38
CA GLY A 85 -8.78 -12.28 5.96
C GLY A 85 -8.10 -12.45 7.24
N VAL A 86 -7.97 -11.36 7.96
CA VAL A 86 -7.22 -11.39 9.20
C VAL A 86 -7.87 -10.61 10.32
N PRO A 87 -7.55 -10.93 11.60
CA PRO A 87 -8.00 -10.16 12.74
C PRO A 87 -7.12 -8.92 12.93
N SER A 88 -5.91 -8.98 12.37
CA SER A 88 -4.93 -7.94 12.47
C SER A 88 -3.78 -8.23 11.49
N PHE A 89 -2.96 -7.24 11.21
CA PHE A 89 -1.88 -7.38 10.28
C PHE A 89 -0.64 -6.62 10.73
N SER A 90 0.52 -7.07 10.31
CA SER A 90 1.75 -6.43 10.66
C SER A 90 2.28 -5.66 9.48
N VAL A 91 2.74 -4.45 9.72
CA VAL A 91 3.28 -3.61 8.68
C VAL A 91 4.62 -4.13 8.13
N LYS A 92 5.26 -5.05 8.86
CA LYS A 92 6.53 -5.60 8.38
C LYS A 92 6.34 -6.63 7.31
N GLU A 93 5.14 -7.12 7.19
CA GLU A 93 4.82 -8.03 6.14
C GLU A 93 4.48 -7.23 4.91
N HIS A 94 5.51 -6.75 4.35
CA HIS A 94 5.47 -5.81 3.21
C HIS A 94 4.78 -6.44 2.03
N ARG A 95 5.09 -7.71 1.78
CA ARG A 95 4.48 -8.40 0.67
C ARG A 95 3.01 -8.64 0.93
N LYS A 96 2.64 -8.78 2.20
CA LYS A 96 1.24 -8.95 2.56
C LYS A 96 0.51 -7.66 2.32
N ILE A 97 1.20 -6.54 2.53
CA ILE A 97 0.63 -5.23 2.30
C ILE A 97 0.36 -5.08 0.80
N TYR A 98 1.34 -5.48 -0.01
CA TYR A 98 1.21 -5.39 -1.46
C TYR A 98 0.04 -6.23 -1.94
N THR A 99 -0.02 -7.46 -1.46
CA THR A 99 -1.08 -8.37 -1.85
C THR A 99 -2.43 -7.93 -1.31
N MET A 100 -2.42 -7.30 -0.15
CA MET A 100 -3.63 -6.79 0.50
C MET A 100 -4.29 -5.76 -0.39
N ILE A 101 -3.46 -4.97 -1.03
CA ILE A 101 -3.90 -3.92 -1.91
C ILE A 101 -4.22 -4.51 -3.28
N TYR A 102 -3.33 -5.38 -3.75
CA TYR A 102 -3.46 -6.05 -5.04
C TYR A 102 -4.72 -6.93 -5.13
N ARG A 103 -5.10 -7.49 -4.01
CA ARG A 103 -6.29 -8.31 -3.87
C ARG A 103 -7.54 -7.44 -3.96
N ASN A 104 -7.37 -6.18 -3.68
CA ASN A 104 -8.47 -5.27 -3.63
C ASN A 104 -8.45 -4.23 -4.72
N LEU A 105 -7.57 -4.40 -5.64
CA LEU A 105 -7.58 -3.60 -6.83
C LEU A 105 -7.91 -4.53 -7.99
N VAL A 106 -8.32 -3.99 -9.10
CA VAL A 106 -8.65 -4.85 -10.20
C VAL A 106 -7.64 -4.74 -11.33
N VAL A 107 -7.19 -5.86 -11.77
CA VAL A 107 -6.24 -5.95 -12.84
C VAL A 107 -6.86 -6.60 -14.06
N ASP B 1 9.55 -3.55 20.13
CA ASP B 1 10.63 -3.40 19.16
C ASP B 1 10.20 -2.58 17.98
N GLY B 2 8.97 -2.62 17.72
CA GLY B 2 8.42 -1.88 16.63
C GLY B 2 7.70 -0.65 17.11
N GLY B 3 8.41 0.16 17.88
CA GLY B 3 7.87 1.38 18.43
C GLY B 3 8.13 2.56 17.54
N THR B 4 8.67 2.29 16.38
CA THR B 4 8.91 3.28 15.37
C THR B 4 7.56 3.78 14.89
N THR B 5 7.46 5.06 14.63
CA THR B 5 6.20 5.67 14.33
C THR B 5 5.56 5.13 13.06
N PHE B 6 4.26 4.85 13.16
CA PHE B 6 3.45 4.35 12.08
C PHE B 6 3.51 5.30 10.90
N GLU B 7 3.70 6.57 11.20
CA GLU B 7 3.81 7.63 10.21
C GLU B 7 5.01 7.41 9.32
N HIS B 8 6.02 6.74 9.85
CA HIS B 8 7.26 6.61 9.15
C HIS B 8 7.37 5.28 8.44
N LEU B 9 7.20 4.21 9.19
CA LEU B 9 7.49 2.87 8.64
C LEU B 9 6.48 2.40 7.58
N TRP B 10 5.25 2.87 7.66
CA TRP B 10 4.23 2.48 6.70
C TRP B 10 4.49 3.19 5.39
N SER B 11 4.84 4.44 5.49
CA SER B 11 5.12 5.27 4.35
C SER B 11 6.43 4.83 3.67
N SER B 12 7.17 3.96 4.33
CA SER B 12 8.46 3.54 3.88
C SER B 12 8.48 2.04 3.56
N LEU B 13 7.33 1.38 3.49
CA LEU B 13 7.32 -0.07 3.28
C LEU B 13 7.34 -0.48 1.81
N GLU B 14 7.64 0.49 0.97
CA GLU B 14 7.74 0.30 -0.47
C GLU B 14 8.99 -0.55 -0.78
N PRO B 15 9.03 -1.21 -1.94
CA PRO B 15 10.17 -2.02 -2.31
C PRO B 15 11.38 -1.16 -2.65
N ASP B 16 11.30 -0.45 -3.76
CA ASP B 16 12.34 0.43 -4.22
C ASP B 16 11.85 1.17 -5.44
N ASN A 1 10.37 -12.51 -39.46
CA ASN A 1 9.61 -13.75 -39.34
C ASN A 1 10.48 -14.94 -39.71
N THR A 2 10.85 -15.06 -40.95
CA THR A 2 11.57 -16.22 -41.40
C THR A 2 13.04 -15.90 -41.78
N ASN A 3 13.44 -14.65 -41.67
CA ASN A 3 14.79 -14.29 -42.09
C ASN A 3 15.79 -14.23 -40.94
N MET A 4 16.07 -13.03 -40.44
CA MET A 4 17.05 -12.90 -39.37
C MET A 4 16.36 -12.94 -38.04
N SER A 5 15.34 -12.14 -37.90
CA SER A 5 14.56 -12.11 -36.71
C SER A 5 13.40 -13.09 -36.85
N VAL A 6 13.49 -14.17 -36.13
CA VAL A 6 12.49 -15.20 -36.17
C VAL A 6 11.69 -15.18 -34.86
N PRO A 7 10.43 -15.66 -34.88
CA PRO A 7 9.57 -15.66 -33.68
C PRO A 7 10.14 -16.54 -32.59
N THR A 8 10.67 -17.66 -32.97
CA THR A 8 11.27 -18.56 -32.06
C THR A 8 12.55 -19.08 -32.69
N ASP A 9 13.67 -18.66 -32.14
CA ASP A 9 14.99 -19.07 -32.63
C ASP A 9 15.24 -20.52 -32.29
N GLY A 10 14.71 -20.92 -31.17
CA GLY A 10 14.85 -22.27 -30.73
C GLY A 10 15.73 -22.35 -29.54
N ALA A 11 16.78 -21.57 -29.56
CA ALA A 11 17.72 -21.53 -28.48
C ALA A 11 17.62 -20.20 -27.79
N VAL A 12 17.32 -20.20 -26.53
CA VAL A 12 17.25 -18.98 -25.80
C VAL A 12 18.56 -18.68 -25.09
N THR A 13 19.19 -17.61 -25.48
CA THR A 13 20.36 -17.16 -24.81
C THR A 13 19.89 -16.46 -23.56
N THR A 14 19.00 -15.55 -23.76
CA THR A 14 18.36 -14.85 -22.70
C THR A 14 16.90 -15.31 -22.68
N SER A 15 16.57 -16.17 -21.75
CA SER A 15 15.24 -16.73 -21.65
C SER A 15 14.28 -15.73 -21.03
N GLN A 16 14.77 -14.95 -20.09
CA GLN A 16 13.93 -13.98 -19.45
C GLN A 16 13.88 -12.72 -20.27
N ILE A 17 12.71 -12.17 -20.37
CA ILE A 17 12.52 -10.98 -21.15
C ILE A 17 12.40 -9.80 -20.21
N PRO A 18 13.14 -8.72 -20.48
CA PRO A 18 13.10 -7.52 -19.66
C PRO A 18 11.70 -6.92 -19.62
N ALA A 19 11.17 -6.83 -18.44
CA ALA A 19 9.85 -6.30 -18.25
C ALA A 19 9.93 -4.81 -18.06
N SER A 20 8.87 -4.12 -18.32
CA SER A 20 8.84 -2.71 -18.13
C SER A 20 8.01 -2.40 -16.90
N GLU A 21 8.68 -2.23 -15.79
CA GLU A 21 8.02 -1.96 -14.54
C GLU A 21 7.71 -0.48 -14.46
N GLN A 22 6.56 -0.14 -14.94
CA GLN A 22 6.09 1.23 -14.93
C GLN A 22 5.17 1.38 -13.75
N GLU A 23 5.03 2.60 -13.27
CA GLU A 23 4.21 2.89 -12.11
C GLU A 23 2.75 2.54 -12.42
N THR A 24 2.31 1.45 -11.85
CA THR A 24 1.01 0.93 -12.11
C THR A 24 -0.04 1.58 -11.24
N LEU A 25 -1.01 2.18 -11.88
CA LEU A 25 -2.15 2.74 -11.19
C LEU A 25 -3.07 1.60 -10.87
N VAL A 26 -3.51 1.54 -9.67
CA VAL A 26 -4.36 0.45 -9.23
C VAL A 26 -5.81 0.89 -9.23
N ARG A 27 -6.71 -0.07 -9.38
CA ARG A 27 -8.14 0.23 -9.38
C ARG A 27 -8.71 -0.08 -8.01
N PRO A 28 -9.16 0.93 -7.27
CA PRO A 28 -9.64 0.75 -5.91
C PRO A 28 -11.11 0.29 -5.80
N LYS A 29 -11.31 -0.80 -5.06
CA LYS A 29 -12.65 -1.31 -4.72
C LYS A 29 -13.32 -0.36 -3.69
N PRO A 30 -14.67 -0.51 -3.43
CA PRO A 30 -15.43 0.33 -2.47
C PRO A 30 -14.78 0.42 -1.09
N LEU A 31 -14.12 -0.65 -0.68
CA LEU A 31 -13.44 -0.71 0.60
C LEU A 31 -12.34 0.36 0.63
N LEU A 32 -11.59 0.39 -0.43
CA LEU A 32 -10.53 1.35 -0.56
C LEU A 32 -11.12 2.72 -0.81
N LEU A 33 -12.14 2.79 -1.66
CA LEU A 33 -12.82 4.05 -1.97
C LEU A 33 -13.34 4.75 -0.73
N LYS A 34 -13.89 3.98 0.21
CA LYS A 34 -14.42 4.57 1.42
C LYS A 34 -13.28 5.19 2.23
N LEU A 35 -12.18 4.48 2.35
CA LEU A 35 -11.08 4.97 3.15
C LEU A 35 -10.36 6.13 2.43
N LEU A 36 -10.16 5.98 1.13
CA LEU A 36 -9.46 6.94 0.30
C LEU A 36 -10.13 8.29 0.30
N LYS A 37 -11.39 8.31 -0.03
CA LYS A 37 -12.05 9.56 -0.19
C LYS A 37 -12.45 10.19 1.13
N SER A 38 -12.34 9.42 2.20
CA SER A 38 -12.54 9.99 3.51
C SER A 38 -11.22 10.60 4.03
N VAL A 39 -10.11 10.32 3.34
CA VAL A 39 -8.82 10.88 3.76
C VAL A 39 -8.28 11.89 2.77
N GLY A 40 -9.06 12.18 1.74
CA GLY A 40 -8.68 13.23 0.83
C GLY A 40 -8.12 12.73 -0.49
N ALA A 41 -8.54 11.57 -0.93
CA ALA A 41 -8.10 11.07 -2.23
C ALA A 41 -8.95 11.68 -3.33
N GLN A 42 -8.35 12.55 -4.09
CA GLN A 42 -9.04 13.24 -5.16
C GLN A 42 -8.91 12.47 -6.46
N LYS A 43 -7.87 11.68 -6.54
CA LYS A 43 -7.60 10.89 -7.70
C LYS A 43 -8.33 9.57 -7.58
N ASP A 44 -8.88 9.11 -8.68
CA ASP A 44 -9.57 7.83 -8.71
C ASP A 44 -8.61 6.73 -9.08
N THR A 45 -7.40 7.12 -9.39
CA THR A 45 -6.34 6.21 -9.70
C THR A 45 -5.07 6.64 -9.01
N TYR A 46 -4.33 5.69 -8.54
CA TYR A 46 -3.15 5.96 -7.76
C TYR A 46 -2.27 4.72 -7.78
N THR A 47 -0.99 4.89 -7.54
CA THR A 47 -0.08 3.79 -7.61
C THR A 47 0.06 3.08 -6.27
N MET A 48 0.86 2.02 -6.25
CA MET A 48 1.18 1.20 -5.06
C MET A 48 1.60 2.12 -3.90
N LYS A 49 2.52 3.01 -4.20
CA LYS A 49 3.08 3.95 -3.21
C LYS A 49 2.06 4.95 -2.73
N GLU A 50 1.13 5.28 -3.57
CA GLU A 50 0.11 6.23 -3.22
C GLU A 50 -0.91 5.60 -2.30
N VAL A 51 -1.01 4.28 -2.36
CA VAL A 51 -1.86 3.56 -1.42
C VAL A 51 -1.24 3.73 -0.06
N LEU A 52 0.07 3.54 0.05
CA LEU A 52 0.81 3.83 1.27
C LEU A 52 0.44 5.21 1.83
N PHE A 53 0.33 6.18 0.95
CA PHE A 53 -0.01 7.53 1.38
C PHE A 53 -1.40 7.59 1.99
N TYR A 54 -2.39 7.31 1.18
CA TYR A 54 -3.77 7.48 1.58
C TYR A 54 -4.28 6.39 2.52
N LEU A 55 -3.82 5.16 2.31
CA LEU A 55 -4.28 4.06 3.14
C LEU A 55 -3.74 4.27 4.56
N GLY A 56 -2.53 4.79 4.61
CA GLY A 56 -1.89 5.07 5.88
C GLY A 56 -2.61 6.14 6.65
N GLN A 57 -3.17 7.12 5.92
CA GLN A 57 -3.92 8.21 6.52
C GLN A 57 -5.06 7.63 7.33
N TYR A 58 -5.82 6.75 6.69
CA TYR A 58 -7.01 6.17 7.27
C TYR A 58 -6.72 5.34 8.51
N ILE A 59 -5.68 4.53 8.46
CA ILE A 59 -5.35 3.63 9.57
C ILE A 59 -4.91 4.48 10.75
N MET A 60 -4.15 5.49 10.45
CA MET A 60 -3.57 6.33 11.46
C MET A 60 -4.61 7.26 12.09
N THR A 61 -5.40 7.89 11.26
CA THR A 61 -6.37 8.90 11.72
C THR A 61 -7.50 8.28 12.55
N LYS A 62 -7.81 7.02 12.28
CA LYS A 62 -8.85 6.33 12.99
C LYS A 62 -8.26 5.53 14.12
N ARG A 63 -6.95 5.43 14.08
CA ARG A 63 -6.15 4.71 15.08
C ARG A 63 -6.51 3.24 15.05
N LEU A 64 -6.39 2.64 13.89
CA LEU A 64 -6.75 1.24 13.71
C LEU A 64 -5.56 0.33 14.03
N TYR A 65 -4.53 0.91 14.56
CA TYR A 65 -3.31 0.20 14.89
C TYR A 65 -3.16 0.13 16.41
N ASP A 66 -2.14 -0.55 16.88
CA ASP A 66 -1.88 -0.62 18.31
C ASP A 66 -1.10 0.60 18.70
N GLU A 67 -1.49 1.25 19.75
CA GLU A 67 -0.82 2.49 20.11
C GLU A 67 0.55 2.24 20.77
N LYS A 68 0.81 1.02 21.18
CA LYS A 68 2.06 0.71 21.83
C LYS A 68 2.91 -0.11 20.87
N GLN A 69 2.24 -0.88 20.05
CA GLN A 69 2.90 -1.72 19.06
C GLN A 69 2.68 -1.09 17.69
N GLN A 70 3.58 -0.24 17.30
CA GLN A 70 3.45 0.54 16.07
C GLN A 70 3.37 -0.33 14.79
N HIS A 71 4.07 -1.46 14.75
CA HIS A 71 4.00 -2.31 13.55
C HIS A 71 2.81 -3.27 13.60
N ILE A 72 2.04 -3.17 14.64
CA ILE A 72 0.89 -4.01 14.83
C ILE A 72 -0.36 -3.21 14.57
N VAL A 73 -1.11 -3.63 13.62
CA VAL A 73 -2.30 -2.96 13.30
C VAL A 73 -3.45 -3.91 13.52
N TYR A 74 -4.56 -3.43 14.01
CA TYR A 74 -5.65 -4.31 14.26
C TYR A 74 -6.66 -4.30 13.14
N CYS A 75 -7.38 -3.18 12.99
CA CYS A 75 -8.41 -3.04 11.96
C CYS A 75 -9.45 -4.17 12.05
N SER A 76 -9.67 -4.63 13.27
CA SER A 76 -10.54 -5.75 13.55
C SER A 76 -12.01 -5.42 13.24
N ASN A 77 -12.33 -4.14 13.26
CA ASN A 77 -13.67 -3.67 12.97
C ASN A 77 -13.80 -3.33 11.48
N ASP A 78 -12.70 -3.43 10.75
CA ASP A 78 -12.71 -3.10 9.34
C ASP A 78 -12.32 -4.36 8.53
N LEU A 79 -12.33 -4.25 7.22
CA LEU A 79 -12.04 -5.38 6.35
C LEU A 79 -10.52 -5.39 6.02
N LEU A 80 -9.86 -4.28 6.31
CA LEU A 80 -8.42 -4.08 6.07
C LEU A 80 -7.58 -5.28 6.64
N GLY A 81 -7.74 -5.52 7.94
CA GLY A 81 -7.03 -6.61 8.58
C GLY A 81 -7.47 -7.94 8.03
N ASP A 82 -8.75 -8.02 7.70
CA ASP A 82 -9.33 -9.22 7.15
C ASP A 82 -8.64 -9.59 5.87
N LEU A 83 -8.38 -8.57 5.03
CA LEU A 83 -7.65 -8.70 3.74
C LEU A 83 -6.29 -9.36 3.89
N PHE A 84 -5.59 -9.07 4.98
CA PHE A 84 -4.31 -9.76 5.30
C PHE A 84 -4.60 -11.23 5.52
N GLY A 85 -5.79 -11.46 5.92
CA GLY A 85 -6.32 -12.78 6.17
C GLY A 85 -6.35 -13.07 7.62
N VAL A 86 -6.67 -12.05 8.39
CA VAL A 86 -6.62 -12.12 9.88
C VAL A 86 -7.56 -11.08 10.51
N PRO A 87 -7.65 -11.00 11.86
CA PRO A 87 -8.34 -9.91 12.52
C PRO A 87 -7.38 -8.77 12.92
N SER A 88 -6.07 -8.99 12.71
CA SER A 88 -5.04 -7.98 13.01
C SER A 88 -3.81 -8.25 12.20
N PHE A 89 -3.20 -7.23 11.66
CA PHE A 89 -2.16 -7.44 10.69
C PHE A 89 -0.86 -6.73 11.07
N SER A 90 0.21 -7.17 10.47
CA SER A 90 1.51 -6.60 10.69
C SER A 90 1.97 -5.89 9.43
N VAL A 91 2.40 -4.66 9.58
CA VAL A 91 2.89 -3.86 8.45
C VAL A 91 4.22 -4.38 7.93
N LYS A 92 4.92 -5.15 8.76
CA LYS A 92 6.23 -5.67 8.42
C LYS A 92 6.17 -6.76 7.38
N GLU A 93 5.00 -7.23 7.06
CA GLU A 93 4.89 -8.19 6.04
C GLU A 93 4.53 -7.46 4.77
N HIS A 94 5.54 -6.98 4.15
CA HIS A 94 5.46 -6.08 3.00
C HIS A 94 4.80 -6.73 1.83
N ARG A 95 5.08 -8.01 1.62
CA ARG A 95 4.48 -8.73 0.48
C ARG A 95 2.99 -8.88 0.71
N LYS A 96 2.59 -8.95 1.97
CA LYS A 96 1.18 -9.05 2.33
C LYS A 96 0.49 -7.73 2.11
N ILE A 97 1.21 -6.65 2.34
CA ILE A 97 0.70 -5.32 2.11
C ILE A 97 0.35 -5.17 0.65
N TYR A 98 1.29 -5.54 -0.21
CA TYR A 98 1.09 -5.44 -1.65
C TYR A 98 -0.05 -6.33 -2.09
N THR A 99 -0.10 -7.51 -1.53
CA THR A 99 -1.09 -8.48 -1.94
C THR A 99 -2.49 -8.16 -1.42
N MET A 100 -2.61 -7.57 -0.23
CA MET A 100 -3.93 -7.20 0.29
C MET A 100 -4.52 -6.10 -0.58
N ILE A 101 -3.65 -5.26 -1.12
CA ILE A 101 -4.05 -4.18 -1.98
C ILE A 101 -4.33 -4.72 -3.39
N TYR A 102 -3.45 -5.62 -3.83
CA TYR A 102 -3.59 -6.29 -5.12
C TYR A 102 -4.89 -7.11 -5.20
N ARG A 103 -5.28 -7.63 -4.06
CA ARG A 103 -6.52 -8.39 -3.89
C ARG A 103 -7.74 -7.45 -4.06
N ASN A 104 -7.49 -6.17 -4.09
CA ASN A 104 -8.53 -5.17 -4.22
C ASN A 104 -8.44 -4.38 -5.50
N LEU A 105 -7.57 -4.78 -6.38
CA LEU A 105 -7.47 -4.13 -7.65
C LEU A 105 -7.89 -5.10 -8.75
N VAL A 106 -7.88 -4.65 -9.98
CA VAL A 106 -8.36 -5.45 -11.08
C VAL A 106 -7.19 -6.06 -11.85
N VAL A 107 -7.11 -7.38 -11.82
CA VAL A 107 -6.13 -8.16 -12.56
C VAL A 107 -6.75 -9.48 -13.00
N ASP B 1 14.96 3.97 6.18
CA ASP B 1 14.63 2.62 6.68
C ASP B 1 14.16 2.72 8.14
N GLY B 2 13.74 3.91 8.53
CA GLY B 2 13.35 4.16 9.86
C GLY B 2 11.94 3.75 10.09
N GLY B 3 11.81 2.78 10.89
CA GLY B 3 10.52 2.30 11.28
C GLY B 3 9.92 3.12 12.41
N THR B 4 10.35 2.80 13.62
CA THR B 4 9.94 3.46 14.88
C THR B 4 8.41 3.59 15.12
N THR B 5 7.80 4.59 14.52
CA THR B 5 6.40 4.90 14.70
C THR B 5 5.60 4.50 13.44
N PHE B 6 4.32 4.13 13.61
CA PHE B 6 3.45 3.67 12.51
C PHE B 6 3.49 4.62 11.30
N GLU B 7 3.40 5.89 11.58
CA GLU B 7 3.45 6.94 10.57
C GLU B 7 4.69 6.82 9.69
N HIS B 8 5.78 6.51 10.33
CA HIS B 8 7.06 6.46 9.68
C HIS B 8 7.21 5.13 8.95
N LEU B 9 6.96 4.06 9.67
CA LEU B 9 7.16 2.72 9.16
C LEU B 9 6.23 2.30 8.01
N TRP B 10 5.00 2.81 8.00
CA TRP B 10 4.04 2.48 6.95
C TRP B 10 4.44 3.19 5.67
N SER B 11 5.00 4.34 5.83
CA SER B 11 5.42 5.14 4.74
C SER B 11 6.80 4.69 4.23
N SER B 12 7.36 3.70 4.88
CA SER B 12 8.67 3.21 4.58
C SER B 12 8.64 1.75 4.14
N LEU B 13 7.48 1.26 3.72
CA LEU B 13 7.38 -0.15 3.43
C LEU B 13 7.47 -0.45 1.94
N GLU B 14 7.78 0.56 1.17
CA GLU B 14 7.93 0.38 -0.25
C GLU B 14 9.34 -0.16 -0.56
N PRO B 15 9.53 -0.86 -1.68
CA PRO B 15 10.84 -1.38 -2.05
C PRO B 15 11.75 -0.31 -2.62
N ASP B 16 11.28 0.33 -3.64
CA ASP B 16 12.03 1.29 -4.38
C ASP B 16 11.07 2.13 -5.13
N ASN A 1 -6.85 -23.20 -36.03
CA ASN A 1 -5.63 -22.68 -35.40
C ASN A 1 -5.72 -22.73 -33.89
N THR A 2 -5.19 -23.79 -33.29
CA THR A 2 -5.08 -23.84 -31.83
C THR A 2 -3.85 -23.02 -31.46
N ASN A 3 -2.91 -23.03 -32.35
CA ASN A 3 -1.72 -22.24 -32.28
C ASN A 3 -1.79 -21.37 -33.50
N MET A 4 -1.33 -20.16 -33.42
CA MET A 4 -1.52 -19.25 -34.53
C MET A 4 -0.50 -19.37 -35.62
N SER A 5 -0.91 -20.04 -36.68
CA SER A 5 -0.14 -20.14 -37.88
C SER A 5 -0.18 -18.78 -38.59
N VAL A 6 0.92 -18.09 -38.60
CA VAL A 6 0.99 -16.78 -39.17
C VAL A 6 1.81 -16.81 -40.47
N PRO A 7 1.57 -15.84 -41.36
CA PRO A 7 2.34 -15.68 -42.61
C PRO A 7 3.84 -15.62 -42.35
N THR A 8 4.62 -15.94 -43.35
CA THR A 8 6.04 -15.97 -43.25
C THR A 8 6.65 -14.60 -43.43
N ASP A 9 6.71 -13.87 -42.35
CA ASP A 9 7.31 -12.55 -42.38
C ASP A 9 8.64 -12.60 -41.71
N GLY A 10 8.66 -13.17 -40.51
CA GLY A 10 9.87 -13.19 -39.71
C GLY A 10 10.30 -11.79 -39.41
N ALA A 11 9.33 -10.96 -39.09
CA ALA A 11 9.57 -9.56 -38.91
C ALA A 11 9.19 -9.12 -37.52
N VAL A 12 10.08 -9.33 -36.62
CA VAL A 12 9.95 -8.87 -35.27
C VAL A 12 11.16 -8.01 -34.94
N THR A 13 11.02 -6.75 -35.27
CA THR A 13 12.08 -5.78 -35.07
C THR A 13 12.33 -5.56 -33.58
N THR A 14 11.29 -5.23 -32.87
CA THR A 14 11.33 -5.12 -31.46
C THR A 14 11.13 -6.51 -30.89
N SER A 15 12.18 -7.06 -30.30
CA SER A 15 12.13 -8.40 -29.78
C SER A 15 11.35 -8.46 -28.47
N GLN A 16 11.37 -7.39 -27.72
CA GLN A 16 10.68 -7.34 -26.44
C GLN A 16 9.34 -6.69 -26.56
N ILE A 17 8.33 -7.48 -26.64
CA ILE A 17 6.99 -6.98 -26.64
C ILE A 17 6.43 -7.21 -25.24
N PRO A 18 6.05 -6.16 -24.54
CA PRO A 18 5.54 -6.26 -23.19
C PRO A 18 4.16 -6.90 -23.14
N ALA A 19 4.06 -7.97 -22.43
CA ALA A 19 2.80 -8.64 -22.25
C ALA A 19 2.31 -8.40 -20.84
N SER A 20 3.24 -8.43 -19.90
CA SER A 20 2.94 -8.19 -18.53
C SER A 20 2.96 -6.68 -18.26
N GLU A 21 1.79 -6.13 -17.96
CA GLU A 21 1.70 -4.72 -17.68
C GLU A 21 2.29 -4.43 -16.31
N GLN A 22 3.05 -3.40 -16.23
CA GLN A 22 3.76 -3.06 -15.04
C GLN A 22 2.95 -2.10 -14.18
N GLU A 23 2.99 -2.34 -12.88
CA GLU A 23 2.22 -1.60 -11.88
C GLU A 23 2.57 -0.11 -11.87
N THR A 24 1.58 0.72 -12.04
CA THR A 24 1.78 2.14 -11.95
C THR A 24 0.61 2.74 -11.17
N LEU A 25 -0.54 2.78 -11.77
CA LEU A 25 -1.72 3.24 -11.09
C LEU A 25 -2.57 2.07 -10.72
N VAL A 26 -3.11 2.11 -9.55
CA VAL A 26 -3.97 1.08 -9.09
C VAL A 26 -5.40 1.57 -9.15
N ARG A 27 -6.28 0.67 -9.47
CA ARG A 27 -7.68 0.97 -9.53
C ARG A 27 -8.35 0.24 -8.37
N PRO A 28 -8.56 0.92 -7.24
CA PRO A 28 -9.09 0.30 -6.05
C PRO A 28 -10.59 0.04 -6.10
N LYS A 29 -11.00 -1.01 -5.43
CA LYS A 29 -12.40 -1.35 -5.26
C LYS A 29 -13.04 -0.35 -4.28
N PRO A 30 -14.41 -0.25 -4.24
CA PRO A 30 -15.17 0.71 -3.38
C PRO A 30 -14.74 0.71 -1.91
N LEU A 31 -14.21 -0.41 -1.47
CA LEU A 31 -13.76 -0.60 -0.11
C LEU A 31 -12.54 0.29 0.17
N LEU A 32 -11.56 0.20 -0.69
CA LEU A 32 -10.37 1.02 -0.54
C LEU A 32 -10.72 2.44 -0.85
N LEU A 33 -11.62 2.63 -1.79
CA LEU A 33 -12.10 3.94 -2.14
C LEU A 33 -12.79 4.62 -0.96
N LYS A 34 -13.51 3.85 -0.13
CA LYS A 34 -14.21 4.46 1.00
C LYS A 34 -13.19 5.02 1.98
N LEU A 35 -12.08 4.30 2.17
CA LEU A 35 -11.07 4.78 3.10
C LEU A 35 -10.32 5.94 2.47
N LEU A 36 -10.05 5.84 1.17
CA LEU A 36 -9.34 6.85 0.43
C LEU A 36 -10.12 8.16 0.40
N LYS A 37 -11.40 8.10 0.06
CA LYS A 37 -12.19 9.31 -0.06
C LYS A 37 -12.40 9.95 1.30
N SER A 38 -12.31 9.13 2.36
CA SER A 38 -12.41 9.65 3.70
C SER A 38 -11.15 10.44 4.08
N VAL A 39 -10.01 10.04 3.57
CA VAL A 39 -8.74 10.66 3.94
C VAL A 39 -8.27 11.71 2.96
N GLY A 40 -9.15 12.15 2.11
CA GLY A 40 -8.81 13.24 1.23
C GLY A 40 -8.31 12.80 -0.12
N ALA A 41 -8.81 11.71 -0.63
CA ALA A 41 -8.42 11.27 -1.94
C ALA A 41 -9.20 12.06 -2.98
N GLN A 42 -8.49 12.86 -3.72
CA GLN A 42 -9.09 13.71 -4.73
C GLN A 42 -9.21 12.97 -6.05
N LYS A 43 -8.44 11.93 -6.20
CA LYS A 43 -8.36 11.19 -7.43
C LYS A 43 -8.94 9.80 -7.24
N ASP A 44 -9.11 9.07 -8.32
CA ASP A 44 -9.62 7.69 -8.25
C ASP A 44 -8.53 6.71 -8.61
N THR A 45 -7.41 7.23 -9.01
CA THR A 45 -6.28 6.42 -9.34
C THR A 45 -5.07 6.92 -8.61
N TYR A 46 -4.32 5.99 -8.10
CA TYR A 46 -3.17 6.30 -7.30
C TYR A 46 -2.11 5.28 -7.52
N THR A 47 -0.90 5.61 -7.19
CA THR A 47 0.18 4.66 -7.26
C THR A 47 0.20 3.90 -5.95
N MET A 48 0.92 2.79 -5.87
CA MET A 48 1.01 2.06 -4.63
C MET A 48 1.51 2.91 -3.50
N LYS A 49 2.48 3.78 -3.79
CA LYS A 49 3.05 4.71 -2.79
C LYS A 49 1.95 5.57 -2.20
N GLU A 50 1.00 5.93 -3.02
CA GLU A 50 -0.08 6.75 -2.61
C GLU A 50 -1.07 5.98 -1.77
N VAL A 51 -1.13 4.67 -1.97
CA VAL A 51 -1.94 3.85 -1.11
C VAL A 51 -1.29 3.87 0.25
N LEU A 52 0.03 3.66 0.29
CA LEU A 52 0.81 3.86 1.48
C LEU A 52 0.48 5.21 2.14
N PHE A 53 0.40 6.25 1.36
CA PHE A 53 0.11 7.56 1.93
C PHE A 53 -1.29 7.63 2.52
N TYR A 54 -2.29 7.41 1.70
CA TYR A 54 -3.66 7.59 2.10
C TYR A 54 -4.20 6.45 2.97
N LEU A 55 -3.80 5.21 2.69
CA LEU A 55 -4.29 4.07 3.46
C LEU A 55 -3.72 4.18 4.87
N GLY A 56 -2.47 4.63 4.93
CA GLY A 56 -1.79 4.81 6.20
C GLY A 56 -2.44 5.87 7.02
N GLN A 57 -3.00 6.90 6.36
CA GLN A 57 -3.71 7.95 7.06
C GLN A 57 -4.86 7.34 7.79
N TYR A 58 -5.71 6.63 7.04
CA TYR A 58 -6.95 6.08 7.55
C TYR A 58 -6.76 5.23 8.79
N ILE A 59 -5.79 4.35 8.74
CA ILE A 59 -5.57 3.41 9.81
C ILE A 59 -5.11 4.15 11.05
N MET A 60 -4.24 5.08 10.84
CA MET A 60 -3.64 5.81 11.91
C MET A 60 -4.56 6.88 12.49
N THR A 61 -5.15 7.67 11.62
CA THR A 61 -5.93 8.83 12.02
C THR A 61 -7.25 8.42 12.69
N LYS A 62 -7.80 7.28 12.29
CA LYS A 62 -9.04 6.82 12.88
C LYS A 62 -8.74 5.87 14.01
N ARG A 63 -7.48 5.44 14.04
CA ARG A 63 -6.98 4.54 15.07
C ARG A 63 -7.48 3.13 14.93
N LEU A 64 -7.04 2.48 13.89
CA LEU A 64 -7.28 1.07 13.70
C LEU A 64 -5.98 0.35 13.99
N TYR A 65 -5.05 1.11 14.51
CA TYR A 65 -3.72 0.66 14.79
C TYR A 65 -3.57 0.39 16.28
N ASP A 66 -2.43 -0.14 16.68
CA ASP A 66 -2.17 -0.32 18.08
C ASP A 66 -1.74 1.00 18.70
N GLU A 67 -1.97 1.09 19.97
CA GLU A 67 -1.73 2.26 20.78
C GLU A 67 -0.23 2.44 21.01
N LYS A 68 0.45 1.34 21.25
CA LYS A 68 1.82 1.35 21.64
C LYS A 68 2.76 0.77 20.59
N GLN A 69 2.27 -0.17 19.79
CA GLN A 69 3.10 -0.80 18.81
C GLN A 69 2.90 -0.19 17.44
N GLN A 70 3.99 0.18 16.83
CA GLN A 70 3.98 0.83 15.54
C GLN A 70 3.91 -0.16 14.41
N HIS A 71 4.18 -1.44 14.67
CA HIS A 71 3.95 -2.45 13.63
C HIS A 71 2.64 -3.28 13.77
N ILE A 72 1.85 -3.03 14.78
CA ILE A 72 0.64 -3.84 15.01
C ILE A 72 -0.63 -3.12 14.58
N VAL A 73 -1.28 -3.64 13.57
CA VAL A 73 -2.50 -3.07 13.09
C VAL A 73 -3.61 -4.01 13.47
N TYR A 74 -4.74 -3.48 13.78
CA TYR A 74 -5.89 -4.29 14.08
C TYR A 74 -6.89 -4.23 12.96
N CYS A 75 -7.52 -3.06 12.80
CA CYS A 75 -8.55 -2.84 11.78
C CYS A 75 -9.71 -3.82 11.93
N SER A 76 -9.95 -4.24 13.16
CA SER A 76 -10.99 -5.19 13.47
C SER A 76 -12.34 -4.45 13.44
N ASN A 77 -12.25 -3.16 13.68
CA ASN A 77 -13.38 -2.25 13.67
C ASN A 77 -13.77 -1.89 12.23
N ASP A 78 -12.87 -2.16 11.29
CA ASP A 78 -13.10 -1.82 9.90
C ASP A 78 -13.19 -3.11 9.07
N LEU A 79 -13.43 -2.97 7.80
CA LEU A 79 -13.61 -4.08 6.92
C LEU A 79 -12.26 -4.48 6.28
N LEU A 80 -11.31 -3.50 6.15
CA LEU A 80 -10.02 -3.74 5.42
C LEU A 80 -9.26 -4.99 5.92
N GLY A 81 -9.19 -5.16 7.24
CA GLY A 81 -8.46 -6.28 7.79
C GLY A 81 -9.19 -7.55 7.54
N ASP A 82 -10.48 -7.51 7.82
CA ASP A 82 -11.36 -8.65 7.68
C ASP A 82 -11.30 -9.14 6.25
N LEU A 83 -11.27 -8.18 5.33
CA LEU A 83 -11.19 -8.31 3.88
C LEU A 83 -10.00 -9.15 3.45
N PHE A 84 -8.86 -8.94 4.10
CA PHE A 84 -7.66 -9.73 3.79
C PHE A 84 -7.86 -11.14 4.31
N GLY A 85 -8.82 -11.24 5.16
CA GLY A 85 -9.23 -12.50 5.73
C GLY A 85 -8.67 -12.66 7.08
N VAL A 86 -8.52 -11.55 7.77
CA VAL A 86 -7.88 -11.55 9.08
C VAL A 86 -8.53 -10.57 10.06
N PRO A 87 -8.30 -10.75 11.37
CA PRO A 87 -8.82 -9.82 12.37
C PRO A 87 -7.88 -8.64 12.62
N SER A 88 -6.64 -8.78 12.19
CA SER A 88 -5.60 -7.78 12.40
C SER A 88 -4.45 -8.05 11.42
N PHE A 89 -3.43 -7.20 11.38
CA PHE A 89 -2.31 -7.43 10.46
C PHE A 89 -1.07 -6.70 10.95
N SER A 90 0.09 -7.13 10.53
CA SER A 90 1.31 -6.48 10.93
C SER A 90 2.12 -6.02 9.70
N VAL A 91 2.50 -4.72 9.69
CA VAL A 91 3.16 -4.07 8.57
C VAL A 91 4.53 -4.66 8.13
N LYS A 92 5.18 -5.48 8.96
CA LYS A 92 6.49 -6.06 8.56
C LYS A 92 6.34 -7.12 7.49
N GLU A 93 5.14 -7.61 7.31
CA GLU A 93 4.87 -8.57 6.28
C GLU A 93 4.52 -7.83 5.02
N HIS A 94 5.54 -7.37 4.40
CA HIS A 94 5.50 -6.45 3.28
C HIS A 94 4.79 -7.01 2.07
N ARG A 95 5.02 -8.28 1.73
CA ARG A 95 4.36 -8.86 0.57
C ARG A 95 2.88 -9.02 0.81
N LYS A 96 2.51 -9.21 2.06
CA LYS A 96 1.10 -9.31 2.41
C LYS A 96 0.45 -7.97 2.32
N ILE A 97 1.22 -6.92 2.52
CA ILE A 97 0.72 -5.58 2.38
C ILE A 97 0.40 -5.33 0.90
N TYR A 98 1.32 -5.72 0.03
CA TYR A 98 1.15 -5.51 -1.42
C TYR A 98 -0.03 -6.28 -1.92
N THR A 99 -0.14 -7.51 -1.49
CA THR A 99 -1.18 -8.37 -1.94
C THR A 99 -2.53 -7.99 -1.35
N MET A 100 -2.50 -7.39 -0.18
CA MET A 100 -3.69 -6.90 0.51
C MET A 100 -4.33 -5.81 -0.32
N ILE A 101 -3.48 -5.03 -0.95
CA ILE A 101 -3.89 -3.92 -1.78
C ILE A 101 -4.28 -4.46 -3.14
N TYR A 102 -3.43 -5.32 -3.69
CA TYR A 102 -3.63 -5.94 -5.00
C TYR A 102 -4.92 -6.75 -5.08
N ARG A 103 -5.29 -7.36 -3.98
CA ARG A 103 -6.49 -8.20 -3.85
C ARG A 103 -7.74 -7.31 -3.91
N ASN A 104 -7.53 -6.03 -3.78
CA ASN A 104 -8.59 -5.08 -3.81
C ASN A 104 -8.43 -4.05 -4.89
N LEU A 105 -7.48 -4.24 -5.75
CA LEU A 105 -7.30 -3.32 -6.86
C LEU A 105 -7.39 -4.09 -8.16
N VAL A 106 -7.83 -3.46 -9.17
CA VAL A 106 -7.96 -4.08 -10.46
C VAL A 106 -6.96 -3.55 -11.47
N VAL A 107 -6.24 -4.44 -12.07
CA VAL A 107 -5.26 -4.15 -13.10
C VAL A 107 -5.48 -5.05 -14.28
N ASP B 1 16.23 3.14 11.61
CA ASP B 1 14.82 3.53 11.52
C ASP B 1 13.92 2.27 11.56
N GLY B 2 14.50 1.15 11.99
CA GLY B 2 13.79 -0.11 11.97
C GLY B 2 12.74 -0.22 13.06
N GLY B 3 11.59 0.33 12.80
CA GLY B 3 10.47 0.22 13.72
C GLY B 3 10.27 1.46 14.54
N THR B 4 10.55 2.59 13.96
CA THR B 4 10.42 3.84 14.64
C THR B 4 8.97 4.32 14.70
N THR B 5 8.58 5.10 13.72
CA THR B 5 7.27 5.64 13.63
C THR B 5 6.50 4.96 12.49
N PHE B 6 5.23 4.62 12.73
CA PHE B 6 4.36 3.99 11.74
C PHE B 6 4.34 4.77 10.43
N GLU B 7 4.27 6.08 10.55
CA GLU B 7 4.17 6.98 9.40
C GLU B 7 5.32 6.78 8.41
N HIS B 8 6.49 6.48 8.92
CA HIS B 8 7.63 6.39 8.06
C HIS B 8 7.74 5.00 7.52
N LEU B 9 7.60 4.03 8.40
CA LEU B 9 7.81 2.65 8.04
C LEU B 9 6.75 2.10 7.08
N TRP B 10 5.55 2.64 7.15
CA TRP B 10 4.46 2.25 6.27
C TRP B 10 4.67 2.84 4.89
N SER B 11 5.20 4.04 4.87
CA SER B 11 5.45 4.73 3.62
C SER B 11 6.76 4.21 2.99
N SER B 12 7.50 3.43 3.75
CA SER B 12 8.79 2.93 3.33
C SER B 12 8.78 1.40 3.23
N LEU B 13 7.60 0.81 3.14
CA LEU B 13 7.53 -0.64 3.07
C LEU B 13 7.55 -1.18 1.66
N GLU B 14 7.81 -0.30 0.69
CA GLU B 14 7.93 -0.71 -0.71
C GLU B 14 9.19 -1.53 -0.90
N PRO B 15 9.22 -2.40 -1.93
CA PRO B 15 10.40 -3.17 -2.23
C PRO B 15 11.55 -2.24 -2.58
N ASP B 16 11.20 -1.25 -3.40
CA ASP B 16 12.10 -0.25 -3.94
C ASP B 16 13.16 -0.96 -4.76
N ASN A 1 19.38 -20.14 2.03
CA ASN A 1 18.90 -18.93 2.69
C ASN A 1 18.85 -19.16 4.18
N THR A 2 19.51 -18.30 4.95
CA THR A 2 19.53 -18.43 6.38
C THR A 2 18.28 -17.85 6.99
N ASN A 3 17.80 -18.48 8.03
CA ASN A 3 16.63 -18.04 8.73
C ASN A 3 16.84 -18.33 10.21
N MET A 4 17.28 -17.34 10.94
CA MET A 4 17.51 -17.50 12.37
C MET A 4 16.47 -16.76 13.17
N SER A 5 15.61 -16.09 12.47
CA SER A 5 14.54 -15.32 13.03
C SER A 5 13.59 -14.97 11.92
N VAL A 6 14.18 -14.51 10.89
CA VAL A 6 13.51 -14.14 9.67
C VAL A 6 14.40 -14.56 8.53
N PRO A 7 13.85 -14.73 7.33
CA PRO A 7 14.65 -15.00 6.13
C PRO A 7 15.64 -13.86 5.93
N THR A 8 16.91 -14.16 5.94
CA THR A 8 17.92 -13.16 5.80
C THR A 8 17.99 -12.75 4.34
N ASP A 9 18.06 -11.46 4.10
CA ASP A 9 18.07 -10.99 2.75
C ASP A 9 19.46 -10.61 2.32
N GLY A 10 20.02 -11.40 1.44
CA GLY A 10 21.33 -11.11 0.93
C GLY A 10 21.25 -10.38 -0.38
N ALA A 11 20.45 -9.35 -0.39
CA ALA A 11 20.22 -8.57 -1.57
C ALA A 11 20.89 -7.22 -1.41
N VAL A 12 21.15 -6.55 -2.52
CA VAL A 12 21.80 -5.24 -2.48
C VAL A 12 20.86 -4.16 -1.99
N THR A 13 21.15 -3.67 -0.82
CA THR A 13 20.41 -2.61 -0.20
C THR A 13 21.38 -1.48 0.15
N THR A 14 22.59 -1.57 -0.40
CA THR A 14 23.66 -0.61 -0.17
C THR A 14 23.28 0.77 -0.70
N SER A 15 22.46 0.77 -1.71
CA SER A 15 21.94 1.93 -2.31
C SER A 15 20.56 1.52 -2.81
N GLN A 16 19.64 2.44 -2.83
CA GLN A 16 18.30 2.16 -3.26
C GLN A 16 18.29 2.07 -4.77
N ILE A 17 17.69 1.04 -5.28
CA ILE A 17 17.62 0.83 -6.71
C ILE A 17 16.61 1.82 -7.32
N PRO A 18 17.02 2.57 -8.35
CA PRO A 18 16.15 3.53 -9.00
C PRO A 18 15.00 2.84 -9.76
N ALA A 19 13.84 3.44 -9.70
CA ALA A 19 12.66 2.91 -10.33
C ALA A 19 12.64 3.27 -11.81
N SER A 20 12.89 2.27 -12.63
CA SER A 20 12.88 2.41 -14.06
C SER A 20 11.44 2.55 -14.56
N GLU A 21 10.54 1.80 -13.94
CA GLU A 21 9.14 1.89 -14.26
C GLU A 21 8.47 2.85 -13.31
N GLN A 22 7.44 3.49 -13.80
CA GLN A 22 6.67 4.44 -13.03
C GLN A 22 5.85 3.71 -11.97
N GLU A 23 5.54 4.40 -10.88
CA GLU A 23 4.70 3.87 -9.80
C GLU A 23 3.41 3.26 -10.38
N THR A 24 3.21 1.98 -10.15
CA THR A 24 2.12 1.21 -10.69
C THR A 24 0.75 1.72 -10.20
N LEU A 25 -0.11 2.09 -11.14
CA LEU A 25 -1.45 2.52 -10.83
C LEU A 25 -2.34 1.32 -10.61
N VAL A 26 -3.04 1.36 -9.53
CA VAL A 26 -3.97 0.36 -9.15
C VAL A 26 -5.34 0.98 -9.12
N ARG A 27 -6.34 0.17 -9.31
CA ARG A 27 -7.68 0.66 -9.34
C ARG A 27 -8.41 0.08 -8.15
N PRO A 28 -8.65 0.86 -7.12
CA PRO A 28 -9.26 0.37 -5.91
C PRO A 28 -10.75 0.10 -6.06
N LYS A 29 -11.21 -0.97 -5.42
CA LYS A 29 -12.63 -1.28 -5.35
C LYS A 29 -13.31 -0.17 -4.52
N PRO A 30 -14.66 0.00 -4.62
CA PRO A 30 -15.39 1.10 -3.92
C PRO A 30 -15.10 1.18 -2.42
N LEU A 31 -14.75 0.06 -1.83
CA LEU A 31 -14.44 -0.01 -0.42
C LEU A 31 -13.13 0.75 -0.13
N LEU A 32 -12.17 0.57 -0.99
CA LEU A 32 -10.92 1.28 -0.83
C LEU A 32 -11.10 2.70 -1.29
N LEU A 33 -11.86 2.87 -2.35
CA LEU A 33 -12.16 4.18 -2.89
C LEU A 33 -12.82 5.08 -1.82
N LYS A 34 -13.73 4.51 -1.03
CA LYS A 34 -14.38 5.27 0.03
C LYS A 34 -13.38 5.64 1.11
N LEU A 35 -12.41 4.77 1.39
CA LEU A 35 -11.44 5.10 2.43
C LEU A 35 -10.47 6.16 1.89
N LEU A 36 -10.09 5.97 0.63
CA LEU A 36 -9.19 6.83 -0.12
C LEU A 36 -9.71 8.26 -0.18
N LYS A 37 -10.91 8.44 -0.68
CA LYS A 37 -11.39 9.78 -0.91
C LYS A 37 -11.81 10.44 0.40
N SER A 38 -12.09 9.65 1.42
CA SER A 38 -12.42 10.21 2.70
C SER A 38 -11.20 10.84 3.39
N VAL A 39 -10.00 10.38 3.01
CA VAL A 39 -8.78 10.93 3.58
C VAL A 39 -8.11 11.94 2.64
N GLY A 40 -8.84 12.36 1.63
CA GLY A 40 -8.35 13.42 0.77
C GLY A 40 -7.80 12.98 -0.57
N ALA A 41 -8.26 11.86 -1.08
CA ALA A 41 -7.84 11.43 -2.42
C ALA A 41 -8.54 12.26 -3.47
N GLN A 42 -7.88 12.47 -4.59
CA GLN A 42 -8.41 13.36 -5.61
C GLN A 42 -8.54 12.65 -6.96
N LYS A 43 -7.61 11.77 -7.25
CA LYS A 43 -7.55 11.13 -8.56
C LYS A 43 -8.43 9.90 -8.58
N ASP A 44 -8.60 9.34 -9.74
CA ASP A 44 -9.42 8.13 -9.90
C ASP A 44 -8.55 6.91 -9.84
N THR A 45 -7.27 7.09 -10.05
CA THR A 45 -6.31 6.02 -9.95
C THR A 45 -5.25 6.42 -9.00
N TYR A 46 -4.67 5.46 -8.36
CA TYR A 46 -3.66 5.72 -7.39
C TYR A 46 -2.58 4.72 -7.58
N THR A 47 -1.38 5.05 -7.18
CA THR A 47 -0.33 4.10 -7.22
C THR A 47 -0.36 3.39 -5.90
N MET A 48 0.36 2.30 -5.74
CA MET A 48 0.38 1.64 -4.45
C MET A 48 0.95 2.56 -3.39
N LYS A 49 1.87 3.37 -3.80
CA LYS A 49 2.55 4.33 -2.96
C LYS A 49 1.59 5.42 -2.51
N GLU A 50 0.66 5.77 -3.39
CA GLU A 50 -0.40 6.70 -3.03
C GLU A 50 -1.30 6.01 -2.00
N VAL A 51 -1.43 4.70 -2.11
CA VAL A 51 -2.19 3.92 -1.15
C VAL A 51 -1.47 3.94 0.19
N LEU A 52 -0.15 3.70 0.22
CA LEU A 52 0.64 3.92 1.42
C LEU A 52 0.33 5.27 2.05
N PHE A 53 0.23 6.27 1.22
CA PHE A 53 -0.05 7.59 1.69
C PHE A 53 -1.47 7.70 2.27
N TYR A 54 -2.48 7.41 1.47
CA TYR A 54 -3.87 7.57 1.87
C TYR A 54 -4.38 6.47 2.81
N LEU A 55 -4.01 5.23 2.54
CA LEU A 55 -4.47 4.12 3.36
C LEU A 55 -3.84 4.25 4.73
N GLY A 56 -2.63 4.78 4.74
CA GLY A 56 -1.93 5.04 5.97
C GLY A 56 -2.66 6.04 6.82
N GLN A 57 -3.21 7.07 6.16
CA GLN A 57 -4.00 8.10 6.85
C GLN A 57 -5.17 7.44 7.55
N TYR A 58 -5.81 6.54 6.84
CA TYR A 58 -7.02 5.90 7.30
C TYR A 58 -6.77 4.99 8.52
N ILE A 59 -5.67 4.24 8.49
CA ILE A 59 -5.35 3.32 9.59
C ILE A 59 -4.96 4.12 10.81
N MET A 60 -4.27 5.18 10.55
CA MET A 60 -3.73 6.03 11.58
C MET A 60 -4.84 6.86 12.20
N THR A 61 -5.71 7.43 11.37
CA THR A 61 -6.75 8.34 11.84
C THR A 61 -7.79 7.64 12.75
N LYS A 62 -8.07 6.38 12.48
CA LYS A 62 -9.01 5.63 13.31
C LYS A 62 -8.25 5.05 14.48
N ARG A 63 -6.93 4.96 14.30
CA ARG A 63 -6.03 4.29 15.23
C ARG A 63 -6.37 2.81 15.30
N LEU A 64 -6.16 2.10 14.20
CA LEU A 64 -6.44 0.66 14.20
C LEU A 64 -5.23 -0.12 14.62
N TYR A 65 -4.13 0.55 14.80
CA TYR A 65 -2.92 -0.12 15.14
C TYR A 65 -2.72 -0.16 16.62
N ASP A 66 -1.79 -0.98 17.06
CA ASP A 66 -1.52 -1.17 18.46
C ASP A 66 -0.85 0.05 19.03
N GLU A 67 -1.13 0.30 20.28
CA GLU A 67 -0.66 1.51 20.90
C GLU A 67 0.77 1.38 21.37
N LYS A 68 1.23 0.15 21.59
CA LYS A 68 2.59 -0.04 21.96
C LYS A 68 3.42 -0.56 20.78
N GLN A 69 2.80 -1.30 19.90
CA GLN A 69 3.49 -1.81 18.75
C GLN A 69 2.91 -1.19 17.51
N GLN A 70 3.55 -0.18 17.01
CA GLN A 70 3.01 0.53 15.86
C GLN A 70 3.05 -0.32 14.58
N HIS A 71 3.95 -1.29 14.55
CA HIS A 71 4.04 -2.24 13.44
C HIS A 71 2.91 -3.27 13.44
N ILE A 72 2.04 -3.19 14.43
CA ILE A 72 0.95 -4.12 14.57
C ILE A 72 -0.35 -3.41 14.33
N VAL A 73 -1.06 -3.83 13.30
CA VAL A 73 -2.32 -3.24 13.02
C VAL A 73 -3.40 -4.24 13.31
N TYR A 74 -4.30 -3.93 14.19
CA TYR A 74 -5.37 -4.82 14.49
C TYR A 74 -6.46 -4.67 13.48
N CYS A 75 -7.01 -3.45 13.40
CA CYS A 75 -8.09 -3.10 12.44
C CYS A 75 -9.30 -4.03 12.50
N SER A 76 -9.45 -4.67 13.64
CA SER A 76 -10.51 -5.61 13.90
C SER A 76 -11.84 -4.86 14.00
N ASN A 77 -11.77 -3.60 14.38
CA ASN A 77 -12.95 -2.76 14.53
C ASN A 77 -13.27 -2.01 13.24
N ASP A 78 -12.43 -2.17 12.24
CA ASP A 78 -12.64 -1.46 10.99
C ASP A 78 -13.01 -2.49 9.93
N LEU A 79 -13.23 -2.07 8.74
CA LEU A 79 -13.58 -2.93 7.65
C LEU A 79 -12.28 -3.35 6.95
N LEU A 80 -11.27 -2.48 7.08
CA LEU A 80 -9.93 -2.63 6.51
C LEU A 80 -9.35 -4.06 6.67
N GLY A 81 -9.09 -4.45 7.91
CA GLY A 81 -8.44 -5.74 8.17
C GLY A 81 -9.31 -6.88 7.80
N ASP A 82 -10.58 -6.75 8.10
CA ASP A 82 -11.58 -7.77 7.81
C ASP A 82 -11.45 -8.19 6.36
N LEU A 83 -11.60 -7.18 5.49
CA LEU A 83 -11.59 -7.27 4.03
C LEU A 83 -10.30 -7.87 3.51
N PHE A 84 -9.20 -7.50 4.15
CA PHE A 84 -7.89 -8.05 3.84
C PHE A 84 -7.87 -9.55 4.08
N GLY A 85 -8.81 -9.99 4.87
CA GLY A 85 -8.96 -11.38 5.16
C GLY A 85 -8.31 -11.71 6.45
N VAL A 86 -8.15 -10.71 7.27
CA VAL A 86 -7.38 -10.88 8.49
C VAL A 86 -8.04 -10.30 9.73
N PRO A 87 -7.69 -10.81 10.93
CA PRO A 87 -8.16 -10.24 12.19
C PRO A 87 -7.21 -9.10 12.64
N SER A 88 -5.98 -9.16 12.15
CA SER A 88 -4.93 -8.22 12.42
C SER A 88 -3.83 -8.49 11.40
N PHE A 89 -2.94 -7.53 11.19
CA PHE A 89 -1.86 -7.71 10.25
C PHE A 89 -0.62 -6.97 10.73
N SER A 90 0.53 -7.42 10.30
CA SER A 90 1.78 -6.80 10.64
C SER A 90 2.34 -6.07 9.42
N VAL A 91 2.80 -4.84 9.61
CA VAL A 91 3.25 -4.01 8.49
C VAL A 91 4.63 -4.41 7.91
N LYS A 92 5.47 -5.15 8.64
CA LYS A 92 6.80 -5.48 8.11
C LYS A 92 6.81 -6.53 7.02
N GLU A 93 5.76 -7.32 6.92
CA GLU A 93 5.71 -8.22 5.80
C GLU A 93 5.10 -7.52 4.60
N HIS A 94 6.00 -6.85 3.94
CA HIS A 94 5.71 -5.88 2.89
C HIS A 94 5.05 -6.48 1.66
N ARG A 95 5.38 -7.71 1.34
CA ARG A 95 4.81 -8.36 0.15
C ARG A 95 3.39 -8.79 0.42
N LYS A 96 3.07 -8.95 1.68
CA LYS A 96 1.72 -9.29 2.07
C LYS A 96 0.88 -8.06 2.02
N ILE A 97 1.49 -6.93 2.33
CA ILE A 97 0.83 -5.66 2.27
C ILE A 97 0.33 -5.46 0.85
N TYR A 98 1.25 -5.64 -0.09
CA TYR A 98 0.94 -5.52 -1.51
C TYR A 98 -0.20 -6.42 -1.89
N THR A 99 -0.12 -7.68 -1.52
CA THR A 99 -1.12 -8.66 -1.93
C THR A 99 -2.49 -8.46 -1.27
N MET A 100 -2.51 -7.99 -0.03
CA MET A 100 -3.77 -7.74 0.67
C MET A 100 -4.51 -6.58 0.05
N ILE A 101 -3.75 -5.65 -0.49
CA ILE A 101 -4.31 -4.48 -1.14
C ILE A 101 -4.65 -4.85 -2.57
N TYR A 102 -3.76 -5.60 -3.20
CA TYR A 102 -3.90 -6.06 -4.57
C TYR A 102 -5.17 -6.91 -4.78
N ARG A 103 -5.53 -7.66 -3.76
CA ARG A 103 -6.77 -8.45 -3.76
C ARG A 103 -8.00 -7.52 -3.75
N ASN A 104 -7.79 -6.33 -3.27
CA ASN A 104 -8.85 -5.36 -3.11
C ASN A 104 -8.82 -4.28 -4.16
N LEU A 105 -7.99 -4.46 -5.11
CA LEU A 105 -7.94 -3.56 -6.23
C LEU A 105 -8.09 -4.38 -7.51
N VAL A 106 -8.37 -3.73 -8.59
CA VAL A 106 -8.54 -4.41 -9.83
C VAL A 106 -7.41 -4.10 -10.80
N VAL A 107 -6.81 -5.14 -11.28
CA VAL A 107 -5.81 -5.11 -12.29
C VAL A 107 -6.08 -6.23 -13.24
N ASP B 1 14.81 2.48 7.42
CA ASP B 1 14.93 1.66 8.64
C ASP B 1 14.47 2.43 9.85
N GLY B 2 13.98 3.63 9.63
CA GLY B 2 13.54 4.45 10.71
C GLY B 2 12.08 4.23 11.00
N GLY B 3 11.72 2.98 11.16
CA GLY B 3 10.36 2.61 11.38
C GLY B 3 9.98 2.67 12.83
N THR B 4 10.06 3.85 13.39
CA THR B 4 9.69 4.07 14.75
C THR B 4 8.18 4.24 14.86
N THR B 5 7.67 5.31 14.30
CA THR B 5 6.27 5.54 14.30
C THR B 5 5.63 4.91 13.06
N PHE B 6 4.36 4.52 13.21
CA PHE B 6 3.56 3.90 12.15
C PHE B 6 3.55 4.79 10.92
N GLU B 7 3.46 6.07 11.18
CA GLU B 7 3.40 7.13 10.19
C GLU B 7 4.59 7.07 9.24
N HIS B 8 5.73 6.64 9.76
CA HIS B 8 6.95 6.61 9.00
C HIS B 8 7.08 5.25 8.33
N LEU B 9 6.90 4.20 9.12
CA LEU B 9 7.15 2.85 8.66
C LEU B 9 6.20 2.36 7.56
N TRP B 10 4.95 2.79 7.61
CA TRP B 10 3.97 2.38 6.63
C TRP B 10 4.26 3.06 5.31
N SER B 11 4.71 4.27 5.40
CA SER B 11 5.05 5.05 4.23
C SER B 11 6.40 4.59 3.64
N SER B 12 7.08 3.73 4.39
CA SER B 12 8.37 3.26 4.00
C SER B 12 8.33 1.79 3.61
N LEU B 13 7.13 1.27 3.37
CA LEU B 13 7.05 -0.14 3.02
C LEU B 13 7.37 -0.35 1.54
N GLU B 14 7.37 0.74 0.78
CA GLU B 14 7.91 0.73 -0.55
C GLU B 14 9.21 1.49 -0.56
N PRO B 15 10.18 1.02 -1.34
CA PRO B 15 11.47 1.68 -1.49
C PRO B 15 11.31 3.04 -2.17
N ASP B 16 10.47 3.05 -3.19
CA ASP B 16 10.18 4.22 -3.98
C ASP B 16 9.20 3.85 -5.03
N ASN A 1 22.20 3.32 -24.98
CA ASN A 1 23.14 3.75 -26.01
C ASN A 1 23.36 2.61 -26.95
N THR A 2 24.29 2.74 -27.85
CA THR A 2 24.60 1.68 -28.76
C THR A 2 25.75 0.86 -28.19
N ASN A 3 25.46 -0.32 -27.75
CA ASN A 3 26.48 -1.21 -27.23
C ASN A 3 27.08 -1.97 -28.38
N MET A 4 28.35 -2.28 -28.30
CA MET A 4 28.99 -3.05 -29.36
C MET A 4 28.53 -4.47 -29.29
N SER A 5 28.44 -4.98 -28.09
CA SER A 5 27.92 -6.29 -27.87
C SER A 5 26.54 -6.18 -27.22
N VAL A 6 25.53 -6.41 -28.00
CA VAL A 6 24.15 -6.36 -27.54
C VAL A 6 23.66 -7.79 -27.38
N PRO A 7 22.55 -8.02 -26.66
CA PRO A 7 22.04 -9.36 -26.48
C PRO A 7 21.39 -9.93 -27.74
N THR A 8 22.24 -10.37 -28.64
CA THR A 8 21.83 -11.03 -29.85
C THR A 8 21.56 -12.50 -29.51
N ASP A 9 22.30 -12.96 -28.53
CA ASP A 9 22.19 -14.29 -27.99
C ASP A 9 21.96 -14.17 -26.50
N GLY A 10 22.96 -13.70 -25.82
CA GLY A 10 22.92 -13.52 -24.42
C GLY A 10 24.15 -12.80 -23.97
N ALA A 11 23.97 -11.66 -23.39
CA ALA A 11 25.08 -10.87 -22.96
C ALA A 11 25.32 -11.09 -21.49
N VAL A 12 26.53 -10.89 -21.06
CA VAL A 12 26.94 -11.03 -19.66
C VAL A 12 26.57 -9.76 -18.85
N THR A 13 25.40 -9.25 -19.12
CA THR A 13 24.89 -8.05 -18.54
C THR A 13 24.56 -8.23 -17.05
N THR A 14 25.50 -7.83 -16.22
CA THR A 14 25.32 -7.83 -14.79
C THR A 14 24.34 -6.73 -14.42
N SER A 15 24.56 -5.57 -15.01
CA SER A 15 23.68 -4.47 -14.85
C SER A 15 22.53 -4.69 -15.82
N GLN A 16 21.38 -4.94 -15.30
CA GLN A 16 20.23 -5.28 -16.10
C GLN A 16 19.39 -4.06 -16.35
N ILE A 17 18.74 -4.03 -17.47
CA ILE A 17 17.81 -2.99 -17.77
C ILE A 17 16.48 -3.39 -17.13
N PRO A 18 15.88 -2.53 -16.31
CA PRO A 18 14.62 -2.82 -15.64
C PRO A 18 13.47 -2.94 -16.64
N ALA A 19 12.53 -3.79 -16.32
CA ALA A 19 11.37 -4.01 -17.16
C ALA A 19 10.35 -2.92 -16.87
N SER A 20 10.29 -2.50 -15.64
CA SER A 20 9.42 -1.45 -15.24
C SER A 20 9.90 -0.80 -13.97
N GLU A 21 10.02 0.48 -14.03
CA GLU A 21 10.37 1.29 -12.88
C GLU A 21 9.12 2.03 -12.46
N GLN A 22 8.10 1.84 -13.27
CA GLN A 22 6.85 2.50 -13.13
C GLN A 22 5.94 1.67 -12.26
N GLU A 23 5.16 2.33 -11.47
CA GLU A 23 4.24 1.67 -10.61
C GLU A 23 2.94 1.39 -11.33
N THR A 24 2.09 0.70 -10.68
CA THR A 24 0.83 0.33 -11.23
C THR A 24 -0.26 1.20 -10.63
N LEU A 25 -1.03 1.84 -11.49
CA LEU A 25 -2.20 2.54 -11.03
C LEU A 25 -3.25 1.51 -10.78
N VAL A 26 -3.68 1.38 -9.59
CA VAL A 26 -4.61 0.36 -9.23
C VAL A 26 -6.00 0.94 -9.20
N ARG A 27 -6.96 0.10 -9.49
CA ARG A 27 -8.34 0.49 -9.49
C ARG A 27 -8.98 -0.14 -8.29
N PRO A 28 -9.22 0.64 -7.26
CA PRO A 28 -9.68 0.11 -5.98
C PRO A 28 -11.17 -0.24 -5.92
N LYS A 29 -11.46 -1.25 -5.11
CA LYS A 29 -12.82 -1.62 -4.77
C LYS A 29 -13.43 -0.49 -3.91
N PRO A 30 -14.78 -0.42 -3.79
CA PRO A 30 -15.51 0.61 -3.00
C PRO A 30 -15.00 0.72 -1.56
N LEU A 31 -14.48 -0.37 -1.05
CA LEU A 31 -13.95 -0.44 0.28
C LEU A 31 -12.72 0.48 0.41
N LEU A 32 -11.90 0.48 -0.61
CA LEU A 32 -10.75 1.33 -0.60
C LEU A 32 -11.17 2.73 -0.94
N LEU A 33 -12.15 2.86 -1.82
CA LEU A 33 -12.72 4.16 -2.17
C LEU A 33 -13.26 4.88 -0.95
N LYS A 34 -13.91 4.14 -0.05
CA LYS A 34 -14.46 4.73 1.16
C LYS A 34 -13.32 5.27 2.03
N LEU A 35 -12.21 4.52 2.10
CA LEU A 35 -11.12 4.94 2.96
C LEU A 35 -10.38 6.12 2.33
N LEU A 36 -10.22 6.05 1.02
CA LEU A 36 -9.51 7.06 0.24
C LEU A 36 -10.19 8.40 0.32
N LYS A 37 -11.46 8.43 0.03
CA LYS A 37 -12.15 9.69 -0.04
C LYS A 37 -12.44 10.25 1.34
N SER A 38 -12.32 9.41 2.35
CA SER A 38 -12.43 9.89 3.70
C SER A 38 -11.16 10.63 4.13
N VAL A 39 -10.03 10.37 3.45
CA VAL A 39 -8.76 10.97 3.82
C VAL A 39 -8.28 12.04 2.85
N GLY A 40 -9.10 12.38 1.88
CA GLY A 40 -8.76 13.44 0.97
C GLY A 40 -8.05 12.97 -0.27
N ALA A 41 -8.50 11.87 -0.81
CA ALA A 41 -7.99 11.34 -2.07
C ALA A 41 -8.44 12.20 -3.22
N GLN A 42 -7.53 12.47 -4.10
CA GLN A 42 -7.78 13.36 -5.22
C GLN A 42 -7.97 12.56 -6.50
N LYS A 43 -7.13 11.59 -6.70
CA LYS A 43 -7.14 10.80 -7.91
C LYS A 43 -8.10 9.62 -7.79
N ASP A 44 -8.61 9.22 -8.92
CA ASP A 44 -9.52 8.09 -9.02
C ASP A 44 -8.75 6.79 -9.19
N THR A 45 -7.48 6.93 -9.47
CA THR A 45 -6.55 5.84 -9.59
C THR A 45 -5.28 6.24 -8.89
N TYR A 46 -4.56 5.29 -8.37
CA TYR A 46 -3.38 5.62 -7.61
C TYR A 46 -2.40 4.46 -7.62
N THR A 47 -1.13 4.74 -7.47
CA THR A 47 -0.11 3.73 -7.54
C THR A 47 0.09 3.09 -6.18
N MET A 48 0.91 2.05 -6.16
CA MET A 48 1.27 1.31 -4.94
C MET A 48 1.67 2.28 -3.83
N LYS A 49 2.58 3.17 -4.14
CA LYS A 49 3.12 4.14 -3.20
C LYS A 49 2.03 5.12 -2.73
N GLU A 50 1.11 5.44 -3.60
CA GLU A 50 0.05 6.38 -3.27
C GLU A 50 -0.94 5.75 -2.29
N VAL A 51 -1.01 4.43 -2.30
CA VAL A 51 -1.84 3.71 -1.34
C VAL A 51 -1.22 3.91 0.00
N LEU A 52 0.10 3.70 0.11
CA LEU A 52 0.86 3.99 1.31
C LEU A 52 0.50 5.36 1.87
N PHE A 53 0.38 6.35 1.01
CA PHE A 53 0.07 7.68 1.47
C PHE A 53 -1.32 7.75 2.08
N TYR A 54 -2.32 7.47 1.28
CA TYR A 54 -3.71 7.63 1.68
C TYR A 54 -4.20 6.55 2.63
N LEU A 55 -3.76 5.32 2.40
CA LEU A 55 -4.19 4.21 3.24
C LEU A 55 -3.61 4.44 4.62
N GLY A 56 -2.39 4.94 4.62
CA GLY A 56 -1.68 5.25 5.83
C GLY A 56 -2.38 6.30 6.64
N GLN A 57 -2.99 7.27 5.95
CA GLN A 57 -3.74 8.32 6.60
C GLN A 57 -4.88 7.69 7.38
N TYR A 58 -5.64 6.86 6.69
CA TYR A 58 -6.86 6.24 7.22
C TYR A 58 -6.59 5.39 8.46
N ILE A 59 -5.56 4.58 8.39
CA ILE A 59 -5.23 3.66 9.48
C ILE A 59 -4.77 4.44 10.68
N MET A 60 -4.01 5.48 10.41
CA MET A 60 -3.42 6.29 11.41
C MET A 60 -4.43 7.20 12.06
N THR A 61 -5.22 7.89 11.26
CA THR A 61 -6.14 8.92 11.74
C THR A 61 -7.28 8.30 12.58
N LYS A 62 -7.67 7.08 12.25
CA LYS A 62 -8.70 6.38 12.98
C LYS A 62 -8.08 5.65 14.14
N ARG A 63 -6.77 5.41 14.00
CA ARG A 63 -5.99 4.64 14.95
C ARG A 63 -6.47 3.21 14.97
N LEU A 64 -6.35 2.57 13.83
CA LEU A 64 -6.78 1.19 13.67
C LEU A 64 -5.62 0.25 13.89
N TYR A 65 -4.55 0.78 14.42
CA TYR A 65 -3.37 0.03 14.69
C TYR A 65 -3.17 -0.08 16.19
N ASP A 66 -2.32 -0.98 16.59
CA ASP A 66 -2.00 -1.25 17.99
C ASP A 66 -1.42 0.01 18.62
N GLU A 67 -1.93 0.36 19.77
CA GLU A 67 -1.51 1.56 20.47
C GLU A 67 -0.03 1.53 20.88
N LYS A 68 0.48 0.36 21.19
CA LYS A 68 1.85 0.25 21.62
C LYS A 68 2.76 -0.39 20.59
N GLN A 69 2.23 -1.25 19.76
CA GLN A 69 3.04 -1.82 18.71
C GLN A 69 2.59 -1.32 17.38
N GLN A 70 3.18 -0.23 16.98
CA GLN A 70 2.79 0.49 15.77
C GLN A 70 2.98 -0.35 14.49
N HIS A 71 3.88 -1.34 14.54
CA HIS A 71 4.08 -2.27 13.42
C HIS A 71 2.89 -3.26 13.29
N ILE A 72 2.00 -3.23 14.27
CA ILE A 72 0.85 -4.09 14.33
C ILE A 72 -0.40 -3.30 14.05
N VAL A 73 -1.07 -3.63 13.00
CA VAL A 73 -2.27 -2.96 12.68
C VAL A 73 -3.42 -3.93 12.85
N TYR A 74 -4.48 -3.52 13.50
CA TYR A 74 -5.60 -4.41 13.74
C TYR A 74 -6.62 -4.28 12.62
N CYS A 75 -7.28 -3.12 12.58
CA CYS A 75 -8.33 -2.81 11.60
C CYS A 75 -9.45 -3.84 11.59
N SER A 76 -9.66 -4.44 12.74
CA SER A 76 -10.67 -5.45 12.94
C SER A 76 -12.01 -4.77 13.15
N ASN A 77 -11.94 -3.51 13.57
CA ASN A 77 -13.12 -2.70 13.83
C ASN A 77 -13.62 -2.11 12.53
N ASP A 78 -12.75 -2.08 11.54
CA ASP A 78 -13.10 -1.56 10.23
C ASP A 78 -13.19 -2.75 9.30
N LEU A 79 -13.28 -2.50 8.03
CA LEU A 79 -13.40 -3.58 7.08
C LEU A 79 -11.99 -3.97 6.59
N LEU A 80 -11.06 -3.01 6.62
CA LEU A 80 -9.69 -3.16 6.11
C LEU A 80 -8.97 -4.48 6.52
N GLY A 81 -8.78 -4.68 7.82
CA GLY A 81 -8.08 -5.86 8.28
C GLY A 81 -8.86 -7.10 8.00
N ASP A 82 -10.16 -6.99 8.24
CA ASP A 82 -11.10 -8.08 8.03
C ASP A 82 -10.93 -8.60 6.63
N LEU A 83 -10.98 -7.66 5.67
CA LEU A 83 -10.92 -7.84 4.24
C LEU A 83 -9.76 -8.69 3.81
N PHE A 84 -8.60 -8.42 4.37
CA PHE A 84 -7.39 -9.19 4.05
C PHE A 84 -7.56 -10.62 4.53
N GLY A 85 -8.44 -10.72 5.45
CA GLY A 85 -8.81 -12.00 6.02
C GLY A 85 -8.12 -12.20 7.31
N VAL A 86 -7.90 -11.11 8.00
CA VAL A 86 -7.10 -11.18 9.22
C VAL A 86 -7.63 -10.32 10.35
N PRO A 87 -7.22 -10.63 11.60
CA PRO A 87 -7.54 -9.79 12.73
C PRO A 87 -6.45 -8.73 12.94
N SER A 88 -5.35 -8.88 12.23
CA SER A 88 -4.25 -7.95 12.33
C SER A 88 -3.26 -8.17 11.21
N PHE A 89 -2.69 -7.09 10.73
CA PHE A 89 -1.69 -7.15 9.71
C PHE A 89 -0.46 -6.41 10.16
N SER A 90 0.67 -6.87 9.73
CA SER A 90 1.91 -6.28 10.13
C SER A 90 2.47 -5.51 8.99
N VAL A 91 2.95 -4.33 9.29
CA VAL A 91 3.56 -3.46 8.31
C VAL A 91 4.88 -4.06 7.79
N LYS A 92 5.44 -5.01 8.54
CA LYS A 92 6.68 -5.66 8.13
C LYS A 92 6.41 -6.70 7.08
N GLU A 93 5.16 -7.05 6.92
CA GLU A 93 4.81 -7.97 5.90
C GLU A 93 4.50 -7.23 4.64
N HIS A 94 5.54 -6.88 4.01
CA HIS A 94 5.53 -6.06 2.80
C HIS A 94 4.71 -6.68 1.70
N ARG A 95 4.83 -7.99 1.53
CA ARG A 95 4.08 -8.67 0.49
C ARG A 95 2.62 -8.81 0.86
N LYS A 96 2.32 -8.79 2.14
CA LYS A 96 0.93 -8.83 2.60
C LYS A 96 0.27 -7.52 2.35
N ILE A 97 1.03 -6.44 2.52
CA ILE A 97 0.51 -5.11 2.26
C ILE A 97 0.18 -5.02 0.78
N TYR A 98 1.12 -5.47 -0.04
CA TYR A 98 0.97 -5.47 -1.49
C TYR A 98 -0.23 -6.29 -1.92
N THR A 99 -0.31 -7.52 -1.44
CA THR A 99 -1.38 -8.42 -1.84
C THR A 99 -2.75 -7.96 -1.33
N MET A 100 -2.75 -7.25 -0.23
CA MET A 100 -3.96 -6.69 0.38
C MET A 100 -4.58 -5.69 -0.56
N ILE A 101 -3.72 -4.92 -1.17
CA ILE A 101 -4.11 -3.86 -2.08
C ILE A 101 -4.40 -4.45 -3.45
N TYR A 102 -3.56 -5.36 -3.84
CA TYR A 102 -3.68 -6.05 -5.11
C TYR A 102 -4.96 -6.90 -5.18
N ARG A 103 -5.40 -7.42 -4.05
CA ARG A 103 -6.62 -8.18 -3.98
C ARG A 103 -7.82 -7.25 -4.06
N ASN A 104 -7.57 -5.99 -3.78
CA ASN A 104 -8.62 -5.00 -3.74
C ASN A 104 -8.63 -4.10 -4.95
N LEU A 105 -7.82 -4.42 -5.91
CA LEU A 105 -7.90 -3.72 -7.17
C LEU A 105 -8.71 -4.57 -8.13
N VAL A 106 -9.13 -4.01 -9.21
CA VAL A 106 -9.92 -4.75 -10.16
C VAL A 106 -9.13 -5.04 -11.44
N VAL A 107 -9.28 -6.24 -11.95
CA VAL A 107 -8.66 -6.69 -13.17
C VAL A 107 -9.62 -7.63 -13.91
N ASP B 1 12.72 0.92 13.21
CA ASP B 1 12.91 -0.50 12.89
C ASP B 1 12.14 -1.38 13.84
N GLY B 2 11.87 -0.86 14.97
CA GLY B 2 11.13 -1.57 15.96
C GLY B 2 10.05 -0.71 16.53
N GLY B 3 10.35 -0.08 17.63
CA GLY B 3 9.39 0.78 18.28
C GLY B 3 9.40 2.18 17.68
N THR B 4 9.11 2.25 16.42
CA THR B 4 9.08 3.49 15.70
C THR B 4 7.65 3.85 15.28
N THR B 5 7.43 5.11 14.90
CA THR B 5 6.11 5.58 14.56
C THR B 5 5.56 4.94 13.30
N PHE B 6 4.26 4.65 13.33
CA PHE B 6 3.52 4.07 12.23
C PHE B 6 3.63 4.94 10.99
N GLU B 7 3.62 6.24 11.23
CA GLU B 7 3.69 7.25 10.18
C GLU B 7 4.95 7.08 9.34
N HIS B 8 6.02 6.65 9.99
CA HIS B 8 7.29 6.50 9.32
C HIS B 8 7.34 5.14 8.67
N LEU B 9 7.09 4.11 9.47
CA LEU B 9 7.26 2.73 9.03
C LEU B 9 6.32 2.30 7.88
N TRP B 10 5.15 2.91 7.81
CA TRP B 10 4.18 2.57 6.78
C TRP B 10 4.59 3.23 5.47
N SER B 11 5.08 4.44 5.57
CA SER B 11 5.52 5.18 4.42
C SER B 11 6.84 4.60 3.86
N SER B 12 7.47 3.73 4.64
CA SER B 12 8.77 3.21 4.31
C SER B 12 8.71 1.75 3.86
N LEU B 13 7.51 1.24 3.59
CA LEU B 13 7.41 -0.16 3.22
C LEU B 13 7.35 -0.36 1.70
N GLU B 14 7.63 0.71 0.97
CA GLU B 14 7.63 0.70 -0.47
C GLU B 14 8.82 -0.15 -0.99
N PRO B 15 8.77 -0.63 -2.24
CA PRO B 15 9.82 -1.48 -2.79
C PRO B 15 11.17 -0.81 -2.82
N ASP B 16 11.29 0.24 -3.60
CA ASP B 16 12.56 0.90 -3.75
C ASP B 16 12.36 2.26 -4.34
N ASN A 1 46.12 15.69 -24.16
CA ASN A 1 46.40 15.38 -25.56
C ASN A 1 45.53 14.22 -26.01
N THR A 2 45.83 13.03 -25.56
CA THR A 2 45.06 11.87 -25.90
C THR A 2 44.07 11.54 -24.80
N ASN A 3 44.40 11.91 -23.58
CA ASN A 3 43.51 11.73 -22.45
C ASN A 3 42.56 12.89 -22.42
N MET A 4 41.36 12.63 -22.01
CA MET A 4 40.36 13.66 -21.96
C MET A 4 40.03 14.00 -20.54
N SER A 5 39.70 15.23 -20.32
CA SER A 5 39.29 15.71 -19.04
C SER A 5 38.19 16.71 -19.23
N VAL A 6 36.99 16.27 -19.02
CA VAL A 6 35.78 17.03 -19.26
C VAL A 6 34.82 16.81 -18.11
N PRO A 7 33.82 17.66 -17.92
CA PRO A 7 32.81 17.45 -16.90
C PRO A 7 31.99 16.19 -17.22
N THR A 8 31.90 15.29 -16.28
CA THR A 8 31.20 14.04 -16.51
C THR A 8 29.70 14.28 -16.49
N ASP A 9 29.28 15.29 -15.77
CA ASP A 9 27.89 15.62 -15.70
C ASP A 9 27.58 16.67 -16.72
N GLY A 10 26.51 16.48 -17.43
CA GLY A 10 26.03 17.50 -18.33
C GLY A 10 25.21 18.46 -17.53
N ALA A 11 24.30 17.89 -16.77
CA ALA A 11 23.46 18.58 -15.84
C ALA A 11 23.33 17.70 -14.62
N VAL A 12 23.16 18.28 -13.47
CA VAL A 12 23.05 17.48 -12.27
C VAL A 12 21.61 17.03 -12.03
N THR A 13 21.41 15.74 -12.00
CA THR A 13 20.10 15.17 -11.78
C THR A 13 20.17 14.27 -10.55
N THR A 14 21.08 14.60 -9.66
CA THR A 14 21.31 13.89 -8.43
C THR A 14 20.03 13.90 -7.56
N SER A 15 19.47 15.07 -7.38
CA SER A 15 18.34 15.23 -6.52
C SER A 15 17.02 14.92 -7.23
N GLN A 16 16.51 13.75 -6.96
CA GLN A 16 15.25 13.30 -7.48
C GLN A 16 14.36 12.99 -6.30
N ILE A 17 13.40 13.82 -6.06
CA ILE A 17 12.51 13.68 -4.94
C ILE A 17 11.47 12.60 -5.28
N PRO A 18 11.28 11.63 -4.40
CA PRO A 18 10.28 10.60 -4.59
C PRO A 18 8.88 11.18 -4.46
N ALA A 19 8.20 11.21 -5.54
CA ALA A 19 6.88 11.74 -5.64
C ALA A 19 6.10 10.85 -6.57
N SER A 20 4.81 11.00 -6.62
CA SER A 20 4.03 10.21 -7.50
C SER A 20 3.74 10.98 -8.74
N GLU A 21 4.14 10.43 -9.84
CA GLU A 21 3.83 10.97 -11.14
C GLU A 21 2.88 10.01 -11.81
N GLN A 22 2.49 9.01 -11.03
CA GLN A 22 1.60 7.95 -11.43
C GLN A 22 2.07 7.18 -12.65
N GLU A 23 3.03 6.32 -12.40
CA GLU A 23 3.58 5.47 -13.42
C GLU A 23 2.73 4.22 -13.55
N THR A 24 2.78 3.38 -12.55
CA THR A 24 2.01 2.17 -12.53
C THR A 24 0.80 2.37 -11.63
N LEU A 25 -0.36 2.38 -12.22
CA LEU A 25 -1.58 2.63 -11.50
C LEU A 25 -2.29 1.35 -11.13
N VAL A 26 -2.90 1.37 -9.99
CA VAL A 26 -3.69 0.27 -9.52
C VAL A 26 -5.14 0.68 -9.64
N ARG A 27 -5.99 -0.27 -9.88
CA ARG A 27 -7.38 0.00 -10.06
C ARG A 27 -8.08 -0.02 -8.72
N PRO A 28 -9.05 0.86 -8.52
CA PRO A 28 -9.73 1.00 -7.24
C PRO A 28 -10.91 0.04 -7.04
N LYS A 29 -11.39 0.05 -5.83
CA LYS A 29 -12.59 -0.63 -5.41
C LYS A 29 -13.29 0.30 -4.44
N PRO A 30 -14.63 0.25 -4.32
CA PRO A 30 -15.44 1.18 -3.48
C PRO A 30 -14.95 1.26 -2.03
N LEU A 31 -14.42 0.17 -1.53
CA LEU A 31 -13.91 0.07 -0.18
C LEU A 31 -12.72 1.00 0.00
N LEU A 32 -11.78 0.90 -0.88
CA LEU A 32 -10.61 1.75 -0.81
C LEU A 32 -10.97 3.16 -1.19
N LEU A 33 -11.87 3.30 -2.16
CA LEU A 33 -12.35 4.61 -2.60
C LEU A 33 -12.95 5.41 -1.46
N LYS A 34 -13.75 4.76 -0.61
CA LYS A 34 -14.38 5.47 0.49
C LYS A 34 -13.31 5.95 1.47
N LEU A 35 -12.28 5.13 1.70
CA LEU A 35 -11.27 5.51 2.66
C LEU A 35 -10.36 6.58 2.06
N LEU A 36 -9.99 6.38 0.79
CA LEU A 36 -9.09 7.28 0.08
C LEU A 36 -9.66 8.67 -0.01
N LYS A 37 -10.88 8.79 -0.47
CA LYS A 37 -11.44 10.09 -0.71
C LYS A 37 -11.83 10.78 0.58
N SER A 38 -12.00 10.01 1.64
CA SER A 38 -12.23 10.61 2.93
C SER A 38 -10.95 11.21 3.50
N VAL A 39 -9.80 10.62 3.14
CA VAL A 39 -8.53 11.09 3.65
C VAL A 39 -7.81 12.04 2.69
N GLY A 40 -8.50 12.45 1.65
CA GLY A 40 -7.95 13.48 0.79
C GLY A 40 -7.51 13.03 -0.59
N ALA A 41 -7.88 11.84 -1.00
CA ALA A 41 -7.51 11.37 -2.33
C ALA A 41 -8.43 11.97 -3.32
N GLN A 42 -7.89 12.46 -4.38
CA GLN A 42 -8.67 13.16 -5.37
C GLN A 42 -9.04 12.28 -6.53
N LYS A 43 -8.13 11.43 -6.94
CA LYS A 43 -8.37 10.61 -8.11
C LYS A 43 -8.87 9.25 -7.74
N ASP A 44 -9.46 8.57 -8.70
CA ASP A 44 -9.92 7.21 -8.52
C ASP A 44 -8.76 6.27 -8.76
N THR A 45 -7.79 6.73 -9.52
CA THR A 45 -6.63 5.96 -9.78
C THR A 45 -5.50 6.41 -8.90
N TYR A 46 -4.66 5.48 -8.53
CA TYR A 46 -3.63 5.71 -7.57
C TYR A 46 -2.54 4.66 -7.72
N THR A 47 -1.36 5.00 -7.31
CA THR A 47 -0.26 4.07 -7.33
C THR A 47 -0.15 3.41 -5.97
N MET A 48 0.63 2.35 -5.88
CA MET A 48 0.87 1.69 -4.60
C MET A 48 1.50 2.61 -3.60
N LYS A 49 2.29 3.54 -4.09
CA LYS A 49 2.96 4.52 -3.23
C LYS A 49 1.90 5.38 -2.55
N GLU A 50 0.91 5.78 -3.33
CA GLU A 50 -0.19 6.59 -2.86
C GLU A 50 -1.09 5.83 -1.91
N VAL A 51 -1.12 4.50 -2.04
CA VAL A 51 -1.93 3.70 -1.13
C VAL A 51 -1.34 3.81 0.23
N LEU A 52 -0.03 3.70 0.31
CA LEU A 52 0.67 3.81 1.58
C LEU A 52 0.34 5.13 2.23
N PHE A 53 0.36 6.17 1.45
CA PHE A 53 0.12 7.47 2.00
C PHE A 53 -1.33 7.64 2.47
N TYR A 54 -2.27 7.41 1.59
CA TYR A 54 -3.67 7.62 1.92
C TYR A 54 -4.29 6.52 2.76
N LEU A 55 -3.93 5.25 2.50
CA LEU A 55 -4.52 4.16 3.26
C LEU A 55 -4.01 4.26 4.70
N GLY A 56 -2.75 4.69 4.80
CA GLY A 56 -2.11 4.87 6.08
C GLY A 56 -2.79 5.95 6.88
N GLN A 57 -3.27 6.98 6.20
CA GLN A 57 -4.00 8.07 6.85
C GLN A 57 -5.20 7.49 7.56
N TYR A 58 -5.94 6.64 6.84
CA TYR A 58 -7.16 6.07 7.34
C TYR A 58 -6.92 5.18 8.58
N ILE A 59 -5.87 4.38 8.54
CA ILE A 59 -5.56 3.46 9.63
C ILE A 59 -5.16 4.26 10.86
N MET A 60 -4.42 5.31 10.60
CA MET A 60 -3.89 6.13 11.64
C MET A 60 -4.93 7.06 12.23
N THR A 61 -5.75 7.66 11.38
CA THR A 61 -6.74 8.64 11.84
C THR A 61 -7.89 7.97 12.61
N LYS A 62 -8.15 6.72 12.32
CA LYS A 62 -9.17 6.00 13.04
C LYS A 62 -8.56 5.31 14.22
N ARG A 63 -7.23 5.17 14.15
CA ARG A 63 -6.44 4.47 15.14
C ARG A 63 -6.82 3.00 15.16
N LEU A 64 -6.56 2.35 14.06
CA LEU A 64 -6.91 0.95 13.90
C LEU A 64 -5.73 0.06 14.24
N TYR A 65 -4.64 0.67 14.62
CA TYR A 65 -3.46 -0.08 14.95
C TYR A 65 -3.26 -0.18 16.45
N ASP A 66 -2.31 -0.97 16.86
CA ASP A 66 -1.97 -1.20 18.26
C ASP A 66 -1.39 0.07 18.85
N GLU A 67 -1.88 0.43 19.99
CA GLU A 67 -1.45 1.63 20.67
C GLU A 67 -0.04 1.45 21.27
N LYS A 68 0.39 0.22 21.47
CA LYS A 68 1.69 -0.03 22.08
C LYS A 68 2.67 -0.43 21.00
N GLN A 69 2.16 -1.07 19.97
CA GLN A 69 3.00 -1.49 18.85
C GLN A 69 2.54 -0.90 17.54
N GLN A 70 3.24 0.10 17.07
CA GLN A 70 2.91 0.77 15.81
C GLN A 70 2.86 -0.22 14.65
N HIS A 71 3.78 -1.19 14.65
CA HIS A 71 3.87 -2.14 13.55
C HIS A 71 2.73 -3.17 13.54
N ILE A 72 1.89 -3.12 14.53
CA ILE A 72 0.79 -4.04 14.64
C ILE A 72 -0.48 -3.31 14.36
N VAL A 73 -1.09 -3.62 13.28
CA VAL A 73 -2.32 -3.02 12.97
C VAL A 73 -3.41 -4.02 13.18
N TYR A 74 -4.41 -3.66 13.93
CA TYR A 74 -5.45 -4.59 14.19
C TYR A 74 -6.48 -4.52 13.09
N CYS A 75 -7.20 -3.40 13.05
CA CYS A 75 -8.35 -3.24 12.18
C CYS A 75 -9.36 -4.35 12.44
N SER A 76 -9.45 -4.77 13.70
CA SER A 76 -10.35 -5.82 14.12
C SER A 76 -11.76 -5.25 14.15
N ASN A 77 -11.84 -3.96 14.29
CA ASN A 77 -13.12 -3.27 14.37
C ASN A 77 -13.45 -2.67 13.02
N ASP A 78 -12.66 -2.96 12.02
CA ASP A 78 -12.88 -2.37 10.71
C ASP A 78 -12.83 -3.44 9.62
N LEU A 79 -13.22 -3.05 8.42
CA LEU A 79 -13.32 -3.91 7.29
C LEU A 79 -11.92 -4.12 6.65
N LEU A 80 -11.01 -3.15 6.81
CA LEU A 80 -9.66 -3.19 6.22
C LEU A 80 -8.90 -4.52 6.46
N GLY A 81 -8.59 -4.80 7.71
CA GLY A 81 -7.87 -6.01 8.03
C GLY A 81 -8.68 -7.22 7.73
N ASP A 82 -9.97 -7.09 7.96
CA ASP A 82 -10.92 -8.16 7.76
C ASP A 82 -10.84 -8.65 6.33
N LEU A 83 -10.86 -7.68 5.41
CA LEU A 83 -10.82 -7.82 3.96
C LEU A 83 -9.59 -8.54 3.47
N PHE A 84 -8.48 -8.32 4.15
CA PHE A 84 -7.24 -9.04 3.84
C PHE A 84 -7.44 -10.49 4.15
N GLY A 85 -8.33 -10.68 5.05
CA GLY A 85 -8.71 -12.00 5.50
C GLY A 85 -8.07 -12.30 6.79
N VAL A 86 -7.95 -11.27 7.61
CA VAL A 86 -7.30 -11.40 8.92
C VAL A 86 -7.97 -10.52 9.96
N PRO A 87 -7.72 -10.77 11.26
CA PRO A 87 -8.18 -9.89 12.31
C PRO A 87 -7.13 -8.83 12.71
N SER A 88 -5.88 -9.05 12.27
CA SER A 88 -4.76 -8.12 12.53
C SER A 88 -3.66 -8.33 11.47
N PHE A 89 -2.91 -7.28 11.15
CA PHE A 89 -1.85 -7.36 10.18
C PHE A 89 -0.62 -6.60 10.65
N SER A 90 0.53 -7.07 10.30
CA SER A 90 1.76 -6.44 10.69
C SER A 90 2.35 -5.74 9.50
N VAL A 91 2.73 -4.50 9.70
CA VAL A 91 3.32 -3.69 8.65
C VAL A 91 4.72 -4.19 8.27
N LYS A 92 5.28 -5.04 9.13
CA LYS A 92 6.61 -5.60 8.90
C LYS A 92 6.55 -6.67 7.86
N GLU A 93 5.35 -7.14 7.60
CA GLU A 93 5.12 -8.05 6.54
C GLU A 93 4.69 -7.30 5.32
N HIS A 94 5.66 -6.79 4.70
CA HIS A 94 5.56 -5.94 3.52
C HIS A 94 4.85 -6.65 2.39
N ARG A 95 5.15 -7.94 2.19
CA ARG A 95 4.55 -8.67 1.09
C ARG A 95 3.05 -8.81 1.33
N LYS A 96 2.68 -8.95 2.60
CA LYS A 96 1.29 -9.02 3.00
C LYS A 96 0.61 -7.73 2.72
N ILE A 97 1.30 -6.63 2.96
CA ILE A 97 0.76 -5.32 2.69
C ILE A 97 0.56 -5.17 1.19
N TYR A 98 1.54 -5.62 0.42
CA TYR A 98 1.45 -5.57 -1.04
C TYR A 98 0.27 -6.39 -1.51
N THR A 99 0.15 -7.61 -0.97
CA THR A 99 -0.95 -8.51 -1.35
C THR A 99 -2.32 -7.99 -0.92
N MET A 100 -2.32 -7.22 0.14
CA MET A 100 -3.53 -6.63 0.72
C MET A 100 -4.10 -5.61 -0.24
N ILE A 101 -3.20 -4.90 -0.86
CA ILE A 101 -3.53 -3.86 -1.80
C ILE A 101 -3.81 -4.50 -3.15
N TYR A 102 -2.99 -5.48 -3.48
CA TYR A 102 -3.08 -6.22 -4.71
C TYR A 102 -4.40 -7.00 -4.81
N ARG A 103 -4.89 -7.49 -3.68
CA ARG A 103 -6.18 -8.19 -3.63
C ARG A 103 -7.32 -7.22 -3.92
N ASN A 104 -7.07 -5.97 -3.64
CA ASN A 104 -8.09 -4.95 -3.78
C ASN A 104 -7.94 -4.12 -5.01
N LEU A 105 -7.01 -4.47 -5.84
CA LEU A 105 -6.89 -3.84 -7.12
C LEU A 105 -7.31 -4.85 -8.14
N VAL A 106 -7.73 -4.42 -9.27
CA VAL A 106 -8.20 -5.36 -10.26
C VAL A 106 -7.25 -5.47 -11.43
N VAL A 107 -7.00 -6.68 -11.81
CA VAL A 107 -6.16 -6.99 -12.92
C VAL A 107 -6.85 -8.03 -13.78
N ASP B 1 16.25 -0.59 19.71
CA ASP B 1 15.61 0.72 19.50
C ASP B 1 14.66 0.67 18.32
N GLY B 2 14.36 -0.52 17.85
CA GLY B 2 13.53 -0.66 16.68
C GLY B 2 12.07 -0.62 17.03
N GLY B 3 11.58 0.55 17.35
CA GLY B 3 10.19 0.73 17.63
C GLY B 3 9.45 1.07 16.37
N THR B 4 10.01 2.02 15.64
CA THR B 4 9.52 2.53 14.37
C THR B 4 8.11 3.14 14.43
N THR B 5 8.02 4.43 14.21
CA THR B 5 6.76 5.12 14.21
C THR B 5 5.94 4.72 12.96
N PHE B 6 4.64 4.52 13.13
CA PHE B 6 3.73 4.05 12.07
C PHE B 6 3.76 5.01 10.90
N GLU B 7 3.82 6.28 11.24
CA GLU B 7 3.86 7.40 10.33
C GLU B 7 5.00 7.23 9.30
N HIS B 8 6.11 6.66 9.73
CA HIS B 8 7.25 6.49 8.86
C HIS B 8 7.18 5.17 8.14
N LEU B 9 7.09 4.11 8.93
CA LEU B 9 7.20 2.75 8.43
C LEU B 9 6.19 2.38 7.33
N TRP B 10 4.97 2.84 7.45
CA TRP B 10 3.92 2.48 6.54
C TRP B 10 4.05 3.27 5.25
N SER B 11 4.39 4.52 5.40
CA SER B 11 4.54 5.40 4.27
C SER B 11 5.82 5.04 3.49
N SER B 12 6.67 4.24 4.09
CA SER B 12 7.95 3.91 3.54
C SER B 12 8.07 2.42 3.24
N LEU B 13 6.95 1.69 3.15
CA LEU B 13 7.09 0.27 2.97
C LEU B 13 6.99 -0.15 1.52
N GLU B 14 7.14 0.83 0.64
CA GLU B 14 7.09 0.59 -0.78
C GLU B 14 8.35 -0.21 -1.20
N PRO B 15 8.24 -1.09 -2.17
CA PRO B 15 9.35 -1.91 -2.60
C PRO B 15 10.36 -1.14 -3.44
N ASP B 16 9.87 -0.46 -4.44
CA ASP B 16 10.65 0.26 -5.42
C ASP B 16 9.71 1.03 -6.28
N ASN A 1 44.21 -13.53 4.16
CA ASN A 1 45.11 -14.15 3.19
C ASN A 1 44.56 -13.93 1.83
N THR A 2 43.43 -14.53 1.57
CA THR A 2 42.74 -14.33 0.34
C THR A 2 41.86 -13.09 0.51
N ASN A 3 42.47 -11.95 0.37
CA ASN A 3 41.78 -10.70 0.59
C ASN A 3 41.22 -10.20 -0.70
N MET A 4 40.05 -9.64 -0.62
CA MET A 4 39.34 -9.23 -1.79
C MET A 4 39.26 -7.73 -1.92
N SER A 5 39.45 -7.27 -3.11
CA SER A 5 39.37 -5.88 -3.44
C SER A 5 38.90 -5.75 -4.88
N VAL A 6 37.63 -5.59 -5.03
CA VAL A 6 37.04 -5.47 -6.34
C VAL A 6 36.82 -4.00 -6.69
N PRO A 7 36.95 -3.66 -7.99
CA PRO A 7 36.74 -2.30 -8.48
C PRO A 7 35.40 -1.74 -8.00
N THR A 8 35.48 -0.78 -7.13
CA THR A 8 34.33 -0.19 -6.54
C THR A 8 33.91 1.04 -7.32
N ASP A 9 32.74 0.99 -7.89
CA ASP A 9 32.22 2.11 -8.65
C ASP A 9 31.63 3.14 -7.72
N GLY A 10 31.14 2.67 -6.60
CA GLY A 10 30.56 3.53 -5.63
C GLY A 10 29.12 3.17 -5.42
N ALA A 11 28.36 4.06 -4.82
CA ALA A 11 26.96 3.78 -4.53
C ALA A 11 26.07 4.11 -5.74
N VAL A 12 26.74 4.49 -6.81
CA VAL A 12 26.10 4.92 -8.05
C VAL A 12 25.11 3.90 -8.62
N THR A 13 25.48 2.64 -8.63
CA THR A 13 24.64 1.62 -9.20
C THR A 13 23.73 0.99 -8.16
N THR A 14 24.07 1.18 -6.91
CA THR A 14 23.33 0.63 -5.83
C THR A 14 22.09 1.47 -5.53
N SER A 15 22.28 2.77 -5.45
CA SER A 15 21.21 3.68 -5.15
C SER A 15 20.34 3.93 -6.38
N GLN A 16 20.97 4.06 -7.54
CA GLN A 16 20.23 4.31 -8.75
C GLN A 16 19.97 3.02 -9.51
N ILE A 17 18.79 2.50 -9.34
CA ILE A 17 18.36 1.27 -9.95
C ILE A 17 17.57 1.62 -11.21
N PRO A 18 17.94 1.07 -12.37
CA PRO A 18 17.23 1.31 -13.62
C PRO A 18 15.77 0.86 -13.55
N ALA A 19 14.88 1.67 -14.07
CA ALA A 19 13.46 1.41 -14.01
C ALA A 19 13.09 0.22 -14.88
N SER A 20 12.23 -0.61 -14.36
CA SER A 20 11.75 -1.78 -15.07
C SER A 20 10.34 -2.10 -14.56
N GLU A 21 10.24 -2.35 -13.26
CA GLU A 21 8.99 -2.73 -12.63
C GLU A 21 8.07 -1.54 -12.59
N GLN A 22 8.53 -0.55 -11.90
CA GLN A 22 7.81 0.69 -11.63
C GLN A 22 6.57 0.41 -10.79
N GLU A 23 5.81 1.41 -10.52
CA GLU A 23 4.59 1.21 -9.77
C GLU A 23 3.44 0.99 -10.71
N THR A 24 2.69 -0.01 -10.45
CA THR A 24 1.53 -0.32 -11.22
C THR A 24 0.35 0.47 -10.65
N LEU A 25 -0.36 1.19 -11.50
CA LEU A 25 -1.54 1.91 -11.06
C LEU A 25 -2.61 0.93 -10.71
N VAL A 26 -3.26 1.17 -9.64
CA VAL A 26 -4.28 0.30 -9.19
C VAL A 26 -5.64 0.85 -9.60
N ARG A 27 -6.47 -0.02 -10.05
CA ARG A 27 -7.80 0.31 -10.53
C ARG A 27 -8.84 0.17 -9.41
N PRO A 28 -10.01 0.88 -9.54
CA PRO A 28 -11.15 0.88 -8.60
C PRO A 28 -11.20 -0.26 -7.58
N LYS A 29 -11.04 0.12 -6.35
CA LYS A 29 -11.03 -0.76 -5.23
C LYS A 29 -11.94 -0.19 -4.14
N PRO A 30 -13.18 -0.69 -4.05
CA PRO A 30 -14.26 -0.05 -3.26
C PRO A 30 -13.91 0.25 -1.81
N LEU A 31 -13.47 -0.76 -1.08
CA LEU A 31 -13.19 -0.64 0.33
C LEU A 31 -12.05 0.34 0.59
N LEU A 32 -11.00 0.21 -0.17
CA LEU A 32 -9.88 1.09 0.00
C LEU A 32 -10.22 2.49 -0.48
N LEU A 33 -10.96 2.58 -1.57
CA LEU A 33 -11.32 3.86 -2.14
C LEU A 33 -12.19 4.66 -1.16
N LYS A 34 -13.07 3.97 -0.43
CA LYS A 34 -13.93 4.66 0.52
C LYS A 34 -13.08 5.25 1.66
N LEU A 35 -12.01 4.55 2.06
CA LEU A 35 -11.14 5.09 3.11
C LEU A 35 -10.26 6.20 2.52
N LEU A 36 -9.81 5.98 1.28
CA LEU A 36 -8.95 6.93 0.58
C LEU A 36 -9.69 8.24 0.33
N LYS A 37 -10.96 8.12 -0.02
CA LYS A 37 -11.76 9.28 -0.33
C LYS A 37 -11.97 10.08 0.93
N SER A 38 -12.11 9.37 2.03
CA SER A 38 -12.31 9.98 3.32
C SER A 38 -11.06 10.74 3.79
N VAL A 39 -9.92 10.44 3.19
CA VAL A 39 -8.70 11.11 3.55
C VAL A 39 -8.20 12.04 2.46
N GLY A 40 -9.05 12.29 1.48
CA GLY A 40 -8.76 13.29 0.48
C GLY A 40 -8.23 12.77 -0.83
N ALA A 41 -8.58 11.57 -1.21
CA ALA A 41 -8.15 11.05 -2.52
C ALA A 41 -8.94 11.72 -3.64
N GLN A 42 -8.26 12.04 -4.72
CA GLN A 42 -8.88 12.74 -5.84
C GLN A 42 -8.78 11.96 -7.14
N LYS A 43 -7.86 11.04 -7.19
CA LYS A 43 -7.64 10.25 -8.37
C LYS A 43 -8.43 8.96 -8.28
N ASP A 44 -8.64 8.32 -9.39
CA ASP A 44 -9.31 7.02 -9.44
C ASP A 44 -8.28 5.91 -9.50
N THR A 45 -7.07 6.29 -9.81
CA THR A 45 -5.97 5.37 -9.87
C THR A 45 -4.89 5.86 -8.98
N TYR A 46 -4.13 4.96 -8.43
CA TYR A 46 -3.12 5.35 -7.48
C TYR A 46 -1.93 4.45 -7.67
N THR A 47 -0.78 4.96 -7.32
CA THR A 47 0.42 4.16 -7.26
C THR A 47 0.50 3.56 -5.86
N MET A 48 1.54 2.80 -5.57
CA MET A 48 1.64 2.13 -4.30
C MET A 48 1.98 3.12 -3.22
N LYS A 49 2.84 4.07 -3.57
CA LYS A 49 3.22 5.18 -2.68
C LYS A 49 1.97 5.89 -2.19
N GLU A 50 1.08 6.17 -3.12
CA GLU A 50 -0.14 6.93 -2.84
C GLU A 50 -1.06 6.17 -1.90
N VAL A 51 -1.05 4.85 -1.99
CA VAL A 51 -1.85 4.05 -1.10
C VAL A 51 -1.24 4.14 0.27
N LEU A 52 0.07 4.01 0.35
CA LEU A 52 0.78 4.14 1.61
C LEU A 52 0.46 5.47 2.26
N PHE A 53 0.42 6.51 1.45
CA PHE A 53 0.12 7.82 1.97
C PHE A 53 -1.32 7.91 2.45
N TYR A 54 -2.26 7.72 1.57
CA TYR A 54 -3.67 7.87 1.89
C TYR A 54 -4.21 6.78 2.83
N LEU A 55 -3.82 5.53 2.60
CA LEU A 55 -4.34 4.43 3.40
C LEU A 55 -3.83 4.59 4.82
N GLY A 56 -2.59 5.05 4.90
CA GLY A 56 -1.95 5.31 6.17
C GLY A 56 -2.68 6.38 6.94
N GLN A 57 -3.18 7.40 6.22
CA GLN A 57 -3.92 8.50 6.83
C GLN A 57 -5.09 7.96 7.60
N TYR A 58 -5.83 7.06 6.97
CA TYR A 58 -7.05 6.51 7.54
C TYR A 58 -6.77 5.70 8.79
N ILE A 59 -5.71 4.90 8.77
CA ILE A 59 -5.39 4.04 9.89
C ILE A 59 -4.93 4.91 11.06
N MET A 60 -4.23 5.97 10.74
CA MET A 60 -3.72 6.90 11.74
C MET A 60 -4.81 7.79 12.31
N THR A 61 -5.70 8.27 11.47
CA THR A 61 -6.74 9.23 11.91
C THR A 61 -7.79 8.55 12.77
N LYS A 62 -8.10 7.32 12.47
CA LYS A 62 -9.07 6.58 13.22
C LYS A 62 -8.43 5.87 14.38
N ARG A 63 -7.12 5.71 14.27
CA ARG A 63 -6.32 4.98 15.24
C ARG A 63 -6.76 3.54 15.27
N LEU A 64 -6.53 2.85 14.17
CA LEU A 64 -6.94 1.47 14.01
C LEU A 64 -5.81 0.53 14.39
N TYR A 65 -4.70 1.10 14.78
CA TYR A 65 -3.52 0.33 15.10
C TYR A 65 -3.49 -0.03 16.57
N ASP A 66 -2.50 -0.78 16.96
CA ASP A 66 -2.38 -1.22 18.34
C ASP A 66 -2.03 -0.06 19.24
N GLU A 67 -2.41 -0.16 20.46
CA GLU A 67 -2.14 0.87 21.43
C GLU A 67 -0.84 0.60 22.17
N LYS A 68 -0.28 -0.59 21.99
CA LYS A 68 0.96 -0.93 22.67
C LYS A 68 2.11 -0.89 21.68
N GLN A 69 1.82 -1.22 20.43
CA GLN A 69 2.83 -1.22 19.36
C GLN A 69 2.39 -0.45 18.14
N GLN A 70 3.35 -0.02 17.35
CA GLN A 70 3.11 0.71 16.12
C GLN A 70 3.07 -0.25 14.92
N HIS A 71 3.92 -1.29 14.92
CA HIS A 71 3.95 -2.24 13.78
C HIS A 71 2.82 -3.26 13.83
N ILE A 72 1.98 -3.13 14.80
CA ILE A 72 0.83 -3.97 14.95
C ILE A 72 -0.38 -3.12 14.76
N VAL A 73 -1.16 -3.45 13.80
CA VAL A 73 -2.35 -2.73 13.55
C VAL A 73 -3.49 -3.67 13.75
N TYR A 74 -4.54 -3.26 14.34
CA TYR A 74 -5.64 -4.15 14.53
C TYR A 74 -6.62 -4.09 13.40
N CYS A 75 -7.34 -2.96 13.31
CA CYS A 75 -8.41 -2.81 12.34
C CYS A 75 -9.42 -3.95 12.50
N SER A 76 -9.60 -4.37 13.74
CA SER A 76 -10.52 -5.41 14.06
C SER A 76 -11.89 -4.81 13.99
N ASN A 77 -12.84 -5.57 13.47
CA ASN A 77 -14.23 -5.12 13.22
C ASN A 77 -14.29 -4.26 11.96
N ASP A 78 -13.12 -4.04 11.36
CA ASP A 78 -12.98 -3.30 10.11
C ASP A 78 -12.57 -4.33 9.07
N LEU A 79 -12.59 -3.98 7.82
CA LEU A 79 -12.32 -4.94 6.79
C LEU A 79 -10.82 -4.94 6.42
N LEU A 80 -10.09 -3.92 6.83
CA LEU A 80 -8.67 -3.81 6.53
C LEU A 80 -7.88 -4.99 7.11
N GLY A 81 -8.04 -5.21 8.42
CA GLY A 81 -7.38 -6.34 9.06
C GLY A 81 -7.91 -7.63 8.50
N ASP A 82 -9.23 -7.63 8.24
CA ASP A 82 -9.92 -8.78 7.70
C ASP A 82 -9.23 -9.23 6.43
N LEU A 83 -9.03 -8.25 5.50
CA LEU A 83 -8.33 -8.42 4.19
C LEU A 83 -7.04 -9.17 4.29
N PHE A 84 -6.22 -8.80 5.26
CA PHE A 84 -4.93 -9.49 5.50
C PHE A 84 -5.21 -10.97 5.83
N GLY A 85 -6.36 -11.17 6.36
CA GLY A 85 -6.84 -12.47 6.74
C GLY A 85 -6.68 -12.68 8.19
N VAL A 86 -6.91 -11.60 8.93
CA VAL A 86 -6.66 -11.61 10.38
C VAL A 86 -7.55 -10.60 11.12
N PRO A 87 -7.50 -10.57 12.47
CA PRO A 87 -8.14 -9.52 13.25
C PRO A 87 -7.14 -8.38 13.61
N SER A 88 -5.87 -8.60 13.28
CA SER A 88 -4.80 -7.63 13.48
C SER A 88 -3.67 -7.93 12.50
N PHE A 89 -3.17 -6.93 11.83
CA PHE A 89 -2.25 -7.16 10.75
C PHE A 89 -0.87 -6.57 11.03
N SER A 90 0.09 -7.11 10.34
CA SER A 90 1.46 -6.76 10.52
C SER A 90 1.97 -5.96 9.35
N VAL A 91 2.28 -4.70 9.62
CA VAL A 91 2.77 -3.79 8.58
C VAL A 91 4.20 -4.09 8.15
N LYS A 92 4.86 -4.98 8.89
CA LYS A 92 6.20 -5.43 8.54
C LYS A 92 6.19 -6.34 7.32
N GLU A 93 5.02 -6.71 6.86
CA GLU A 93 4.92 -7.46 5.65
C GLU A 93 4.99 -6.51 4.47
N HIS A 94 5.68 -6.91 3.45
CA HIS A 94 5.64 -6.18 2.19
C HIS A 94 4.56 -6.74 1.29
N ARG A 95 4.70 -8.02 0.96
CA ARG A 95 3.80 -8.71 0.01
C ARG A 95 2.37 -8.68 0.45
N LYS A 96 2.12 -8.94 1.71
CA LYS A 96 0.75 -8.94 2.24
C LYS A 96 0.08 -7.59 2.13
N ILE A 97 0.87 -6.53 2.02
CA ILE A 97 0.29 -5.21 1.86
C ILE A 97 -0.08 -5.04 0.41
N TYR A 98 0.83 -5.44 -0.47
CA TYR A 98 0.62 -5.33 -1.92
C TYR A 98 -0.60 -6.12 -2.33
N THR A 99 -0.70 -7.33 -1.81
CA THR A 99 -1.77 -8.22 -2.14
C THR A 99 -3.10 -7.80 -1.52
N MET A 100 -3.01 -7.12 -0.38
CA MET A 100 -4.17 -6.58 0.34
C MET A 100 -4.86 -5.54 -0.55
N ILE A 101 -4.03 -4.80 -1.27
CA ILE A 101 -4.46 -3.76 -2.15
C ILE A 101 -4.92 -4.37 -3.47
N TYR A 102 -4.10 -5.26 -3.98
CA TYR A 102 -4.31 -5.95 -5.23
C TYR A 102 -5.57 -6.83 -5.25
N ARG A 103 -5.90 -7.38 -4.10
CA ARG A 103 -7.08 -8.22 -3.94
C ARG A 103 -8.36 -7.38 -4.09
N ASN A 104 -8.21 -6.10 -3.92
CA ASN A 104 -9.34 -5.19 -3.99
C ASN A 104 -9.41 -4.43 -5.28
N LEU A 105 -8.33 -4.37 -6.03
CA LEU A 105 -8.32 -3.60 -7.26
C LEU A 105 -8.91 -4.40 -8.39
N VAL A 106 -9.04 -3.78 -9.53
CA VAL A 106 -9.64 -4.42 -10.67
C VAL A 106 -8.56 -5.01 -11.56
N VAL A 107 -8.58 -6.32 -11.66
CA VAL A 107 -7.73 -7.03 -12.59
C VAL A 107 -8.58 -7.89 -13.47
N ASP B 1 13.95 5.11 5.88
CA ASP B 1 15.04 5.61 6.73
C ASP B 1 14.81 5.31 8.21
N GLY B 2 13.92 4.38 8.51
CA GLY B 2 13.64 4.08 9.89
C GLY B 2 12.29 3.47 10.06
N GLY B 3 12.24 2.16 10.05
CA GLY B 3 10.98 1.47 10.20
C GLY B 3 10.58 1.33 11.65
N THR B 4 10.63 2.41 12.36
CA THR B 4 10.37 2.44 13.76
C THR B 4 8.87 2.68 14.07
N THR B 5 8.41 3.90 13.88
CA THR B 5 7.05 4.21 14.18
C THR B 5 6.17 4.02 12.94
N PHE B 6 4.87 3.87 13.18
CA PHE B 6 3.85 3.53 12.17
C PHE B 6 3.91 4.47 10.97
N GLU B 7 3.90 5.76 11.24
CA GLU B 7 3.95 6.82 10.24
C GLU B 7 5.07 6.60 9.22
N HIS B 8 6.19 6.16 9.71
CA HIS B 8 7.38 6.07 8.92
C HIS B 8 7.44 4.73 8.22
N LEU B 9 7.24 3.67 8.97
CA LEU B 9 7.41 2.32 8.45
C LEU B 9 6.42 1.94 7.34
N TRP B 10 5.26 2.55 7.37
CA TRP B 10 4.20 2.23 6.44
C TRP B 10 4.44 2.96 5.13
N SER B 11 4.88 4.18 5.23
CA SER B 11 5.09 5.01 4.08
C SER B 11 6.39 4.65 3.37
N SER B 12 7.16 3.80 3.98
CA SER B 12 8.45 3.43 3.48
C SER B 12 8.48 1.99 2.97
N LEU B 13 7.32 1.38 2.77
CA LEU B 13 7.34 -0.02 2.34
C LEU B 13 7.23 -0.09 0.81
N GLU B 14 7.42 1.07 0.24
CA GLU B 14 7.38 1.33 -1.18
C GLU B 14 8.57 0.65 -1.89
N PRO B 15 8.46 0.39 -3.19
CA PRO B 15 9.53 -0.22 -3.96
C PRO B 15 10.63 0.78 -4.38
N ASP B 16 10.28 1.71 -5.25
CA ASP B 16 11.23 2.66 -5.78
C ASP B 16 10.48 3.87 -6.29
N ASN A 1 25.40 20.66 -39.29
CA ASN A 1 25.89 19.30 -39.52
C ASN A 1 24.77 18.33 -39.32
N THR A 2 24.27 17.81 -40.39
CA THR A 2 23.20 16.87 -40.38
C THR A 2 23.71 15.51 -39.89
N ASN A 3 23.02 14.95 -38.93
CA ASN A 3 23.39 13.67 -38.36
C ASN A 3 23.28 12.57 -39.39
N MET A 4 24.41 11.98 -39.69
CA MET A 4 24.49 10.91 -40.65
C MET A 4 24.03 9.62 -40.00
N SER A 5 24.16 9.58 -38.71
CA SER A 5 23.75 8.47 -37.94
C SER A 5 22.91 9.01 -36.79
N VAL A 6 21.69 8.53 -36.67
CA VAL A 6 20.82 8.99 -35.63
C VAL A 6 20.59 7.91 -34.57
N PRO A 7 20.42 8.31 -33.30
CA PRO A 7 20.15 7.39 -32.18
C PRO A 7 18.90 6.53 -32.41
N THR A 8 17.92 7.10 -33.06
CA THR A 8 16.68 6.43 -33.36
C THR A 8 16.87 5.38 -34.46
N ASP A 9 17.91 5.61 -35.28
CA ASP A 9 18.34 4.77 -36.44
C ASP A 9 17.35 4.77 -37.60
N GLY A 10 16.10 4.63 -37.28
CA GLY A 10 15.09 4.52 -38.28
C GLY A 10 14.44 3.18 -38.20
N ALA A 11 14.42 2.65 -36.99
CA ALA A 11 13.86 1.35 -36.73
C ALA A 11 12.36 1.42 -36.78
N VAL A 12 11.76 0.50 -37.50
CA VAL A 12 10.32 0.45 -37.61
C VAL A 12 9.68 -0.23 -36.40
N THR A 13 9.63 0.50 -35.32
CA THR A 13 9.03 0.04 -34.09
C THR A 13 7.55 0.40 -34.06
N THR A 14 6.98 0.53 -35.24
CA THR A 14 5.61 0.88 -35.44
C THR A 14 4.69 -0.27 -35.03
N SER A 15 5.13 -1.48 -35.31
CA SER A 15 4.41 -2.67 -34.96
C SER A 15 4.35 -2.83 -33.45
N GLN A 16 5.49 -2.90 -32.83
CA GLN A 16 5.58 -3.01 -31.40
C GLN A 16 6.35 -1.85 -30.85
N ILE A 17 5.65 -0.90 -30.32
CA ILE A 17 6.29 0.23 -29.70
C ILE A 17 6.67 -0.19 -28.29
N PRO A 18 7.95 -0.07 -27.93
CA PRO A 18 8.42 -0.50 -26.62
C PRO A 18 7.80 0.31 -25.48
N ALA A 19 7.06 -0.38 -24.66
CA ALA A 19 6.42 0.22 -23.53
C ALA A 19 7.12 -0.21 -22.26
N SER A 20 6.72 0.33 -21.14
CA SER A 20 7.29 -0.02 -19.86
C SER A 20 6.22 0.10 -18.79
N GLU A 21 5.94 -0.97 -18.10
CA GLU A 21 4.93 -0.95 -17.08
C GLU A 21 5.57 -0.57 -15.76
N GLN A 22 5.70 0.72 -15.56
CA GLN A 22 6.33 1.26 -14.39
C GLN A 22 5.29 1.86 -13.47
N GLU A 23 4.61 2.88 -13.95
CA GLU A 23 3.59 3.54 -13.18
C GLU A 23 2.29 2.76 -13.27
N THR A 24 2.23 1.69 -12.54
CA THR A 24 1.11 0.85 -12.52
C THR A 24 0.08 1.37 -11.53
N LEU A 25 -1.02 1.82 -12.04
CA LEU A 25 -2.08 2.33 -11.23
C LEU A 25 -2.99 1.21 -10.89
N VAL A 26 -3.51 1.23 -9.72
CA VAL A 26 -4.37 0.18 -9.27
C VAL A 26 -5.82 0.60 -9.38
N ARG A 27 -6.68 -0.37 -9.59
CA ARG A 27 -8.12 -0.12 -9.65
C ARG A 27 -8.74 -0.62 -8.35
N PRO A 28 -8.95 0.26 -7.37
CA PRO A 28 -9.41 -0.14 -6.04
C PRO A 28 -10.94 -0.32 -5.94
N LYS A 29 -11.35 -1.23 -5.05
CA LYS A 29 -12.77 -1.42 -4.73
C LYS A 29 -13.33 -0.14 -4.11
N PRO A 30 -14.67 0.06 -4.15
CA PRO A 30 -15.32 1.26 -3.58
C PRO A 30 -15.00 1.43 -2.09
N LEU A 31 -14.69 0.33 -1.44
CA LEU A 31 -14.33 0.31 -0.04
C LEU A 31 -12.95 0.97 0.18
N LEU A 32 -12.03 0.68 -0.71
CA LEU A 32 -10.72 1.29 -0.64
C LEU A 32 -10.84 2.73 -1.06
N LEU A 33 -11.62 2.95 -2.11
CA LEU A 33 -11.85 4.27 -2.64
C LEU A 33 -12.46 5.20 -1.58
N LYS A 34 -13.43 4.70 -0.81
CA LYS A 34 -14.06 5.51 0.21
C LYS A 34 -13.08 5.86 1.32
N LEU A 35 -12.13 4.97 1.60
CA LEU A 35 -11.17 5.26 2.66
C LEU A 35 -10.15 6.27 2.16
N LEU A 36 -9.70 6.06 0.93
CA LEU A 36 -8.69 6.89 0.31
C LEU A 36 -9.22 8.29 0.06
N LYS A 37 -10.41 8.38 -0.49
CA LYS A 37 -10.98 9.64 -0.89
C LYS A 37 -11.37 10.46 0.33
N SER A 38 -11.68 9.77 1.42
CA SER A 38 -12.08 10.45 2.63
C SER A 38 -10.88 11.11 3.34
N VAL A 39 -9.68 10.64 3.05
CA VAL A 39 -8.50 11.20 3.67
C VAL A 39 -7.80 12.22 2.77
N GLY A 40 -8.42 12.52 1.64
CA GLY A 40 -7.90 13.55 0.78
C GLY A 40 -7.31 13.05 -0.51
N ALA A 41 -7.77 11.90 -0.98
CA ALA A 41 -7.30 11.40 -2.26
C ALA A 41 -8.13 12.01 -3.36
N GLN A 42 -7.49 12.82 -4.16
CA GLN A 42 -8.15 13.59 -5.19
C GLN A 42 -8.24 12.84 -6.51
N LYS A 43 -7.46 11.80 -6.62
CA LYS A 43 -7.44 11.01 -7.81
C LYS A 43 -8.36 9.82 -7.69
N ASP A 44 -8.55 9.13 -8.78
CA ASP A 44 -9.38 7.93 -8.80
C ASP A 44 -8.52 6.72 -9.03
N THR A 45 -7.27 6.97 -9.31
CA THR A 45 -6.29 5.94 -9.52
C THR A 45 -5.06 6.27 -8.74
N TYR A 46 -4.38 5.25 -8.26
CA TYR A 46 -3.24 5.47 -7.40
C TYR A 46 -2.21 4.39 -7.64
N THR A 47 -0.99 4.66 -7.28
CA THR A 47 0.05 3.66 -7.27
C THR A 47 0.13 3.10 -5.85
N MET A 48 0.78 1.95 -5.69
CA MET A 48 0.96 1.28 -4.38
C MET A 48 1.58 2.22 -3.34
N LYS A 49 2.47 3.06 -3.82
CA LYS A 49 3.18 4.05 -3.01
C LYS A 49 2.17 5.01 -2.35
N GLU A 50 1.21 5.41 -3.13
CA GLU A 50 0.22 6.40 -2.74
C GLU A 50 -0.82 5.78 -1.82
N VAL A 51 -1.00 4.48 -1.95
CA VAL A 51 -1.91 3.76 -1.08
C VAL A 51 -1.33 3.77 0.29
N LEU A 52 -0.03 3.56 0.41
CA LEU A 52 0.66 3.62 1.69
C LEU A 52 0.40 4.97 2.34
N PHE A 53 0.43 6.01 1.54
CA PHE A 53 0.19 7.33 2.09
C PHE A 53 -1.24 7.49 2.58
N TYR A 54 -2.20 7.36 1.69
CA TYR A 54 -3.60 7.57 2.04
C TYR A 54 -4.19 6.50 2.93
N LEU A 55 -3.86 5.23 2.67
CA LEU A 55 -4.43 4.14 3.44
C LEU A 55 -3.94 4.27 4.88
N GLY A 56 -2.70 4.73 5.01
CA GLY A 56 -2.09 4.94 6.29
C GLY A 56 -2.80 6.00 7.10
N GLN A 57 -3.27 7.05 6.41
CA GLN A 57 -3.98 8.15 7.06
C GLN A 57 -5.22 7.60 7.74
N TYR A 58 -5.89 6.73 7.01
CA TYR A 58 -7.12 6.11 7.44
C TYR A 58 -6.92 5.27 8.70
N ILE A 59 -5.83 4.52 8.74
CA ILE A 59 -5.54 3.63 9.87
C ILE A 59 -5.17 4.49 11.07
N MET A 60 -4.44 5.56 10.79
CA MET A 60 -3.98 6.50 11.81
C MET A 60 -5.10 7.31 12.41
N THR A 61 -6.00 7.77 11.58
CA THR A 61 -7.05 8.69 12.01
C THR A 61 -8.12 7.98 12.85
N LYS A 62 -8.32 6.70 12.60
CA LYS A 62 -9.32 5.95 13.33
C LYS A 62 -8.62 5.17 14.45
N ARG A 63 -7.28 5.13 14.39
CA ARG A 63 -6.42 4.40 15.34
C ARG A 63 -6.72 2.92 15.30
N LEU A 64 -6.69 2.37 14.11
CA LEU A 64 -7.04 0.96 13.91
C LEU A 64 -5.89 0.03 14.26
N TYR A 65 -4.78 0.60 14.67
CA TYR A 65 -3.62 -0.17 14.98
C TYR A 65 -3.43 -0.28 16.50
N ASP A 66 -2.47 -1.07 16.89
CA ASP A 66 -2.13 -1.32 18.27
C ASP A 66 -1.56 -0.05 18.87
N GLU A 67 -2.05 0.34 20.01
CA GLU A 67 -1.60 1.56 20.63
C GLU A 67 -0.19 1.42 21.24
N LYS A 68 0.24 0.19 21.49
CA LYS A 68 1.54 -0.02 22.09
C LYS A 68 2.52 -0.46 21.02
N GLN A 69 2.01 -1.16 20.03
CA GLN A 69 2.83 -1.68 18.97
C GLN A 69 2.49 -1.05 17.65
N GLN A 70 3.40 -0.27 17.15
CA GLN A 70 3.18 0.48 15.93
C GLN A 70 3.18 -0.43 14.70
N HIS A 71 3.97 -1.50 14.73
CA HIS A 71 4.01 -2.45 13.59
C HIS A 71 2.77 -3.35 13.55
N ILE A 72 1.93 -3.24 14.54
CA ILE A 72 0.77 -4.08 14.65
C ILE A 72 -0.48 -3.29 14.38
N VAL A 73 -1.14 -3.62 13.33
CA VAL A 73 -2.36 -2.98 13.00
C VAL A 73 -3.46 -3.98 13.26
N TYR A 74 -4.57 -3.56 13.82
CA TYR A 74 -5.62 -4.51 14.08
C TYR A 74 -6.63 -4.48 12.97
N CYS A 75 -7.39 -3.37 12.90
CA CYS A 75 -8.49 -3.21 11.94
C CYS A 75 -9.49 -4.38 12.07
N SER A 76 -9.59 -4.94 13.27
CA SER A 76 -10.40 -6.10 13.54
C SER A 76 -11.88 -5.78 13.41
N ASN A 77 -12.27 -4.66 13.98
CA ASN A 77 -13.67 -4.25 13.97
C ASN A 77 -13.91 -3.32 12.79
N ASP A 78 -12.90 -3.17 11.98
CA ASP A 78 -12.97 -2.34 10.81
C ASP A 78 -13.06 -3.26 9.61
N LEU A 79 -13.46 -2.74 8.49
CA LEU A 79 -13.64 -3.53 7.31
C LEU A 79 -12.26 -3.79 6.65
N LEU A 80 -11.31 -2.87 6.86
CA LEU A 80 -9.96 -2.92 6.28
C LEU A 80 -9.31 -4.28 6.54
N GLY A 81 -9.26 -4.67 7.81
CA GLY A 81 -8.58 -5.89 8.20
C GLY A 81 -9.23 -7.08 7.59
N ASP A 82 -10.55 -7.14 7.74
CA ASP A 82 -11.33 -8.23 7.22
C ASP A 82 -11.01 -8.46 5.77
N LEU A 83 -11.18 -7.39 5.00
CA LEU A 83 -11.04 -7.34 3.55
C LEU A 83 -9.65 -7.77 3.07
N PHE A 84 -8.65 -7.50 3.88
CA PHE A 84 -7.29 -7.94 3.61
C PHE A 84 -7.18 -9.45 3.83
N GLY A 85 -8.14 -9.96 4.54
CA GLY A 85 -8.22 -11.37 4.82
C GLY A 85 -7.68 -11.64 6.17
N VAL A 86 -7.70 -10.65 7.01
CA VAL A 86 -7.04 -10.78 8.32
C VAL A 86 -7.85 -10.27 9.52
N PRO A 87 -7.47 -10.75 10.73
CA PRO A 87 -8.02 -10.22 11.97
C PRO A 87 -7.20 -8.99 12.45
N SER A 88 -5.95 -8.95 12.00
CA SER A 88 -5.01 -7.91 12.27
C SER A 88 -3.81 -8.15 11.34
N PHE A 89 -2.97 -7.15 11.13
CA PHE A 89 -1.85 -7.32 10.22
C PHE A 89 -0.59 -6.60 10.70
N SER A 90 0.55 -7.11 10.33
CA SER A 90 1.82 -6.55 10.70
C SER A 90 2.46 -5.90 9.47
N VAL A 91 2.89 -4.67 9.64
CA VAL A 91 3.44 -3.86 8.54
C VAL A 91 4.79 -4.39 8.03
N LYS A 92 5.47 -5.21 8.83
CA LYS A 92 6.77 -5.75 8.47
C LYS A 92 6.68 -6.72 7.29
N GLU A 93 5.54 -7.33 7.12
CA GLU A 93 5.36 -8.22 6.01
C GLU A 93 4.93 -7.42 4.80
N HIS A 94 5.90 -6.82 4.23
CA HIS A 94 5.76 -5.83 3.17
C HIS A 94 5.12 -6.41 1.92
N ARG A 95 5.52 -7.60 1.54
CA ARG A 95 4.96 -8.23 0.33
C ARG A 95 3.54 -8.70 0.58
N LYS A 96 3.21 -8.94 1.84
CA LYS A 96 1.84 -9.34 2.19
C LYS A 96 0.97 -8.13 2.11
N ILE A 97 1.53 -6.98 2.45
CA ILE A 97 0.83 -5.73 2.34
C ILE A 97 0.45 -5.55 0.89
N TYR A 98 1.41 -5.77 -0.01
CA TYR A 98 1.19 -5.66 -1.44
C TYR A 98 0.08 -6.58 -1.87
N THR A 99 0.16 -7.84 -1.46
CA THR A 99 -0.83 -8.80 -1.90
C THR A 99 -2.21 -8.57 -1.33
N MET A 100 -2.29 -8.07 -0.11
CA MET A 100 -3.57 -7.80 0.52
C MET A 100 -4.27 -6.61 -0.10
N ILE A 101 -3.49 -5.71 -0.64
CA ILE A 101 -4.02 -4.56 -1.32
C ILE A 101 -4.37 -4.96 -2.74
N TYR A 102 -3.45 -5.70 -3.37
CA TYR A 102 -3.61 -6.21 -4.71
C TYR A 102 -4.87 -7.09 -4.82
N ARG A 103 -5.14 -7.81 -3.75
CA ARG A 103 -6.31 -8.66 -3.58
C ARG A 103 -7.60 -7.84 -3.71
N ASN A 104 -7.51 -6.57 -3.45
CA ASN A 104 -8.66 -5.71 -3.42
C ASN A 104 -8.69 -4.69 -4.53
N LEU A 105 -7.78 -4.84 -5.45
CA LEU A 105 -7.77 -4.02 -6.63
C LEU A 105 -7.87 -4.94 -7.84
N VAL A 106 -8.16 -4.41 -9.00
CA VAL A 106 -8.25 -5.27 -10.16
C VAL A 106 -7.14 -5.06 -11.15
N VAL A 107 -6.57 -6.16 -11.61
CA VAL A 107 -5.51 -6.22 -12.60
C VAL A 107 -5.60 -7.55 -13.33
N ASP B 1 17.08 5.25 17.34
CA ASP B 1 17.85 4.79 16.17
C ASP B 1 17.04 4.89 14.88
N GLY B 2 15.99 5.67 14.88
CA GLY B 2 15.19 5.79 13.72
C GLY B 2 13.82 6.26 14.06
N GLY B 3 13.25 7.05 13.18
CA GLY B 3 11.91 7.55 13.38
C GLY B 3 10.88 6.51 13.03
N THR B 4 10.89 5.43 13.77
CA THR B 4 10.03 4.32 13.52
C THR B 4 8.63 4.53 14.08
N THR B 5 7.94 5.47 13.50
CA THR B 5 6.56 5.70 13.81
C THR B 5 5.76 5.04 12.70
N PHE B 6 4.54 4.59 13.01
CA PHE B 6 3.67 3.94 12.03
C PHE B 6 3.53 4.80 10.80
N GLU B 7 3.43 6.09 11.05
CA GLU B 7 3.28 7.12 10.04
C GLU B 7 4.40 7.05 8.98
N HIS B 8 5.61 6.75 9.43
CA HIS B 8 6.75 6.77 8.56
C HIS B 8 6.96 5.41 7.95
N LEU B 9 7.01 4.40 8.80
CA LEU B 9 7.38 3.06 8.39
C LEU B 9 6.37 2.40 7.44
N TRP B 10 5.10 2.74 7.59
CA TRP B 10 4.06 2.20 6.74
C TRP B 10 4.17 2.85 5.37
N SER B 11 4.48 4.12 5.37
CA SER B 11 4.61 4.88 4.16
C SER B 11 5.95 4.60 3.48
N SER B 12 6.78 3.82 4.15
CA SER B 12 8.09 3.50 3.68
C SER B 12 8.25 2.02 3.39
N LEU B 13 7.14 1.31 3.23
CA LEU B 13 7.28 -0.12 2.98
C LEU B 13 7.23 -0.41 1.49
N GLU B 14 7.25 0.66 0.74
CA GLU B 14 7.26 0.65 -0.70
C GLU B 14 8.63 0.20 -1.21
N PRO B 15 8.66 -0.31 -2.42
CA PRO B 15 9.92 -0.56 -3.11
C PRO B 15 10.45 0.76 -3.70
N ASP B 16 9.51 1.45 -4.37
CA ASP B 16 9.72 2.68 -5.10
C ASP B 16 10.32 2.39 -6.44
N ASN A 1 36.40 -41.22 -6.77
CA ASN A 1 36.22 -39.87 -6.22
C ASN A 1 34.88 -39.81 -5.55
N THR A 2 34.51 -38.65 -5.08
CA THR A 2 33.24 -38.50 -4.42
C THR A 2 32.18 -37.91 -5.34
N ASN A 3 31.49 -38.75 -6.07
CA ASN A 3 30.45 -38.28 -6.96
C ASN A 3 29.15 -38.17 -6.18
N MET A 4 28.79 -36.95 -5.87
CA MET A 4 27.57 -36.67 -5.17
C MET A 4 26.67 -35.87 -6.09
N SER A 5 25.71 -36.52 -6.65
CA SER A 5 24.86 -35.91 -7.60
C SER A 5 23.52 -35.57 -6.97
N VAL A 6 23.20 -34.30 -6.95
CA VAL A 6 21.90 -33.86 -6.52
C VAL A 6 21.23 -33.26 -7.75
N PRO A 7 19.91 -33.32 -7.86
CA PRO A 7 19.20 -32.81 -9.02
C PRO A 7 19.36 -31.29 -9.17
N THR A 8 19.46 -30.86 -10.40
CA THR A 8 19.61 -29.48 -10.71
C THR A 8 18.26 -28.82 -10.74
N ASP A 9 18.20 -27.61 -10.27
CA ASP A 9 16.94 -26.90 -10.18
C ASP A 9 16.69 -26.06 -11.42
N GLY A 10 15.52 -26.24 -11.99
CA GLY A 10 15.14 -25.51 -13.14
C GLY A 10 13.81 -25.98 -13.65
N ALA A 11 12.84 -26.09 -12.77
CA ALA A 11 11.50 -26.52 -13.17
C ALA A 11 10.65 -25.34 -13.54
N VAL A 12 10.98 -24.25 -12.96
CA VAL A 12 10.32 -23.00 -13.19
C VAL A 12 11.35 -21.90 -13.45
N THR A 13 11.75 -21.79 -14.69
CA THR A 13 12.72 -20.83 -15.09
C THR A 13 12.08 -19.60 -15.72
N THR A 14 12.38 -18.46 -15.17
CA THR A 14 11.87 -17.21 -15.65
C THR A 14 12.95 -16.56 -16.52
N SER A 15 12.74 -16.56 -17.82
CA SER A 15 13.70 -16.04 -18.76
C SER A 15 13.90 -14.53 -18.60
N GLN A 16 12.86 -13.85 -18.22
CA GLN A 16 12.91 -12.44 -17.95
C GLN A 16 12.25 -12.20 -16.62
N ILE A 17 13.05 -12.03 -15.60
CA ILE A 17 12.56 -11.85 -14.25
C ILE A 17 11.97 -10.44 -14.12
N PRO A 18 10.68 -10.34 -13.85
CA PRO A 18 10.01 -9.07 -13.72
C PRO A 18 10.41 -8.35 -12.44
N ALA A 19 10.59 -7.07 -12.54
CA ALA A 19 10.98 -6.25 -11.43
C ALA A 19 10.03 -5.08 -11.37
N SER A 20 9.81 -4.57 -10.20
CA SER A 20 8.89 -3.48 -10.03
C SER A 20 9.56 -2.16 -10.38
N GLU A 21 9.49 -1.81 -11.63
CA GLU A 21 10.16 -0.64 -12.15
C GLU A 21 9.20 0.50 -12.39
N GLN A 22 7.96 0.17 -12.31
CA GLN A 22 6.88 1.11 -12.46
C GLN A 22 5.84 0.71 -11.48
N GLU A 23 5.02 1.63 -11.09
CA GLU A 23 3.92 1.31 -10.23
C GLU A 23 2.69 1.20 -11.05
N THR A 24 2.00 0.13 -10.91
CA THR A 24 0.79 -0.05 -11.61
C THR A 24 -0.28 0.76 -10.89
N LEU A 25 -1.09 1.50 -11.65
CA LEU A 25 -2.17 2.22 -11.03
C LEU A 25 -3.18 1.22 -10.55
N VAL A 26 -3.67 1.44 -9.39
CA VAL A 26 -4.54 0.49 -8.79
C VAL A 26 -5.98 0.91 -9.02
N ARG A 27 -6.83 -0.06 -9.04
CA ARG A 27 -8.24 0.17 -9.20
C ARG A 27 -8.90 0.02 -7.85
N PRO A 28 -9.26 1.14 -7.20
CA PRO A 28 -9.85 1.09 -5.89
C PRO A 28 -11.30 0.60 -5.92
N LYS A 29 -11.55 -0.49 -5.23
CA LYS A 29 -12.91 -0.98 -5.04
C LYS A 29 -13.66 0.01 -4.13
N PRO A 30 -15.02 0.00 -4.09
CA PRO A 30 -15.83 0.94 -3.25
C PRO A 30 -15.39 0.95 -1.78
N LEU A 31 -14.89 -0.18 -1.33
CA LEU A 31 -14.41 -0.35 0.03
C LEU A 31 -13.14 0.48 0.24
N LEU A 32 -12.28 0.49 -0.77
CA LEU A 32 -11.06 1.26 -0.70
C LEU A 32 -11.36 2.70 -0.93
N LEU A 33 -12.31 2.96 -1.79
CA LEU A 33 -12.71 4.31 -2.10
C LEU A 33 -13.30 4.98 -0.85
N LYS A 34 -13.97 4.20 0.01
CA LYS A 34 -14.51 4.75 1.25
C LYS A 34 -13.34 5.18 2.15
N LEU A 35 -12.29 4.34 2.22
CA LEU A 35 -11.16 4.63 3.08
C LEU A 35 -10.36 5.81 2.55
N LEU A 36 -10.20 5.82 1.23
CA LEU A 36 -9.48 6.86 0.54
C LEU A 36 -10.19 8.21 0.70
N LYS A 37 -11.48 8.23 0.52
CA LYS A 37 -12.21 9.46 0.62
C LYS A 37 -12.46 9.89 2.04
N SER A 38 -12.18 9.01 2.98
CA SER A 38 -12.25 9.39 4.36
C SER A 38 -11.07 10.32 4.70
N VAL A 39 -9.96 10.21 3.95
CA VAL A 39 -8.87 11.14 4.14
C VAL A 39 -8.99 12.32 3.15
N GLY A 40 -9.72 12.11 2.10
CA GLY A 40 -9.93 13.15 1.13
C GLY A 40 -9.21 12.88 -0.16
N ALA A 41 -9.24 11.63 -0.57
CA ALA A 41 -8.67 11.22 -1.86
C ALA A 41 -9.46 11.83 -3.01
N GLN A 42 -8.76 12.42 -3.96
CA GLN A 42 -9.40 13.12 -5.07
C GLN A 42 -8.97 12.56 -6.42
N LYS A 43 -8.21 11.51 -6.42
CA LYS A 43 -7.78 10.89 -7.65
C LYS A 43 -8.55 9.60 -7.85
N ASP A 44 -8.64 9.17 -9.09
CA ASP A 44 -9.39 7.95 -9.42
C ASP A 44 -8.45 6.78 -9.53
N THR A 45 -7.18 7.07 -9.49
CA THR A 45 -6.15 6.07 -9.53
C THR A 45 -5.02 6.52 -8.65
N TYR A 46 -4.32 5.57 -8.10
CA TYR A 46 -3.22 5.84 -7.24
C TYR A 46 -2.14 4.83 -7.47
N THR A 47 -0.92 5.22 -7.23
CA THR A 47 0.19 4.34 -7.31
C THR A 47 0.34 3.67 -5.95
N MET A 48 1.23 2.70 -5.81
CA MET A 48 1.35 2.00 -4.58
C MET A 48 1.91 2.87 -3.47
N LYS A 49 2.80 3.78 -3.83
CA LYS A 49 3.30 4.80 -2.91
C LYS A 49 2.14 5.62 -2.36
N GLU A 50 1.20 5.88 -3.23
CA GLU A 50 0.04 6.65 -2.87
C GLU A 50 -0.96 5.84 -2.06
N VAL A 51 -0.93 4.51 -2.22
CA VAL A 51 -1.77 3.68 -1.38
C VAL A 51 -1.17 3.70 -0.01
N LEU A 52 0.14 3.53 0.07
CA LEU A 52 0.84 3.63 1.34
C LEU A 52 0.53 4.97 1.98
N PHE A 53 0.54 5.99 1.18
CA PHE A 53 0.26 7.32 1.64
C PHE A 53 -1.20 7.42 2.14
N TYR A 54 -2.14 7.26 1.24
CA TYR A 54 -3.55 7.46 1.57
C TYR A 54 -4.14 6.40 2.48
N LEU A 55 -3.79 5.14 2.24
CA LEU A 55 -4.33 4.05 3.04
C LEU A 55 -3.81 4.20 4.47
N GLY A 56 -2.58 4.70 4.54
CA GLY A 56 -1.93 4.93 5.81
C GLY A 56 -2.60 6.01 6.61
N GLN A 57 -3.08 7.06 5.92
CA GLN A 57 -3.71 8.18 6.59
C GLN A 57 -4.96 7.71 7.28
N TYR A 58 -5.68 6.85 6.58
CA TYR A 58 -6.91 6.29 7.05
C TYR A 58 -6.70 5.48 8.33
N ILE A 59 -5.65 4.71 8.37
CA ILE A 59 -5.35 3.88 9.53
C ILE A 59 -4.91 4.79 10.66
N MET A 60 -4.15 5.82 10.33
CA MET A 60 -3.63 6.77 11.31
C MET A 60 -4.73 7.61 11.93
N THR A 61 -5.60 8.13 11.08
CA THR A 61 -6.64 9.06 11.53
C THR A 61 -7.68 8.39 12.43
N LYS A 62 -7.95 7.14 12.16
CA LYS A 62 -8.95 6.40 12.93
C LYS A 62 -8.27 5.72 14.09
N ARG A 63 -6.95 5.58 13.95
CA ARG A 63 -6.09 4.90 14.92
C ARG A 63 -6.48 3.43 15.02
N LEU A 64 -6.60 2.80 13.86
CA LEU A 64 -6.99 1.39 13.76
C LEU A 64 -5.81 0.47 14.09
N TYR A 65 -4.71 1.06 14.44
CA TYR A 65 -3.51 0.35 14.78
C TYR A 65 -3.42 0.19 16.29
N ASP A 66 -2.48 -0.60 16.72
CA ASP A 66 -2.19 -0.83 18.13
C ASP A 66 -1.50 0.39 18.67
N GLU A 67 -1.99 0.88 19.76
CA GLU A 67 -1.44 2.06 20.40
C GLU A 67 -0.07 1.77 21.04
N LYS A 68 0.20 0.50 21.34
CA LYS A 68 1.44 0.12 22.00
C LYS A 68 2.42 -0.38 20.96
N GLN A 69 1.90 -0.99 19.93
CA GLN A 69 2.73 -1.51 18.84
C GLN A 69 2.24 -0.97 17.51
N GLN A 70 2.80 0.12 17.06
CA GLN A 70 2.39 0.73 15.79
C GLN A 70 2.56 -0.21 14.59
N HIS A 71 3.54 -1.12 14.66
CA HIS A 71 3.74 -2.12 13.60
C HIS A 71 2.64 -3.20 13.59
N ILE A 72 1.70 -3.05 14.49
CA ILE A 72 0.56 -3.93 14.59
C ILE A 72 -0.67 -3.15 14.29
N VAL A 73 -1.26 -3.44 13.21
CA VAL A 73 -2.44 -2.76 12.84
C VAL A 73 -3.60 -3.69 12.98
N TYR A 74 -4.59 -3.30 13.71
CA TYR A 74 -5.71 -4.17 13.92
C TYR A 74 -6.69 -4.04 12.78
N CYS A 75 -7.34 -2.87 12.68
CA CYS A 75 -8.39 -2.61 11.71
C CYS A 75 -9.52 -3.63 11.88
N SER A 76 -9.68 -4.08 13.10
CA SER A 76 -10.63 -5.09 13.45
C SER A 76 -12.00 -4.43 13.64
N ASN A 77 -11.97 -3.15 13.92
CA ASN A 77 -13.17 -2.35 14.11
C ASN A 77 -13.75 -1.93 12.76
N ASP A 78 -12.98 -2.12 11.72
CA ASP A 78 -13.37 -1.69 10.40
C ASP A 78 -13.31 -2.88 9.44
N LEU A 79 -13.68 -2.65 8.20
CA LEU A 79 -13.73 -3.67 7.19
C LEU A 79 -12.32 -3.90 6.61
N LEU A 80 -11.44 -2.87 6.70
CA LEU A 80 -10.07 -2.86 6.16
C LEU A 80 -9.33 -4.19 6.43
N GLY A 81 -9.23 -4.57 7.70
CA GLY A 81 -8.46 -5.73 8.07
C GLY A 81 -9.02 -7.00 7.49
N ASP A 82 -10.32 -7.18 7.70
CA ASP A 82 -11.02 -8.37 7.24
C ASP A 82 -10.77 -8.57 5.78
N LEU A 83 -10.94 -7.48 5.03
CA LEU A 83 -10.81 -7.39 3.60
C LEU A 83 -9.42 -7.81 3.11
N PHE A 84 -8.42 -7.50 3.90
CA PHE A 84 -7.04 -7.91 3.64
C PHE A 84 -6.90 -9.42 3.81
N GLY A 85 -7.87 -9.96 4.49
CA GLY A 85 -7.94 -11.38 4.73
C GLY A 85 -7.43 -11.70 6.09
N VAL A 86 -7.45 -10.69 6.93
CA VAL A 86 -6.84 -10.83 8.24
C VAL A 86 -7.67 -10.26 9.38
N PRO A 87 -7.45 -10.76 10.61
CA PRO A 87 -8.05 -10.19 11.82
C PRO A 87 -7.37 -8.86 12.18
N SER A 88 -6.07 -8.83 11.92
CA SER A 88 -5.18 -7.72 12.14
C SER A 88 -3.95 -7.97 11.26
N PHE A 89 -3.14 -6.96 10.98
CA PHE A 89 -2.04 -7.14 10.08
C PHE A 89 -0.78 -6.45 10.60
N SER A 90 0.35 -6.99 10.26
CA SER A 90 1.61 -6.41 10.64
C SER A 90 2.22 -5.73 9.43
N VAL A 91 2.80 -4.56 9.64
CA VAL A 91 3.46 -3.82 8.57
C VAL A 91 4.85 -4.40 8.28
N LYS A 92 5.23 -5.39 9.08
CA LYS A 92 6.48 -6.11 8.89
C LYS A 92 6.46 -6.97 7.65
N GLU A 93 5.30 -7.45 7.28
CA GLU A 93 5.18 -8.30 6.13
C GLU A 93 5.05 -7.49 4.88
N HIS A 94 6.17 -7.18 4.33
CA HIS A 94 6.30 -6.32 3.16
C HIS A 94 5.60 -6.89 1.96
N ARG A 95 5.80 -8.18 1.73
CA ARG A 95 5.23 -8.85 0.59
C ARG A 95 3.74 -8.92 0.72
N LYS A 96 3.28 -9.12 1.94
CA LYS A 96 1.87 -9.22 2.23
C LYS A 96 1.18 -7.89 2.06
N ILE A 97 1.89 -6.81 2.30
CA ILE A 97 1.30 -5.50 2.09
C ILE A 97 0.93 -5.36 0.64
N TYR A 98 1.86 -5.73 -0.23
CA TYR A 98 1.64 -5.62 -1.67
C TYR A 98 0.47 -6.48 -2.08
N THR A 99 0.47 -7.70 -1.62
CA THR A 99 -0.55 -8.64 -1.98
C THR A 99 -1.92 -8.29 -1.40
N MET A 100 -1.95 -7.71 -0.20
CA MET A 100 -3.21 -7.29 0.40
C MET A 100 -3.83 -6.12 -0.33
N ILE A 101 -2.98 -5.33 -0.95
CA ILE A 101 -3.42 -4.21 -1.76
C ILE A 101 -3.85 -4.72 -3.13
N TYR A 102 -3.03 -5.58 -3.69
CA TYR A 102 -3.28 -6.21 -4.97
C TYR A 102 -4.57 -7.04 -4.95
N ARG A 103 -4.84 -7.66 -3.82
CA ARG A 103 -6.05 -8.45 -3.60
C ARG A 103 -7.29 -7.55 -3.57
N ASN A 104 -7.07 -6.27 -3.35
CA ASN A 104 -8.15 -5.34 -3.23
C ASN A 104 -8.28 -4.38 -4.37
N LEU A 105 -7.47 -4.57 -5.34
CA LEU A 105 -7.59 -3.81 -6.55
C LEU A 105 -8.04 -4.79 -7.62
N VAL A 106 -8.51 -4.32 -8.73
CA VAL A 106 -8.99 -5.26 -9.72
C VAL A 106 -8.03 -5.44 -10.90
N VAL A 107 -7.60 -6.66 -11.06
CA VAL A 107 -6.70 -7.09 -12.10
C VAL A 107 -7.04 -8.48 -12.47
N ASP B 1 11.52 -4.49 20.34
CA ASP B 1 12.54 -3.55 19.82
C ASP B 1 12.14 -2.90 18.51
N GLY B 2 10.87 -2.93 18.22
CA GLY B 2 10.37 -2.34 17.02
C GLY B 2 9.48 -1.18 17.34
N GLY B 3 9.99 -0.24 18.12
CA GLY B 3 9.24 0.94 18.54
C GLY B 3 9.32 2.04 17.51
N THR B 4 9.04 1.70 16.31
CA THR B 4 9.06 2.61 15.22
C THR B 4 7.67 3.20 15.01
N THR B 5 7.61 4.36 14.39
CA THR B 5 6.37 5.03 14.18
C THR B 5 5.74 4.57 12.86
N PHE B 6 4.42 4.36 12.90
CA PHE B 6 3.65 3.89 11.74
C PHE B 6 3.81 4.84 10.57
N GLU B 7 3.92 6.09 10.91
CA GLU B 7 4.08 7.19 10.00
C GLU B 7 5.34 7.05 9.11
N HIS B 8 6.33 6.34 9.60
CA HIS B 8 7.60 6.27 8.89
C HIS B 8 7.71 5.00 8.08
N LEU B 9 7.39 3.89 8.66
CA LEU B 9 7.70 2.60 8.02
C LEU B 9 6.64 2.14 7.02
N TRP B 10 5.44 2.69 7.12
CA TRP B 10 4.34 2.27 6.26
C TRP B 10 4.48 2.89 4.87
N SER B 11 4.98 4.08 4.86
CA SER B 11 5.16 4.82 3.65
C SER B 11 6.51 4.53 3.00
N SER B 12 7.28 3.71 3.66
CA SER B 12 8.60 3.39 3.22
C SER B 12 8.73 1.90 2.92
N LEU B 13 7.63 1.23 2.68
CA LEU B 13 7.71 -0.20 2.58
C LEU B 13 7.63 -0.68 1.15
N GLU B 14 7.66 0.24 0.23
CA GLU B 14 7.61 -0.11 -1.15
C GLU B 14 9.04 -0.46 -1.61
N PRO B 15 9.19 -1.25 -2.69
CA PRO B 15 10.51 -1.66 -3.19
C PRO B 15 11.38 -0.52 -3.62
N ASP B 16 10.74 0.48 -4.09
CA ASP B 16 11.40 1.64 -4.60
C ASP B 16 10.50 2.82 -4.42
N ASN A 1 -17.72 7.02 -22.92
CA ASN A 1 -17.58 6.36 -21.62
C ASN A 1 -18.65 6.88 -20.68
N THR A 2 -18.66 8.20 -20.42
CA THR A 2 -19.69 8.79 -19.61
C THR A 2 -21.01 8.77 -20.40
N ASN A 3 -20.91 9.10 -21.65
CA ASN A 3 -22.04 9.09 -22.54
C ASN A 3 -21.91 7.94 -23.50
N MET A 4 -22.93 7.71 -24.29
CA MET A 4 -22.94 6.62 -25.25
C MET A 4 -22.30 7.06 -26.55
N SER A 5 -21.53 6.17 -27.12
CA SER A 5 -20.89 6.43 -28.41
C SER A 5 -21.87 6.08 -29.52
N VAL A 6 -22.66 5.13 -29.20
CA VAL A 6 -23.69 4.53 -30.02
C VAL A 6 -24.74 4.02 -29.06
N PRO A 7 -25.98 3.72 -29.53
CA PRO A 7 -27.10 3.24 -28.67
C PRO A 7 -26.76 2.02 -27.78
N THR A 8 -25.70 1.32 -28.12
CA THR A 8 -25.20 0.23 -27.34
C THR A 8 -23.69 0.17 -27.56
N ASP A 9 -22.94 0.76 -26.62
CA ASP A 9 -21.47 0.86 -26.70
C ASP A 9 -20.83 -0.52 -26.79
N GLY A 10 -19.82 -0.62 -27.61
CA GLY A 10 -19.12 -1.86 -27.78
C GLY A 10 -17.74 -1.64 -28.32
N ALA A 11 -16.94 -2.65 -28.24
CA ALA A 11 -15.60 -2.61 -28.73
C ALA A 11 -15.54 -3.41 -30.02
N VAL A 12 -15.25 -2.74 -31.11
CA VAL A 12 -15.20 -3.40 -32.41
C VAL A 12 -14.00 -4.35 -32.50
N THR A 13 -12.97 -4.02 -31.77
CA THR A 13 -11.78 -4.82 -31.71
C THR A 13 -11.34 -4.92 -30.26
N THR A 14 -11.24 -6.12 -29.73
CA THR A 14 -10.82 -6.32 -28.36
C THR A 14 -9.42 -5.76 -28.15
N SER A 15 -9.33 -4.79 -27.28
CA SER A 15 -8.11 -4.11 -27.06
C SER A 15 -7.58 -4.45 -25.69
N GLN A 16 -6.33 -4.15 -25.47
CA GLN A 16 -5.66 -4.35 -24.22
C GLN A 16 -4.74 -3.17 -24.02
N ILE A 17 -4.44 -2.83 -22.80
CA ILE A 17 -3.56 -1.72 -22.52
C ILE A 17 -2.13 -2.10 -22.94
N PRO A 18 -1.47 -1.26 -23.74
CA PRO A 18 -0.09 -1.49 -24.18
C PRO A 18 0.89 -1.47 -23.00
N ALA A 19 2.08 -1.96 -23.22
CA ALA A 19 3.06 -2.09 -22.16
C ALA A 19 3.72 -0.76 -21.83
N SER A 20 3.17 -0.09 -20.87
CA SER A 20 3.73 1.12 -20.35
C SER A 20 4.17 0.80 -18.91
N GLU A 21 5.47 0.72 -18.70
CA GLU A 21 6.01 0.38 -17.37
C GLU A 21 6.21 1.63 -16.54
N GLN A 22 5.89 2.75 -17.15
CA GLN A 22 6.01 4.05 -16.51
C GLN A 22 4.85 4.25 -15.55
N GLU A 23 5.00 3.68 -14.35
CA GLU A 23 4.00 3.75 -13.25
C GLU A 23 2.57 3.43 -13.68
N THR A 24 2.25 2.17 -13.74
CA THR A 24 0.92 1.76 -14.06
C THR A 24 0.00 1.99 -12.87
N LEU A 25 -0.98 2.82 -13.07
CA LEU A 25 -1.90 3.16 -12.03
C LEU A 25 -2.89 2.04 -11.84
N VAL A 26 -3.25 1.81 -10.61
CA VAL A 26 -4.13 0.75 -10.25
C VAL A 26 -5.52 1.32 -10.04
N ARG A 27 -6.52 0.50 -10.21
CA ARG A 27 -7.89 0.96 -10.15
C ARG A 27 -8.52 0.47 -8.87
N PRO A 28 -8.99 1.37 -8.02
CA PRO A 28 -9.54 0.98 -6.72
C PRO A 28 -10.94 0.37 -6.81
N LYS A 29 -11.15 -0.68 -6.04
CA LYS A 29 -12.50 -1.19 -5.86
C LYS A 29 -13.23 -0.22 -4.92
N PRO A 30 -14.59 -0.23 -4.86
CA PRO A 30 -15.38 0.74 -4.09
C PRO A 30 -14.94 0.93 -2.63
N LEU A 31 -14.52 -0.14 -1.98
CA LEU A 31 -14.15 -0.07 -0.57
C LEU A 31 -12.85 0.74 -0.37
N LEU A 32 -11.93 0.59 -1.30
CA LEU A 32 -10.71 1.37 -1.24
C LEU A 32 -10.97 2.78 -1.64
N LEU A 33 -11.74 2.97 -2.71
CA LEU A 33 -12.14 4.28 -3.17
C LEU A 33 -12.78 5.08 -2.03
N LYS A 34 -13.60 4.37 -1.26
CA LYS A 34 -14.24 4.86 -0.05
C LYS A 34 -13.22 5.46 0.93
N LEU A 35 -12.19 4.69 1.26
CA LEU A 35 -11.27 5.15 2.29
C LEU A 35 -10.32 6.18 1.72
N LEU A 36 -9.91 5.96 0.48
CA LEU A 36 -9.02 6.84 -0.26
C LEU A 36 -9.61 8.24 -0.34
N LYS A 37 -10.84 8.33 -0.74
CA LYS A 37 -11.52 9.61 -0.90
C LYS A 37 -11.67 10.29 0.44
N SER A 38 -11.89 9.49 1.47
CA SER A 38 -12.10 10.00 2.79
C SER A 38 -10.79 10.49 3.43
N VAL A 39 -9.65 10.02 2.94
CA VAL A 39 -8.37 10.45 3.47
C VAL A 39 -7.68 11.47 2.59
N GLY A 40 -8.36 11.89 1.55
CA GLY A 40 -7.86 12.97 0.74
C GLY A 40 -7.26 12.54 -0.58
N ALA A 41 -7.72 11.44 -1.14
CA ALA A 41 -7.22 11.05 -2.45
C ALA A 41 -7.97 11.80 -3.52
N GLN A 42 -7.27 12.67 -4.18
CA GLN A 42 -7.82 13.53 -5.21
C GLN A 42 -7.62 12.94 -6.59
N LYS A 43 -6.83 11.89 -6.65
CA LYS A 43 -6.56 11.19 -7.88
C LYS A 43 -7.62 10.12 -8.07
N ASP A 44 -7.96 9.85 -9.31
CA ASP A 44 -8.99 8.84 -9.64
C ASP A 44 -8.34 7.48 -9.67
N THR A 45 -7.04 7.51 -9.82
CA THR A 45 -6.22 6.34 -9.91
C THR A 45 -4.91 6.64 -9.23
N TYR A 46 -4.23 5.64 -8.78
CA TYR A 46 -3.04 5.85 -8.01
C TYR A 46 -2.06 4.70 -8.16
N THR A 47 -0.89 4.88 -7.63
CA THR A 47 0.11 3.84 -7.64
C THR A 47 0.11 3.12 -6.30
N MET A 48 0.89 2.05 -6.21
CA MET A 48 1.00 1.30 -4.97
C MET A 48 1.58 2.12 -3.83
N LYS A 49 2.42 3.06 -4.19
CA LYS A 49 3.06 3.94 -3.21
C LYS A 49 2.02 4.79 -2.51
N GLU A 50 1.17 5.38 -3.32
CA GLU A 50 0.20 6.34 -2.88
C GLU A 50 -0.92 5.70 -2.09
N VAL A 51 -1.31 4.50 -2.46
CA VAL A 51 -2.36 3.81 -1.72
C VAL A 51 -1.93 3.42 -0.39
N LEU A 52 -0.73 2.97 -0.23
CA LEU A 52 -0.31 2.64 1.08
C LEU A 52 -0.15 3.94 1.89
N PHE A 53 0.33 4.99 1.24
CA PHE A 53 0.44 6.33 1.86
C PHE A 53 -0.94 6.77 2.41
N TYR A 54 -1.95 6.72 1.56
CA TYR A 54 -3.30 7.07 1.93
C TYR A 54 -3.97 6.02 2.79
N LEU A 55 -3.67 4.76 2.54
CA LEU A 55 -4.21 3.70 3.36
C LEU A 55 -3.76 3.90 4.82
N GLY A 56 -2.51 4.30 4.97
CA GLY A 56 -1.92 4.58 6.27
C GLY A 56 -2.60 5.73 6.97
N GLN A 57 -3.02 6.73 6.20
CA GLN A 57 -3.76 7.89 6.73
C GLN A 57 -4.98 7.39 7.49
N TYR A 58 -5.67 6.46 6.86
CA TYR A 58 -6.89 5.86 7.40
C TYR A 58 -6.61 5.09 8.70
N ILE A 59 -5.52 4.35 8.72
CA ILE A 59 -5.18 3.52 9.86
C ILE A 59 -4.75 4.42 11.02
N MET A 60 -4.09 5.52 10.67
CA MET A 60 -3.64 6.51 11.64
C MET A 60 -4.78 7.27 12.22
N THR A 61 -5.65 7.77 11.37
CA THR A 61 -6.73 8.67 11.79
C THR A 61 -7.76 7.96 12.69
N LYS A 62 -7.97 6.68 12.46
CA LYS A 62 -8.93 5.91 13.25
C LYS A 62 -8.21 5.20 14.37
N ARG A 63 -6.90 5.14 14.23
CA ARG A 63 -6.00 4.46 15.16
C ARG A 63 -6.35 2.98 15.26
N LEU A 64 -6.15 2.30 14.17
CA LEU A 64 -6.47 0.88 14.09
C LEU A 64 -5.24 0.06 14.42
N TYR A 65 -4.17 0.74 14.75
CA TYR A 65 -2.92 0.10 15.06
C TYR A 65 -2.80 -0.13 16.56
N ASP A 66 -1.78 -0.86 16.95
CA ASP A 66 -1.56 -1.17 18.35
C ASP A 66 -0.99 0.04 19.07
N GLU A 67 -1.29 0.18 20.32
CA GLU A 67 -0.92 1.34 21.08
C GLU A 67 0.53 1.29 21.57
N LYS A 68 1.11 0.09 21.66
CA LYS A 68 2.48 -0.07 22.05
C LYS A 68 3.33 -0.56 20.87
N GLN A 69 2.73 -1.28 19.95
CA GLN A 69 3.43 -1.81 18.82
C GLN A 69 2.88 -1.18 17.57
N GLN A 70 3.47 -0.09 17.16
CA GLN A 70 2.99 0.60 16.00
C GLN A 70 3.26 -0.14 14.70
N HIS A 71 4.14 -1.13 14.73
CA HIS A 71 4.31 -1.97 13.56
C HIS A 71 3.22 -3.07 13.47
N ILE A 72 2.27 -3.01 14.39
CA ILE A 72 1.17 -3.96 14.46
C ILE A 72 -0.15 -3.23 14.26
N VAL A 73 -0.98 -3.74 13.39
CA VAL A 73 -2.28 -3.17 13.17
C VAL A 73 -3.32 -4.22 13.45
N TYR A 74 -4.35 -3.86 14.16
CA TYR A 74 -5.40 -4.78 14.44
C TYR A 74 -6.57 -4.51 13.57
N CYS A 75 -7.20 -3.37 13.82
CA CYS A 75 -8.43 -2.87 13.20
C CYS A 75 -9.61 -3.71 13.67
N SER A 76 -9.49 -5.03 13.46
CA SER A 76 -10.41 -6.09 13.88
C SER A 76 -11.90 -5.87 13.54
N ASN A 77 -12.50 -4.86 14.10
CA ASN A 77 -13.90 -4.56 13.92
C ASN A 77 -14.07 -3.69 12.69
N ASP A 78 -12.96 -3.40 12.04
CA ASP A 78 -12.96 -2.59 10.85
C ASP A 78 -12.98 -3.54 9.68
N LEU A 79 -13.16 -3.04 8.52
CA LEU A 79 -13.33 -3.84 7.35
C LEU A 79 -11.95 -4.07 6.68
N LEU A 80 -11.02 -3.15 6.89
CA LEU A 80 -9.68 -3.14 6.25
C LEU A 80 -8.96 -4.52 6.35
N GLY A 81 -8.59 -4.88 7.57
CA GLY A 81 -7.85 -6.11 7.78
C GLY A 81 -8.71 -7.29 7.56
N ASP A 82 -9.98 -7.11 7.87
CA ASP A 82 -10.99 -8.12 7.72
C ASP A 82 -10.97 -8.62 6.29
N LEU A 83 -11.01 -7.65 5.36
CA LEU A 83 -11.04 -7.81 3.91
C LEU A 83 -9.83 -8.55 3.38
N PHE A 84 -8.69 -8.37 4.01
CA PHE A 84 -7.50 -9.15 3.66
C PHE A 84 -7.75 -10.60 4.02
N GLY A 85 -8.58 -10.73 4.97
CA GLY A 85 -8.96 -12.00 5.50
C GLY A 85 -8.24 -12.27 6.77
N VAL A 86 -8.07 -11.24 7.57
CA VAL A 86 -7.34 -11.36 8.84
C VAL A 86 -7.96 -10.55 9.97
N PRO A 87 -7.67 -10.90 11.24
CA PRO A 87 -8.10 -10.12 12.39
C PRO A 87 -7.09 -9.01 12.76
N SER A 88 -5.86 -9.17 12.28
CA SER A 88 -4.77 -8.26 12.53
C SER A 88 -3.71 -8.43 11.46
N PHE A 89 -2.92 -7.40 11.22
CA PHE A 89 -1.90 -7.41 10.21
C PHE A 89 -0.69 -6.61 10.68
N SER A 90 0.47 -6.99 10.25
CA SER A 90 1.67 -6.32 10.67
C SER A 90 2.29 -5.60 9.49
N VAL A 91 2.81 -4.40 9.75
CA VAL A 91 3.35 -3.56 8.69
C VAL A 91 4.70 -4.09 8.21
N LYS A 92 5.27 -4.98 9.01
CA LYS A 92 6.56 -5.58 8.70
C LYS A 92 6.40 -6.68 7.68
N GLU A 93 5.17 -7.01 7.39
CA GLU A 93 4.86 -7.93 6.36
C GLU A 93 4.46 -7.17 5.14
N HIS A 94 5.45 -6.65 4.51
CA HIS A 94 5.30 -5.80 3.31
C HIS A 94 4.53 -6.54 2.23
N ARG A 95 4.85 -7.82 2.09
CA ARG A 95 4.18 -8.73 1.16
C ARG A 95 2.66 -8.74 1.39
N LYS A 96 2.27 -8.79 2.65
CA LYS A 96 0.86 -8.85 3.02
C LYS A 96 0.17 -7.56 2.67
N ILE A 97 0.89 -6.46 2.87
CA ILE A 97 0.36 -5.15 2.60
C ILE A 97 0.06 -5.03 1.12
N TYR A 98 1.01 -5.45 0.30
CA TYR A 98 0.83 -5.42 -1.14
C TYR A 98 -0.35 -6.27 -1.55
N THR A 99 -0.45 -7.46 -1.00
CA THR A 99 -1.52 -8.36 -1.38
C THR A 99 -2.92 -7.87 -0.96
N MET A 100 -3.03 -7.15 0.16
CA MET A 100 -4.34 -6.65 0.61
C MET A 100 -4.81 -5.53 -0.31
N ILE A 101 -3.87 -4.82 -0.87
CA ILE A 101 -4.16 -3.74 -1.78
C ILE A 101 -4.40 -4.30 -3.17
N TYR A 102 -3.51 -5.19 -3.58
CA TYR A 102 -3.56 -5.85 -4.87
C TYR A 102 -4.89 -6.58 -5.08
N ARG A 103 -5.41 -7.18 -4.02
CA ARG A 103 -6.66 -7.91 -4.09
C ARG A 103 -7.83 -6.94 -4.31
N ASN A 104 -7.63 -5.70 -3.95
CA ASN A 104 -8.68 -4.71 -4.01
C ASN A 104 -8.50 -3.70 -5.11
N LEU A 105 -7.55 -3.93 -5.96
CA LEU A 105 -7.42 -3.10 -7.13
C LEU A 105 -7.70 -3.95 -8.34
N VAL A 106 -8.17 -3.34 -9.35
CA VAL A 106 -8.46 -4.03 -10.57
C VAL A 106 -7.52 -3.59 -11.68
N VAL A 107 -6.87 -4.53 -12.33
CA VAL A 107 -6.02 -4.26 -13.47
C VAL A 107 -6.38 -5.15 -14.62
N ASP B 1 13.46 -0.58 14.63
CA ASP B 1 12.19 -0.61 15.36
C ASP B 1 12.28 -0.03 16.76
N GLY B 2 13.34 0.68 17.05
CA GLY B 2 13.49 1.31 18.34
C GLY B 2 12.92 2.70 18.31
N GLY B 3 11.65 2.80 18.55
CA GLY B 3 10.99 4.09 18.52
C GLY B 3 10.26 4.26 17.22
N THR B 4 9.28 3.42 17.00
CA THR B 4 8.50 3.43 15.79
C THR B 4 7.21 4.19 15.94
N THR B 5 6.95 5.09 15.04
CA THR B 5 5.66 5.71 14.92
C THR B 5 5.04 5.12 13.65
N PHE B 6 3.77 4.71 13.73
CA PHE B 6 3.08 4.03 12.63
C PHE B 6 3.19 4.80 11.33
N GLU B 7 3.03 6.08 11.44
CA GLU B 7 3.05 6.99 10.31
C GLU B 7 4.38 6.94 9.55
N HIS B 8 5.46 6.57 10.22
CA HIS B 8 6.75 6.65 9.59
C HIS B 8 7.05 5.36 8.86
N LEU B 9 6.85 4.27 9.53
CA LEU B 9 7.29 2.99 8.99
C LEU B 9 6.31 2.41 7.98
N TRP B 10 5.05 2.84 8.05
CA TRP B 10 4.06 2.39 7.11
C TRP B 10 4.30 3.09 5.79
N SER B 11 4.49 4.39 5.87
CA SER B 11 4.70 5.22 4.69
C SER B 11 6.06 4.92 4.02
N SER B 12 6.81 4.04 4.65
CA SER B 12 8.09 3.67 4.17
C SER B 12 8.10 2.22 3.71
N LEU B 13 6.91 1.63 3.47
CA LEU B 13 6.93 0.25 3.04
C LEU B 13 6.71 0.17 1.55
N GLU B 14 6.72 1.34 0.93
CA GLU B 14 6.63 1.47 -0.52
C GLU B 14 7.93 0.96 -1.15
N PRO B 15 7.90 0.56 -2.43
CA PRO B 15 9.07 -0.01 -3.10
C PRO B 15 10.23 0.96 -3.25
N ASP B 16 10.05 1.98 -4.04
CA ASP B 16 11.10 2.92 -4.34
C ASP B 16 10.50 4.18 -4.87
N ASN A 1 37.39 8.91 -23.64
CA ASN A 1 38.19 7.72 -23.90
C ASN A 1 37.48 6.50 -23.38
N THR A 2 37.32 5.52 -24.23
CA THR A 2 36.73 4.28 -23.81
C THR A 2 37.83 3.27 -23.53
N ASN A 3 37.95 2.87 -22.29
CA ASN A 3 38.95 1.88 -21.93
C ASN A 3 38.41 0.49 -22.28
N MET A 4 37.11 0.36 -22.21
CA MET A 4 36.44 -0.87 -22.57
C MET A 4 35.54 -0.60 -23.77
N SER A 5 35.20 -1.62 -24.51
CA SER A 5 34.34 -1.48 -25.64
C SER A 5 32.89 -1.57 -25.21
N VAL A 6 32.36 -0.45 -24.80
CA VAL A 6 30.99 -0.32 -24.35
C VAL A 6 29.99 -0.75 -25.44
N PRO A 7 28.83 -1.29 -25.03
CA PRO A 7 27.82 -1.79 -25.96
C PRO A 7 27.08 -0.66 -26.68
N THR A 8 27.59 -0.30 -27.83
CA THR A 8 26.99 0.72 -28.65
C THR A 8 26.27 0.05 -29.82
N ASP A 9 26.89 -0.97 -30.32
CA ASP A 9 26.44 -1.70 -31.49
C ASP A 9 25.67 -2.92 -31.06
N GLY A 10 25.47 -3.03 -29.78
CA GLY A 10 24.79 -4.16 -29.23
C GLY A 10 23.32 -3.91 -29.07
N ALA A 11 22.54 -4.43 -29.98
CA ALA A 11 21.10 -4.33 -29.88
C ALA A 11 20.62 -5.46 -29.00
N VAL A 12 19.77 -5.17 -28.06
CA VAL A 12 19.35 -6.17 -27.10
C VAL A 12 18.15 -6.99 -27.55
N THR A 13 17.15 -6.33 -28.06
CA THR A 13 15.96 -6.99 -28.46
C THR A 13 15.56 -6.63 -29.88
N THR A 14 15.46 -7.64 -30.71
CA THR A 14 15.02 -7.45 -32.07
C THR A 14 13.49 -7.54 -32.05
N SER A 15 13.01 -8.38 -31.18
CA SER A 15 11.63 -8.58 -30.93
C SER A 15 11.43 -8.28 -29.45
N GLN A 16 10.83 -7.15 -29.17
CA GLN A 16 10.64 -6.75 -27.81
C GLN A 16 9.24 -7.05 -27.34
N ILE A 17 9.10 -7.15 -26.05
CA ILE A 17 7.83 -7.33 -25.42
C ILE A 17 7.14 -5.96 -25.41
N PRO A 18 5.93 -5.88 -25.93
CA PRO A 18 5.20 -4.63 -25.97
C PRO A 18 4.68 -4.23 -24.58
N ALA A 19 4.96 -3.01 -24.18
CA ALA A 19 4.41 -2.51 -22.94
C ALA A 19 3.07 -1.91 -23.24
N SER A 20 2.10 -2.76 -23.41
CA SER A 20 0.79 -2.36 -23.82
C SER A 20 0.01 -1.87 -22.61
N GLU A 21 -0.15 -2.72 -21.63
CA GLU A 21 -0.84 -2.37 -20.45
C GLU A 21 0.19 -2.09 -19.38
N GLN A 22 0.36 -0.84 -19.05
CA GLN A 22 1.31 -0.45 -18.05
C GLN A 22 0.57 -0.15 -16.78
N GLU A 23 0.68 -1.05 -15.85
CA GLU A 23 -0.03 -0.95 -14.61
C GLU A 23 0.83 -0.29 -13.54
N THR A 24 0.68 1.00 -13.46
CA THR A 24 1.32 1.83 -12.47
C THR A 24 0.24 2.26 -11.48
N LEU A 25 -0.82 2.82 -12.02
CA LEU A 25 -1.98 3.18 -11.25
C LEU A 25 -2.85 1.97 -11.12
N VAL A 26 -3.31 1.72 -9.94
CA VAL A 26 -4.13 0.57 -9.66
C VAL A 26 -5.59 0.97 -9.60
N ARG A 27 -6.46 0.02 -9.86
CA ARG A 27 -7.88 0.31 -9.96
C ARG A 27 -8.54 -0.19 -8.67
N PRO A 28 -9.10 0.69 -7.85
CA PRO A 28 -9.62 0.32 -6.54
C PRO A 28 -11.02 -0.29 -6.53
N LYS A 29 -11.24 -1.16 -5.57
CA LYS A 29 -12.57 -1.63 -5.27
C LYS A 29 -13.20 -0.58 -4.34
N PRO A 30 -14.55 -0.52 -4.20
CA PRO A 30 -15.25 0.53 -3.41
C PRO A 30 -14.74 0.66 -1.98
N LEU A 31 -14.26 -0.42 -1.43
CA LEU A 31 -13.76 -0.45 -0.07
C LEU A 31 -12.51 0.43 0.06
N LEU A 32 -11.63 0.33 -0.89
CA LEU A 32 -10.44 1.12 -0.86
C LEU A 32 -10.74 2.51 -1.32
N LEU A 33 -11.60 2.62 -2.31
CA LEU A 33 -12.01 3.91 -2.84
C LEU A 33 -12.64 4.79 -1.74
N LYS A 34 -13.49 4.18 -0.90
CA LYS A 34 -14.12 4.93 0.19
C LYS A 34 -13.08 5.38 1.21
N LEU A 35 -12.05 4.54 1.44
CA LEU A 35 -11.07 4.91 2.44
C LEU A 35 -10.17 6.01 1.90
N LEU A 36 -9.90 5.92 0.61
CA LEU A 36 -9.07 6.89 -0.08
C LEU A 36 -9.74 8.25 -0.11
N LYS A 37 -10.97 8.28 -0.55
CA LYS A 37 -11.64 9.55 -0.80
C LYS A 37 -12.10 10.20 0.47
N SER A 38 -12.06 9.48 1.57
CA SER A 38 -12.40 10.08 2.82
C SER A 38 -11.14 10.65 3.53
N VAL A 39 -9.95 10.20 3.13
CA VAL A 39 -8.72 10.67 3.76
C VAL A 39 -7.98 11.70 2.92
N GLY A 40 -8.61 12.14 1.84
CA GLY A 40 -8.02 13.19 1.05
C GLY A 40 -7.52 12.75 -0.30
N ALA A 41 -8.05 11.67 -0.83
CA ALA A 41 -7.65 11.26 -2.17
C ALA A 41 -8.54 11.96 -3.16
N GLN A 42 -7.94 12.81 -3.93
CA GLN A 42 -8.66 13.61 -4.90
C GLN A 42 -8.89 12.85 -6.18
N LYS A 43 -8.11 11.84 -6.39
CA LYS A 43 -8.18 11.06 -7.59
C LYS A 43 -8.93 9.77 -7.32
N ASP A 44 -9.23 9.04 -8.38
CA ASP A 44 -9.86 7.74 -8.25
C ASP A 44 -8.87 6.66 -8.60
N THR A 45 -7.70 7.08 -9.05
CA THR A 45 -6.61 6.19 -9.31
C THR A 45 -5.46 6.54 -8.41
N TYR A 46 -4.59 5.60 -8.19
CA TYR A 46 -3.52 5.75 -7.25
C TYR A 46 -2.48 4.68 -7.51
N THR A 47 -1.24 4.95 -7.18
CA THR A 47 -0.18 3.97 -7.31
C THR A 47 -0.08 3.22 -6.01
N MET A 48 0.82 2.25 -5.91
CA MET A 48 1.04 1.55 -4.65
C MET A 48 1.56 2.48 -3.58
N LYS A 49 2.28 3.50 -4.01
CA LYS A 49 2.83 4.48 -3.11
C LYS A 49 1.74 5.43 -2.62
N GLU A 50 0.78 5.69 -3.48
CA GLU A 50 -0.37 6.50 -3.12
C GLU A 50 -1.19 5.76 -2.07
N VAL A 51 -1.22 4.42 -2.18
CA VAL A 51 -1.92 3.60 -1.19
C VAL A 51 -1.25 3.81 0.13
N LEU A 52 0.06 3.73 0.15
CA LEU A 52 0.85 3.96 1.36
C LEU A 52 0.48 5.29 1.97
N PHE A 53 0.35 6.29 1.17
CA PHE A 53 0.08 7.58 1.69
C PHE A 53 -1.35 7.66 2.25
N TYR A 54 -2.32 7.36 1.44
CA TYR A 54 -3.72 7.53 1.83
C TYR A 54 -4.23 6.41 2.75
N LEU A 55 -3.84 5.18 2.49
CA LEU A 55 -4.32 4.07 3.29
C LEU A 55 -3.72 4.20 4.68
N GLY A 56 -2.48 4.70 4.72
CA GLY A 56 -1.79 4.93 5.97
C GLY A 56 -2.49 5.97 6.80
N GLN A 57 -3.06 6.99 6.14
CA GLN A 57 -3.82 8.03 6.83
C GLN A 57 -4.96 7.38 7.56
N TYR A 58 -5.74 6.63 6.80
CA TYR A 58 -6.97 5.95 7.24
C TYR A 58 -6.74 5.11 8.50
N ILE A 59 -5.65 4.36 8.52
CA ILE A 59 -5.36 3.47 9.64
C ILE A 59 -4.95 4.29 10.85
N MET A 60 -4.13 5.28 10.62
CA MET A 60 -3.56 6.04 11.68
C MET A 60 -4.53 7.05 12.28
N THR A 61 -5.20 7.79 11.42
CA THR A 61 -6.07 8.88 11.84
C THR A 61 -7.28 8.38 12.64
N LYS A 62 -7.73 7.17 12.35
CA LYS A 62 -8.88 6.60 13.04
C LYS A 62 -8.38 5.66 14.13
N ARG A 63 -7.08 5.41 14.07
CA ARG A 63 -6.35 4.57 15.02
C ARG A 63 -6.83 3.12 15.01
N LEU A 64 -6.59 2.43 13.92
CA LEU A 64 -6.92 1.01 13.86
C LEU A 64 -5.76 0.15 14.32
N TYR A 65 -4.66 0.82 14.64
CA TYR A 65 -3.47 0.14 15.07
C TYR A 65 -3.43 0.01 16.59
N ASP A 66 -2.43 -0.66 17.09
CA ASP A 66 -2.31 -0.91 18.51
C ASP A 66 -1.67 0.26 19.22
N GLU A 67 -2.04 0.46 20.45
CA GLU A 67 -1.57 1.60 21.21
C GLU A 67 -0.17 1.37 21.80
N LYS A 68 0.27 0.13 21.86
CA LYS A 68 1.58 -0.19 22.38
C LYS A 68 2.48 -0.61 21.24
N GLN A 69 1.87 -1.19 20.25
CA GLN A 69 2.58 -1.67 19.09
C GLN A 69 2.13 -0.94 17.83
N GLN A 70 2.96 -0.05 17.33
CA GLN A 70 2.66 0.68 16.10
C GLN A 70 2.63 -0.26 14.91
N HIS A 71 3.46 -1.31 14.97
CA HIS A 71 3.58 -2.26 13.85
C HIS A 71 2.37 -3.16 13.76
N ILE A 72 1.67 -3.27 14.85
CA ILE A 72 0.53 -4.14 14.94
C ILE A 72 -0.73 -3.38 14.67
N VAL A 73 -1.35 -3.71 13.59
CA VAL A 73 -2.58 -3.08 13.27
C VAL A 73 -3.66 -4.10 13.38
N TYR A 74 -4.62 -3.85 14.21
CA TYR A 74 -5.69 -4.78 14.35
C TYR A 74 -6.70 -4.57 13.25
N CYS A 75 -7.35 -3.42 13.30
CA CYS A 75 -8.31 -3.00 12.28
C CYS A 75 -9.46 -4.02 12.13
N SER A 76 -9.73 -4.72 13.21
CA SER A 76 -10.78 -5.70 13.23
C SER A 76 -12.12 -4.99 13.35
N ASN A 77 -12.09 -3.78 13.86
CA ASN A 77 -13.28 -2.96 14.01
C ASN A 77 -13.52 -2.12 12.77
N ASP A 78 -12.84 -2.46 11.72
CA ASP A 78 -12.99 -1.80 10.44
C ASP A 78 -13.10 -2.92 9.40
N LEU A 79 -13.20 -2.57 8.16
CA LEU A 79 -13.36 -3.53 7.12
C LEU A 79 -11.99 -3.90 6.55
N LEU A 80 -11.03 -2.97 6.61
CA LEU A 80 -9.65 -3.13 6.07
C LEU A 80 -9.00 -4.48 6.50
N GLY A 81 -8.78 -4.64 7.81
CA GLY A 81 -8.12 -5.84 8.32
C GLY A 81 -8.98 -7.05 8.11
N ASP A 82 -10.27 -6.83 8.32
CA ASP A 82 -11.31 -7.84 8.17
C ASP A 82 -11.14 -8.50 6.80
N LEU A 83 -11.11 -7.63 5.78
CA LEU A 83 -11.02 -7.89 4.35
C LEU A 83 -9.87 -8.77 3.97
N PHE A 84 -8.73 -8.55 4.57
CA PHE A 84 -7.56 -9.39 4.29
C PHE A 84 -7.84 -10.77 4.82
N GLY A 85 -8.70 -10.80 5.76
CA GLY A 85 -9.13 -12.01 6.38
C GLY A 85 -8.41 -12.20 7.64
N VAL A 86 -8.21 -11.11 8.33
CA VAL A 86 -7.42 -11.15 9.56
C VAL A 86 -8.02 -10.37 10.71
N PRO A 87 -7.69 -10.77 11.97
CA PRO A 87 -8.11 -10.03 13.15
C PRO A 87 -7.09 -8.92 13.48
N SER A 88 -5.93 -9.03 12.86
CA SER A 88 -4.85 -8.10 12.98
C SER A 88 -3.84 -8.37 11.87
N PHE A 89 -3.12 -7.36 11.48
CA PHE A 89 -2.11 -7.50 10.47
C PHE A 89 -0.83 -6.82 10.93
N SER A 90 0.28 -7.32 10.48
CA SER A 90 1.56 -6.80 10.87
C SER A 90 2.19 -6.02 9.70
N VAL A 91 2.46 -4.73 9.93
CA VAL A 91 3.01 -3.84 8.89
C VAL A 91 4.38 -4.27 8.39
N LYS A 92 5.13 -5.01 9.20
CA LYS A 92 6.46 -5.45 8.82
C LYS A 92 6.41 -6.52 7.75
N GLU A 93 5.25 -7.05 7.50
CA GLU A 93 5.07 -7.98 6.45
C GLU A 93 4.67 -7.22 5.23
N HIS A 94 5.65 -6.70 4.61
CA HIS A 94 5.50 -5.86 3.42
C HIS A 94 4.89 -6.66 2.30
N ARG A 95 5.28 -7.92 2.24
CA ARG A 95 4.75 -8.90 1.29
C ARG A 95 3.22 -9.04 1.46
N LYS A 96 2.77 -9.01 2.70
CA LYS A 96 1.35 -9.07 3.01
C LYS A 96 0.66 -7.78 2.68
N ILE A 97 1.37 -6.68 2.84
CA ILE A 97 0.81 -5.37 2.53
C ILE A 97 0.51 -5.31 1.04
N TYR A 98 1.49 -5.71 0.24
CA TYR A 98 1.36 -5.67 -1.21
C TYR A 98 0.18 -6.50 -1.67
N THR A 99 0.10 -7.70 -1.17
CA THR A 99 -0.93 -8.63 -1.57
C THR A 99 -2.31 -8.20 -1.07
N MET A 100 -2.35 -7.59 0.10
CA MET A 100 -3.57 -7.07 0.72
C MET A 100 -4.20 -6.02 -0.18
N ILE A 101 -3.35 -5.20 -0.73
CA ILE A 101 -3.75 -4.08 -1.56
C ILE A 101 -4.06 -4.60 -2.96
N TYR A 102 -3.18 -5.43 -3.46
CA TYR A 102 -3.30 -6.02 -4.78
C TYR A 102 -4.56 -6.89 -4.91
N ARG A 103 -4.96 -7.51 -3.83
CA ARG A 103 -6.15 -8.35 -3.80
C ARG A 103 -7.43 -7.49 -3.78
N ASN A 104 -7.25 -6.21 -3.57
CA ASN A 104 -8.36 -5.27 -3.51
C ASN A 104 -8.33 -4.24 -4.60
N LEU A 105 -7.44 -4.42 -5.51
CA LEU A 105 -7.39 -3.61 -6.70
C LEU A 105 -7.51 -4.56 -7.87
N VAL A 106 -7.85 -4.08 -9.03
CA VAL A 106 -7.97 -5.00 -10.15
C VAL A 106 -6.87 -4.79 -11.15
N VAL A 107 -6.28 -5.87 -11.58
CA VAL A 107 -5.24 -5.85 -12.57
C VAL A 107 -5.56 -6.82 -13.68
N ASP B 1 14.76 -1.93 14.46
CA ASP B 1 13.37 -1.92 13.95
C ASP B 1 12.39 -1.76 15.12
N GLY B 2 12.93 -1.63 16.29
CA GLY B 2 12.15 -1.55 17.47
C GLY B 2 11.80 -0.14 17.82
N GLY B 3 10.67 0.28 17.36
CA GLY B 3 10.19 1.61 17.66
C GLY B 3 10.15 2.48 16.43
N THR B 4 9.79 1.90 15.32
CA THR B 4 9.66 2.65 14.12
C THR B 4 8.24 3.19 14.02
N THR B 5 8.12 4.49 13.82
CA THR B 5 6.88 5.17 13.72
C THR B 5 6.03 4.59 12.58
N PHE B 6 4.76 4.35 12.87
CA PHE B 6 3.80 3.77 11.92
C PHE B 6 3.77 4.55 10.60
N GLU B 7 3.58 5.87 10.68
CA GLU B 7 3.49 6.71 9.49
C GLU B 7 4.79 6.66 8.68
N HIS B 8 5.91 6.44 9.35
CA HIS B 8 7.20 6.48 8.67
C HIS B 8 7.42 5.17 7.98
N LEU B 9 7.14 4.11 8.68
CA LEU B 9 7.40 2.78 8.19
C LEU B 9 6.47 2.36 7.05
N TRP B 10 5.27 2.90 7.08
CA TRP B 10 4.25 2.52 6.14
C TRP B 10 4.47 3.24 4.82
N SER B 11 4.89 4.47 4.91
CA SER B 11 5.13 5.27 3.74
C SER B 11 6.46 4.90 3.10
N SER B 12 7.22 4.09 3.78
CA SER B 12 8.52 3.69 3.32
C SER B 12 8.56 2.21 2.99
N LEU B 13 7.40 1.58 2.78
CA LEU B 13 7.45 0.15 2.52
C LEU B 13 7.49 -0.15 1.04
N GLU B 14 7.58 0.92 0.27
CA GLU B 14 7.72 0.87 -1.17
C GLU B 14 9.14 0.41 -1.50
N PRO B 15 9.37 -0.14 -2.68
CA PRO B 15 10.71 -0.46 -3.10
C PRO B 15 11.43 0.82 -3.58
N ASP B 16 11.07 1.28 -4.78
CA ASP B 16 11.62 2.48 -5.39
C ASP B 16 11.03 2.60 -6.77
N ASN A 1 -23.90 4.75 -41.18
CA ASN A 1 -23.89 4.93 -39.72
C ASN A 1 -23.85 3.57 -39.02
N THR A 2 -22.69 3.17 -38.55
CA THR A 2 -22.58 1.92 -37.83
C THR A 2 -22.96 2.12 -36.37
N ASN A 3 -24.09 1.58 -35.97
CA ASN A 3 -24.52 1.68 -34.57
C ASN A 3 -23.75 0.67 -33.73
N MET A 4 -23.21 -0.31 -34.43
CA MET A 4 -22.35 -1.34 -33.89
C MET A 4 -21.16 -1.48 -34.80
N SER A 5 -20.12 -0.80 -34.48
CA SER A 5 -18.91 -0.88 -35.24
C SER A 5 -18.15 -2.14 -34.83
N VAL A 6 -17.80 -2.96 -35.79
CA VAL A 6 -17.13 -4.21 -35.52
C VAL A 6 -15.62 -4.04 -35.56
N PRO A 7 -14.91 -4.72 -34.65
CA PRO A 7 -13.46 -4.59 -34.53
C PRO A 7 -12.71 -5.40 -35.56
N THR A 8 -11.74 -4.77 -36.18
CA THR A 8 -10.92 -5.44 -37.12
C THR A 8 -9.72 -6.03 -36.39
N ASP A 9 -9.92 -7.20 -35.83
CA ASP A 9 -8.87 -7.87 -35.10
C ASP A 9 -8.03 -8.68 -36.03
N GLY A 10 -7.00 -8.06 -36.52
CA GLY A 10 -6.07 -8.70 -37.40
C GLY A 10 -4.83 -7.88 -37.53
N ALA A 11 -4.41 -7.31 -36.42
CA ALA A 11 -3.26 -6.46 -36.38
C ALA A 11 -2.04 -7.29 -36.10
N VAL A 12 -1.17 -7.41 -37.07
CA VAL A 12 0.02 -8.22 -36.90
C VAL A 12 1.11 -7.47 -36.13
N THR A 13 0.95 -7.47 -34.84
CA THR A 13 1.89 -6.87 -33.97
C THR A 13 3.01 -7.85 -33.67
N THR A 14 4.08 -7.76 -34.45
CA THR A 14 5.25 -8.59 -34.33
C THR A 14 5.84 -8.42 -32.93
N SER A 15 5.82 -7.20 -32.48
CA SER A 15 6.27 -6.87 -31.18
C SER A 15 5.24 -5.91 -30.57
N GLN A 16 4.52 -6.36 -29.56
CA GLN A 16 3.57 -5.49 -28.89
C GLN A 16 4.32 -4.53 -27.99
N ILE A 17 4.68 -3.41 -28.55
CA ILE A 17 5.43 -2.41 -27.86
C ILE A 17 4.46 -1.40 -27.28
N PRO A 18 4.55 -1.17 -25.99
CA PRO A 18 3.70 -0.22 -25.32
C PRO A 18 4.09 1.21 -25.59
N ALA A 19 3.21 1.92 -26.24
CA ALA A 19 3.36 3.35 -26.44
C ALA A 19 2.89 4.01 -25.16
N SER A 20 2.01 3.30 -24.52
CA SER A 20 1.48 3.56 -23.23
C SER A 20 1.11 2.21 -22.68
N GLU A 21 1.49 1.91 -21.48
CA GLU A 21 1.14 0.63 -20.90
C GLU A 21 -0.35 0.58 -20.60
N GLN A 22 -0.94 -0.56 -20.81
CA GLN A 22 -2.36 -0.70 -20.58
C GLN A 22 -2.57 -0.75 -19.07
N GLU A 23 -1.73 -1.51 -18.43
CA GLU A 23 -1.74 -1.68 -17.01
C GLU A 23 -0.67 -0.79 -16.42
N THR A 24 -1.06 0.05 -15.52
CA THR A 24 -0.17 0.96 -14.84
C THR A 24 -0.81 1.39 -13.53
N LEU A 25 -1.93 2.08 -13.63
CA LEU A 25 -2.63 2.55 -12.47
C LEU A 25 -3.59 1.51 -11.97
N VAL A 26 -3.68 1.39 -10.69
CA VAL A 26 -4.50 0.39 -10.09
C VAL A 26 -5.85 0.97 -9.66
N ARG A 27 -6.87 0.15 -9.75
CA ARG A 27 -8.23 0.58 -9.52
C ARG A 27 -8.82 -0.09 -8.29
N PRO A 28 -9.34 0.70 -7.34
CA PRO A 28 -9.83 0.20 -6.06
C PRO A 28 -11.28 -0.29 -6.06
N LYS A 29 -11.61 -1.04 -5.03
CA LYS A 29 -12.98 -1.38 -4.72
C LYS A 29 -13.60 -0.15 -4.05
N PRO A 30 -14.95 -0.06 -3.95
CA PRO A 30 -15.62 1.06 -3.27
C PRO A 30 -15.13 1.24 -1.84
N LEU A 31 -14.77 0.15 -1.20
CA LEU A 31 -14.27 0.17 0.17
C LEU A 31 -12.96 0.95 0.26
N LEU A 32 -12.06 0.70 -0.68
CA LEU A 32 -10.79 1.39 -0.71
C LEU A 32 -11.03 2.84 -1.10
N LEU A 33 -11.83 3.02 -2.14
CA LEU A 33 -12.17 4.35 -2.65
C LEU A 33 -12.82 5.20 -1.56
N LYS A 34 -13.58 4.53 -0.69
CA LYS A 34 -14.21 5.13 0.47
C LYS A 34 -13.18 5.76 1.37
N LEU A 35 -12.19 4.97 1.78
CA LEU A 35 -11.24 5.45 2.74
C LEU A 35 -10.29 6.45 2.11
N LEU A 36 -9.95 6.21 0.85
CA LEU A 36 -9.06 7.07 0.11
C LEU A 36 -9.59 8.50 0.04
N LYS A 37 -10.78 8.67 -0.49
CA LYS A 37 -11.30 10.01 -0.69
C LYS A 37 -11.76 10.65 0.61
N SER A 38 -11.89 9.85 1.63
CA SER A 38 -12.25 10.38 2.92
C SER A 38 -11.00 10.87 3.67
N VAL A 39 -9.81 10.38 3.27
CA VAL A 39 -8.57 10.81 3.93
C VAL A 39 -7.79 11.81 3.11
N GLY A 40 -8.40 12.29 2.06
CA GLY A 40 -7.76 13.31 1.27
C GLY A 40 -7.25 12.85 -0.06
N ALA A 41 -7.87 11.84 -0.64
CA ALA A 41 -7.46 11.42 -1.96
C ALA A 41 -8.41 12.05 -2.94
N GLN A 42 -7.87 12.62 -3.96
CA GLN A 42 -8.65 13.29 -4.98
C GLN A 42 -8.60 12.49 -6.27
N LYS A 43 -7.80 11.43 -6.26
CA LYS A 43 -7.62 10.56 -7.39
C LYS A 43 -8.64 9.48 -7.45
N ASP A 44 -8.85 9.01 -8.63
CA ASP A 44 -9.69 7.85 -8.87
C ASP A 44 -8.77 6.70 -9.24
N THR A 45 -7.51 7.03 -9.51
CA THR A 45 -6.55 6.04 -9.89
C THR A 45 -5.26 6.39 -9.25
N TYR A 46 -4.51 5.39 -8.88
CA TYR A 46 -3.34 5.63 -8.11
C TYR A 46 -2.33 4.52 -8.30
N THR A 47 -1.17 4.69 -7.70
CA THR A 47 -0.14 3.70 -7.72
C THR A 47 0.08 3.14 -6.32
N MET A 48 0.95 2.15 -6.24
CA MET A 48 1.35 1.46 -4.99
C MET A 48 1.64 2.46 -3.87
N LYS A 49 2.48 3.44 -4.17
CA LYS A 49 2.94 4.46 -3.17
C LYS A 49 1.79 5.28 -2.64
N GLU A 50 0.85 5.59 -3.49
CA GLU A 50 -0.29 6.42 -3.13
C GLU A 50 -1.13 5.72 -2.08
N VAL A 51 -1.19 4.40 -2.18
CA VAL A 51 -1.90 3.60 -1.20
C VAL A 51 -1.23 3.78 0.13
N LEU A 52 0.08 3.58 0.17
CA LEU A 52 0.88 3.85 1.35
C LEU A 52 0.54 5.20 1.96
N PHE A 53 0.46 6.19 1.14
CA PHE A 53 0.19 7.52 1.62
C PHE A 53 -1.22 7.61 2.26
N TYR A 54 -2.23 7.32 1.48
CA TYR A 54 -3.60 7.48 1.91
C TYR A 54 -4.09 6.39 2.86
N LEU A 55 -3.68 5.16 2.63
CA LEU A 55 -4.16 4.05 3.44
C LEU A 55 -3.61 4.21 4.86
N GLY A 56 -2.37 4.69 4.93
CA GLY A 56 -1.74 4.94 6.21
C GLY A 56 -2.47 6.02 6.99
N GLN A 57 -2.98 7.03 6.25
CA GLN A 57 -3.75 8.11 6.88
C GLN A 57 -4.94 7.52 7.59
N TYR A 58 -5.64 6.65 6.87
CA TYR A 58 -6.88 6.05 7.34
C TYR A 58 -6.69 5.25 8.63
N ILE A 59 -5.64 4.46 8.69
CA ILE A 59 -5.41 3.59 9.83
C ILE A 59 -5.10 4.43 11.04
N MET A 60 -4.31 5.48 10.82
CA MET A 60 -3.94 6.36 11.89
C MET A 60 -5.04 7.26 12.33
N THR A 61 -5.72 7.87 11.40
CA THR A 61 -6.72 8.86 11.70
C THR A 61 -7.93 8.26 12.46
N LYS A 62 -8.26 7.03 12.15
CA LYS A 62 -9.40 6.39 12.79
C LYS A 62 -8.96 5.66 14.03
N ARG A 63 -7.68 5.33 14.07
CA ARG A 63 -7.05 4.61 15.18
C ARG A 63 -7.40 3.14 15.23
N LEU A 64 -6.91 2.40 14.25
CA LEU A 64 -7.10 0.95 14.23
C LEU A 64 -5.81 0.26 14.67
N TYR A 65 -4.95 1.04 15.27
CA TYR A 65 -3.62 0.59 15.64
C TYR A 65 -3.51 0.26 17.10
N ASP A 66 -2.50 -0.57 17.44
CA ASP A 66 -2.19 -0.86 18.84
C ASP A 66 -1.59 0.39 19.48
N GLU A 67 -1.83 0.55 20.74
CA GLU A 67 -1.35 1.69 21.49
C GLU A 67 0.18 1.69 21.73
N LYS A 68 0.79 0.51 21.79
CA LYS A 68 2.21 0.42 22.03
C LYS A 68 2.98 -0.26 20.90
N GLN A 69 2.34 -1.16 20.19
CA GLN A 69 3.00 -1.91 19.14
C GLN A 69 2.80 -1.20 17.81
N GLN A 70 3.83 -0.53 17.35
CA GLN A 70 3.76 0.26 16.11
C GLN A 70 3.76 -0.59 14.83
N HIS A 71 4.01 -1.88 14.94
CA HIS A 71 3.80 -2.78 13.80
C HIS A 71 2.42 -3.46 13.80
N ILE A 72 1.82 -3.55 14.96
CA ILE A 72 0.55 -4.27 15.13
C ILE A 72 -0.69 -3.41 14.86
N VAL A 73 -1.37 -3.74 13.79
CA VAL A 73 -2.61 -3.09 13.44
C VAL A 73 -3.70 -4.06 13.78
N TYR A 74 -4.76 -3.59 14.31
CA TYR A 74 -5.86 -4.44 14.61
C TYR A 74 -6.89 -4.34 13.53
N CYS A 75 -7.48 -3.14 13.38
CA CYS A 75 -8.54 -2.87 12.39
C CYS A 75 -9.66 -3.92 12.42
N SER A 76 -9.89 -4.45 13.61
CA SER A 76 -10.85 -5.49 13.84
C SER A 76 -12.25 -4.91 13.79
N ASN A 77 -12.35 -3.63 14.06
CA ASN A 77 -13.62 -2.90 14.02
C ASN A 77 -13.84 -2.33 12.64
N ASP A 78 -12.89 -2.56 11.76
CA ASP A 78 -12.95 -2.02 10.42
C ASP A 78 -12.99 -3.19 9.44
N LEU A 79 -13.08 -2.90 8.18
CA LEU A 79 -13.17 -3.91 7.17
C LEU A 79 -11.75 -4.23 6.66
N LEU A 80 -10.83 -3.26 6.81
CA LEU A 80 -9.44 -3.35 6.34
C LEU A 80 -8.77 -4.72 6.63
N GLY A 81 -8.59 -5.04 7.90
CA GLY A 81 -7.95 -6.28 8.27
C GLY A 81 -8.78 -7.45 7.90
N ASP A 82 -10.09 -7.30 8.10
CA ASP A 82 -11.06 -8.35 7.82
C ASP A 82 -10.89 -8.82 6.40
N LEU A 83 -10.83 -7.85 5.47
CA LEU A 83 -10.72 -7.98 4.04
C LEU A 83 -9.52 -8.83 3.65
N PHE A 84 -8.38 -8.56 4.28
CA PHE A 84 -7.14 -9.34 4.06
C PHE A 84 -7.39 -10.79 4.44
N GLY A 85 -8.34 -10.93 5.27
CA GLY A 85 -8.76 -12.21 5.78
C GLY A 85 -8.21 -12.45 7.12
N VAL A 86 -8.10 -11.38 7.88
CA VAL A 86 -7.48 -11.46 9.20
C VAL A 86 -8.23 -10.61 10.21
N PRO A 87 -7.99 -10.83 11.52
CA PRO A 87 -8.57 -9.99 12.55
C PRO A 87 -7.64 -8.83 12.93
N SER A 88 -6.36 -8.95 12.55
CA SER A 88 -5.31 -7.97 12.83
C SER A 88 -4.15 -8.26 11.88
N PHE A 89 -3.34 -7.27 11.54
CA PHE A 89 -2.27 -7.49 10.59
C PHE A 89 -1.04 -6.71 11.01
N SER A 90 0.10 -7.15 10.60
CA SER A 90 1.34 -6.51 10.91
C SER A 90 1.97 -5.87 9.66
N VAL A 91 2.47 -4.68 9.84
CA VAL A 91 3.01 -3.87 8.74
C VAL A 91 4.44 -4.20 8.28
N LYS A 92 5.14 -5.14 8.93
CA LYS A 92 6.48 -5.50 8.45
C LYS A 92 6.42 -6.48 7.30
N GLU A 93 5.31 -7.23 7.19
CA GLU A 93 5.16 -8.17 6.08
C GLU A 93 4.92 -7.43 4.78
N HIS A 94 6.00 -7.10 4.17
CA HIS A 94 6.06 -6.29 2.94
C HIS A 94 5.25 -6.88 1.82
N ARG A 95 5.44 -8.16 1.60
CA ARG A 95 4.77 -8.87 0.51
C ARG A 95 3.28 -8.93 0.76
N LYS A 96 2.91 -8.98 2.02
CA LYS A 96 1.52 -9.07 2.39
C LYS A 96 0.82 -7.75 2.22
N ILE A 97 1.56 -6.67 2.43
CA ILE A 97 1.02 -5.35 2.24
C ILE A 97 0.67 -5.17 0.77
N TYR A 98 1.63 -5.49 -0.09
CA TYR A 98 1.44 -5.35 -1.53
C TYR A 98 0.29 -6.19 -2.01
N THR A 99 0.18 -7.37 -1.47
CA THR A 99 -0.82 -8.31 -1.93
C THR A 99 -2.21 -8.00 -1.42
N MET A 100 -2.33 -7.48 -0.18
CA MET A 100 -3.65 -7.14 0.37
C MET A 100 -4.27 -6.00 -0.42
N ILE A 101 -3.40 -5.17 -0.95
CA ILE A 101 -3.80 -4.04 -1.75
C ILE A 101 -4.12 -4.52 -3.15
N TYR A 102 -3.18 -5.25 -3.73
CA TYR A 102 -3.28 -5.80 -5.08
C TYR A 102 -4.51 -6.71 -5.26
N ARG A 103 -4.84 -7.46 -4.23
CA ARG A 103 -5.96 -8.38 -4.27
C ARG A 103 -7.28 -7.62 -4.38
N ASN A 104 -7.27 -6.40 -3.90
CA ASN A 104 -8.49 -5.61 -3.85
C ASN A 104 -8.57 -4.59 -4.95
N LEU A 105 -7.64 -4.61 -5.83
CA LEU A 105 -7.67 -3.72 -6.96
C LEU A 105 -7.79 -4.52 -8.22
N VAL A 106 -8.17 -3.86 -9.25
CA VAL A 106 -8.17 -4.46 -10.54
C VAL A 106 -7.05 -3.84 -11.32
N VAL A 107 -6.55 -4.54 -12.28
CA VAL A 107 -5.33 -4.16 -12.93
C VAL A 107 -5.62 -3.88 -14.38
N ASP B 1 11.35 -0.13 16.00
CA ASP B 1 10.61 -0.62 17.17
C ASP B 1 10.97 0.19 18.40
N GLY B 2 11.84 1.16 18.22
CA GLY B 2 12.27 2.00 19.29
C GLY B 2 12.58 3.38 18.78
N GLY B 3 11.58 4.21 18.75
CA GLY B 3 11.71 5.56 18.24
C GLY B 3 11.19 5.61 16.82
N THR B 4 10.27 4.73 16.54
CA THR B 4 9.72 4.59 15.23
C THR B 4 8.22 4.83 15.23
N THR B 5 7.77 5.64 14.30
CA THR B 5 6.38 5.96 14.19
C THR B 5 5.78 5.24 12.98
N PHE B 6 4.53 4.78 13.12
CA PHE B 6 3.84 4.02 12.08
C PHE B 6 3.86 4.70 10.73
N GLU B 7 3.49 5.97 10.70
CA GLU B 7 3.36 6.70 9.44
C GLU B 7 4.67 6.68 8.63
N HIS B 8 5.80 6.63 9.33
CA HIS B 8 7.07 6.68 8.65
C HIS B 8 7.41 5.30 8.14
N LEU B 9 7.20 4.32 8.97
CA LEU B 9 7.55 2.97 8.64
C LEU B 9 6.59 2.37 7.59
N TRP B 10 5.37 2.84 7.57
CA TRP B 10 4.37 2.42 6.60
C TRP B 10 4.72 3.03 5.25
N SER B 11 5.21 4.25 5.29
CA SER B 11 5.62 4.91 4.08
C SER B 11 6.99 4.39 3.62
N SER B 12 7.59 3.53 4.41
CA SER B 12 8.89 2.99 4.12
C SER B 12 8.82 1.48 3.89
N LEU B 13 7.63 0.95 3.64
CA LEU B 13 7.51 -0.50 3.45
C LEU B 13 7.72 -0.87 2.00
N GLU B 14 7.91 0.13 1.19
CA GLU B 14 8.14 -0.07 -0.21
C GLU B 14 9.62 0.09 -0.48
N PRO B 15 10.11 -0.36 -1.62
CA PRO B 15 11.43 -0.03 -2.06
C PRO B 15 11.38 1.38 -2.67
N ASP B 16 10.86 1.46 -3.90
CA ASP B 16 10.65 2.69 -4.63
C ASP B 16 10.17 2.34 -6.01
N ASN A 1 6.05 -34.78 -5.43
CA ASN A 1 6.08 -35.64 -4.24
C ASN A 1 6.49 -34.85 -3.03
N THR A 2 7.74 -34.45 -2.99
CA THR A 2 8.31 -33.71 -1.87
C THR A 2 8.00 -32.18 -2.03
N ASN A 3 6.79 -31.90 -2.49
CA ASN A 3 6.33 -30.53 -2.81
C ASN A 3 6.46 -29.60 -1.61
N MET A 4 7.45 -28.70 -1.69
CA MET A 4 7.79 -27.72 -0.63
C MET A 4 8.50 -28.36 0.57
N SER A 5 8.51 -29.67 0.62
CA SER A 5 9.09 -30.42 1.73
C SER A 5 10.55 -30.75 1.42
N VAL A 6 11.01 -30.23 0.31
CA VAL A 6 12.37 -30.42 -0.20
C VAL A 6 13.42 -29.90 0.78
N PRO A 7 14.71 -30.36 0.62
CA PRO A 7 15.84 -29.85 1.39
C PRO A 7 15.80 -28.34 1.41
N THR A 8 15.50 -27.81 2.56
CA THR A 8 15.30 -26.42 2.68
C THR A 8 16.61 -25.71 2.96
N ASP A 9 17.41 -25.64 1.92
CA ASP A 9 18.65 -24.95 1.97
C ASP A 9 18.56 -23.72 1.16
N GLY A 10 18.31 -22.65 1.83
CA GLY A 10 18.21 -21.37 1.22
C GLY A 10 18.74 -20.32 2.14
N ALA A 11 19.83 -20.66 2.83
CA ALA A 11 20.47 -19.75 3.77
C ALA A 11 21.43 -18.83 3.04
N VAL A 12 21.48 -19.04 1.75
CA VAL A 12 22.24 -18.23 0.85
C VAL A 12 21.57 -16.87 0.66
N THR A 13 22.25 -15.97 0.01
CA THR A 13 21.80 -14.61 -0.17
C THR A 13 20.84 -14.45 -1.36
N THR A 14 20.08 -15.49 -1.65
CA THR A 14 19.13 -15.43 -2.72
C THR A 14 17.84 -14.75 -2.28
N SER A 15 17.95 -13.46 -2.09
CA SER A 15 16.85 -12.65 -1.72
C SER A 15 16.29 -11.97 -2.95
N GLN A 16 15.03 -12.24 -3.24
CA GLN A 16 14.38 -11.63 -4.35
C GLN A 16 14.21 -10.16 -4.06
N ILE A 17 14.75 -9.35 -4.91
CA ILE A 17 14.62 -7.94 -4.77
C ILE A 17 13.44 -7.52 -5.59
N PRO A 18 12.40 -7.02 -4.95
CA PRO A 18 11.20 -6.59 -5.64
C PRO A 18 11.46 -5.32 -6.43
N ALA A 19 11.35 -5.43 -7.70
CA ALA A 19 11.55 -4.31 -8.56
C ALA A 19 10.26 -3.97 -9.24
N SER A 20 9.61 -2.93 -8.76
CA SER A 20 8.37 -2.51 -9.34
C SER A 20 8.63 -1.94 -10.73
N GLU A 21 8.05 -2.57 -11.74
CA GLU A 21 8.20 -2.11 -13.09
C GLU A 21 7.16 -1.06 -13.33
N GLN A 22 7.62 0.15 -13.63
CA GLN A 22 6.77 1.31 -13.84
C GLN A 22 6.10 1.71 -12.54
N GLU A 23 5.22 2.65 -12.64
CA GLU A 23 4.40 3.07 -11.55
C GLU A 23 2.98 2.94 -12.03
N THR A 24 2.46 1.74 -11.88
CA THR A 24 1.17 1.42 -12.38
C THR A 24 0.07 1.91 -11.43
N LEU A 25 -0.93 2.54 -12.01
CA LEU A 25 -2.06 2.98 -11.24
C LEU A 25 -2.98 1.80 -11.07
N VAL A 26 -3.52 1.68 -9.91
CA VAL A 26 -4.36 0.58 -9.61
C VAL A 26 -5.80 1.01 -9.41
N ARG A 27 -6.70 0.05 -9.47
CA ARG A 27 -8.12 0.27 -9.35
C ARG A 27 -8.57 0.02 -7.92
N PRO A 28 -9.40 0.89 -7.35
CA PRO A 28 -9.88 0.70 -6.00
C PRO A 28 -11.29 0.08 -5.91
N LYS A 29 -11.46 -0.86 -5.00
CA LYS A 29 -12.79 -1.33 -4.66
C LYS A 29 -13.45 -0.27 -3.76
N PRO A 30 -14.80 -0.30 -3.58
CA PRO A 30 -15.56 0.70 -2.78
C PRO A 30 -14.97 0.93 -1.39
N LEU A 31 -14.44 -0.14 -0.81
CA LEU A 31 -13.83 -0.10 0.50
C LEU A 31 -12.65 0.86 0.51
N LEU A 32 -11.85 0.78 -0.53
CA LEU A 32 -10.72 1.63 -0.63
C LEU A 32 -11.14 3.02 -1.05
N LEU A 33 -12.06 3.12 -1.99
CA LEU A 33 -12.61 4.41 -2.42
C LEU A 33 -13.15 5.22 -1.26
N LYS A 34 -13.86 4.57 -0.34
CA LYS A 34 -14.39 5.28 0.80
C LYS A 34 -13.25 5.77 1.69
N LEU A 35 -12.20 4.96 1.86
CA LEU A 35 -11.14 5.34 2.78
C LEU A 35 -10.26 6.41 2.13
N LEU A 36 -9.99 6.22 0.85
CA LEU A 36 -9.21 7.11 0.02
C LEU A 36 -9.78 8.52 0.03
N LYS A 37 -11.02 8.65 -0.34
CA LYS A 37 -11.61 9.95 -0.50
C LYS A 37 -11.96 10.59 0.82
N SER A 38 -12.01 9.80 1.87
CA SER A 38 -12.25 10.35 3.17
C SER A 38 -10.96 10.93 3.76
N VAL A 39 -9.82 10.52 3.22
CA VAL A 39 -8.55 11.00 3.72
C VAL A 39 -7.92 12.03 2.78
N GLY A 40 -8.66 12.46 1.80
CA GLY A 40 -8.18 13.49 0.93
C GLY A 40 -7.71 13.01 -0.41
N ALA A 41 -8.27 11.94 -0.92
CA ALA A 41 -7.92 11.51 -2.25
C ALA A 41 -8.91 12.06 -3.23
N GLN A 42 -8.38 12.70 -4.23
CA GLN A 42 -9.19 13.32 -5.26
C GLN A 42 -9.08 12.52 -6.53
N LYS A 43 -8.08 11.68 -6.55
CA LYS A 43 -7.82 10.81 -7.66
C LYS A 43 -8.59 9.52 -7.44
N ASP A 44 -9.06 8.93 -8.50
CA ASP A 44 -9.75 7.66 -8.44
C ASP A 44 -8.79 6.55 -8.78
N THR A 45 -7.56 6.94 -9.00
CA THR A 45 -6.47 6.04 -9.28
C THR A 45 -5.27 6.47 -8.50
N TYR A 46 -4.44 5.51 -8.16
CA TYR A 46 -3.27 5.75 -7.35
C TYR A 46 -2.30 4.61 -7.50
N THR A 47 -1.09 4.79 -7.07
CA THR A 47 -0.08 3.78 -7.18
C THR A 47 0.09 3.03 -5.86
N MET A 48 1.07 2.13 -5.85
CA MET A 48 1.45 1.34 -4.67
C MET A 48 1.94 2.31 -3.58
N LYS A 49 2.64 3.36 -4.01
CA LYS A 49 3.16 4.36 -3.08
C LYS A 49 2.06 5.27 -2.58
N GLU A 50 1.18 5.67 -3.47
CA GLU A 50 0.10 6.59 -3.11
C GLU A 50 -0.87 5.96 -2.14
N VAL A 51 -1.16 4.68 -2.33
CA VAL A 51 -2.03 3.99 -1.41
C VAL A 51 -1.40 3.92 -0.05
N LEU A 52 -0.10 3.73 0.02
CA LEU A 52 0.60 3.78 1.31
C LEU A 52 0.28 5.11 2.01
N PHE A 53 0.39 6.20 1.28
CA PHE A 53 0.17 7.51 1.85
C PHE A 53 -1.28 7.66 2.34
N TYR A 54 -2.22 7.44 1.44
CA TYR A 54 -3.64 7.63 1.76
C TYR A 54 -4.20 6.54 2.67
N LEU A 55 -3.86 5.28 2.41
CA LEU A 55 -4.41 4.18 3.20
C LEU A 55 -3.90 4.32 4.64
N GLY A 56 -2.65 4.78 4.74
CA GLY A 56 -2.04 5.01 6.02
C GLY A 56 -2.76 6.04 6.83
N GLN A 57 -3.25 7.09 6.14
CA GLN A 57 -4.00 8.17 6.79
C GLN A 57 -5.20 7.58 7.48
N TYR A 58 -5.92 6.71 6.78
CA TYR A 58 -7.13 6.08 7.26
C TYR A 58 -6.88 5.27 8.54
N ILE A 59 -5.79 4.54 8.55
CA ILE A 59 -5.48 3.68 9.68
C ILE A 59 -5.09 4.55 10.86
N MET A 60 -4.36 5.63 10.57
CA MET A 60 -3.92 6.55 11.59
C MET A 60 -5.05 7.32 12.18
N THR A 61 -5.85 7.90 11.33
CA THR A 61 -6.89 8.84 11.73
C THR A 61 -8.02 8.16 12.52
N LYS A 62 -8.23 6.88 12.26
CA LYS A 62 -9.25 6.14 12.97
C LYS A 62 -8.62 5.42 14.13
N ARG A 63 -7.30 5.37 14.09
CA ARG A 63 -6.46 4.69 15.08
C ARG A 63 -6.78 3.22 15.10
N LEU A 64 -6.65 2.62 13.96
CA LEU A 64 -6.94 1.21 13.80
C LEU A 64 -5.67 0.39 14.01
N TYR A 65 -4.59 1.09 14.26
CA TYR A 65 -3.34 0.45 14.59
C TYR A 65 -3.26 0.35 16.09
N ASP A 66 -2.32 -0.38 16.60
CA ASP A 66 -2.25 -0.58 18.02
C ASP A 66 -1.74 0.64 18.73
N GLU A 67 -2.30 0.90 19.86
CA GLU A 67 -1.94 2.04 20.63
C GLU A 67 -0.62 1.84 21.37
N LYS A 68 -0.19 0.59 21.53
CA LYS A 68 1.05 0.34 22.26
C LYS A 68 2.18 0.06 21.27
N GLN A 69 1.84 -0.55 20.15
CA GLN A 69 2.83 -0.88 19.11
C GLN A 69 2.43 -0.31 17.78
N GLN A 70 3.36 0.32 17.11
CA GLN A 70 3.06 1.00 15.85
C GLN A 70 3.12 0.04 14.66
N HIS A 71 4.00 -0.95 14.72
CA HIS A 71 4.11 -1.94 13.63
C HIS A 71 3.00 -2.98 13.72
N ILE A 72 2.22 -2.91 14.76
CA ILE A 72 1.11 -3.79 14.96
C ILE A 72 -0.17 -3.05 14.73
N VAL A 73 -0.96 -3.58 13.88
CA VAL A 73 -2.22 -3.02 13.55
C VAL A 73 -3.24 -4.13 13.78
N TYR A 74 -4.41 -3.80 14.23
CA TYR A 74 -5.41 -4.81 14.38
C TYR A 74 -6.46 -4.67 13.33
N CYS A 75 -7.25 -3.58 13.42
CA CYS A 75 -8.36 -3.34 12.50
C CYS A 75 -9.35 -4.51 12.58
N SER A 76 -9.46 -5.10 13.76
CA SER A 76 -10.28 -6.27 14.01
C SER A 76 -11.77 -5.95 13.89
N ASN A 77 -12.11 -4.69 14.09
CA ASN A 77 -13.50 -4.26 14.03
C ASN A 77 -13.74 -3.51 12.73
N ASP A 78 -12.84 -3.66 11.81
CA ASP A 78 -12.91 -3.06 10.50
C ASP A 78 -12.67 -4.21 9.52
N LEU A 79 -12.80 -3.97 8.25
CA LEU A 79 -12.57 -5.04 7.32
C LEU A 79 -11.13 -5.04 6.82
N LEU A 80 -10.41 -3.96 7.10
CA LEU A 80 -9.02 -3.81 6.69
C LEU A 80 -8.18 -5.00 7.22
N GLY A 81 -8.45 -5.38 8.46
CA GLY A 81 -7.77 -6.51 9.05
C GLY A 81 -8.16 -7.80 8.36
N ASP A 82 -9.46 -7.93 8.06
CA ASP A 82 -9.99 -9.13 7.42
C ASP A 82 -9.27 -9.33 6.12
N LEU A 83 -9.15 -8.23 5.35
CA LEU A 83 -8.38 -8.15 4.08
C LEU A 83 -6.94 -8.71 4.18
N PHE A 84 -6.30 -8.54 5.34
CA PHE A 84 -4.96 -9.15 5.59
C PHE A 84 -5.11 -10.67 5.57
N GLY A 85 -6.29 -11.07 5.91
CA GLY A 85 -6.70 -12.46 5.93
C GLY A 85 -6.68 -12.98 7.31
N VAL A 86 -6.96 -12.09 8.26
CA VAL A 86 -6.90 -12.36 9.73
C VAL A 86 -7.57 -11.22 10.52
N PRO A 87 -7.61 -11.28 11.87
CA PRO A 87 -8.09 -10.14 12.68
C PRO A 87 -6.93 -9.21 13.11
N SER A 88 -5.74 -9.53 12.69
CA SER A 88 -4.55 -8.78 13.04
C SER A 88 -3.71 -8.43 11.81
N PHE A 89 -2.97 -7.35 11.88
CA PHE A 89 -2.22 -6.84 10.75
C PHE A 89 -0.78 -6.48 11.18
N SER A 90 0.17 -6.94 10.41
CA SER A 90 1.57 -6.64 10.64
C SER A 90 2.13 -5.89 9.43
N VAL A 91 2.61 -4.67 9.65
CA VAL A 91 3.10 -3.80 8.57
C VAL A 91 4.34 -4.36 7.85
N LYS A 92 5.17 -5.10 8.57
CA LYS A 92 6.38 -5.64 7.96
C LYS A 92 6.15 -6.87 7.10
N GLU A 93 4.91 -7.32 7.02
CA GLU A 93 4.54 -8.36 6.08
C GLU A 93 4.19 -7.71 4.79
N HIS A 94 5.22 -7.27 4.17
CA HIS A 94 5.18 -6.47 2.95
C HIS A 94 4.43 -7.20 1.85
N ARG A 95 4.65 -8.51 1.75
CA ARG A 95 3.97 -9.35 0.77
C ARG A 95 2.46 -9.22 0.94
N LYS A 96 2.02 -9.24 2.19
CA LYS A 96 0.61 -9.16 2.51
C LYS A 96 0.07 -7.80 2.31
N ILE A 97 0.90 -6.80 2.53
CA ILE A 97 0.50 -5.43 2.31
C ILE A 97 0.19 -5.25 0.83
N TYR A 98 1.15 -5.65 0.01
CA TYR A 98 1.01 -5.57 -1.44
C TYR A 98 -0.19 -6.36 -1.91
N THR A 99 -0.29 -7.59 -1.45
CA THR A 99 -1.36 -8.48 -1.90
C THR A 99 -2.74 -8.07 -1.36
N MET A 100 -2.76 -7.39 -0.25
CA MET A 100 -3.99 -6.90 0.39
C MET A 100 -4.60 -5.82 -0.49
N ILE A 101 -3.72 -5.00 -1.00
CA ILE A 101 -4.10 -3.90 -1.85
C ILE A 101 -4.42 -4.46 -3.23
N TYR A 102 -3.58 -5.39 -3.67
CA TYR A 102 -3.75 -6.08 -4.93
C TYR A 102 -5.07 -6.85 -4.99
N ARG A 103 -5.49 -7.36 -3.85
CA ARG A 103 -6.77 -8.06 -3.65
C ARG A 103 -7.95 -7.15 -4.03
N ASN A 104 -7.72 -5.87 -3.98
CA ASN A 104 -8.75 -4.90 -4.20
C ASN A 104 -8.62 -4.19 -5.52
N LEU A 105 -7.73 -4.65 -6.37
CA LEU A 105 -7.53 -4.05 -7.66
C LEU A 105 -7.58 -5.10 -8.76
N VAL A 106 -7.72 -4.65 -9.98
CA VAL A 106 -7.72 -5.56 -11.09
C VAL A 106 -6.47 -5.39 -11.92
N VAL A 107 -5.85 -6.49 -12.24
CA VAL A 107 -4.68 -6.55 -13.08
C VAL A 107 -4.81 -7.67 -14.07
N ASP B 1 12.95 5.12 6.11
CA ASP B 1 13.94 4.65 7.09
C ASP B 1 13.43 4.79 8.52
N GLY B 2 12.25 5.32 8.65
CA GLY B 2 11.66 5.46 9.94
C GLY B 2 10.93 4.21 10.36
N GLY B 3 11.66 3.09 10.39
CA GLY B 3 11.12 1.78 10.69
C GLY B 3 10.81 1.56 12.15
N THR B 4 10.13 2.49 12.74
CA THR B 4 9.75 2.42 14.12
C THR B 4 8.37 3.06 14.31
N THR B 5 8.16 4.20 13.68
CA THR B 5 6.93 4.90 13.82
C THR B 5 6.04 4.64 12.58
N PHE B 6 4.76 4.32 12.84
CA PHE B 6 3.79 3.84 11.84
C PHE B 6 3.75 4.68 10.57
N GLU B 7 3.47 5.96 10.73
CA GLU B 7 3.32 6.93 9.64
C GLU B 7 4.50 6.87 8.65
N HIS B 8 5.68 6.63 9.19
CA HIS B 8 6.87 6.61 8.37
C HIS B 8 7.12 5.27 7.79
N LEU B 9 7.09 4.26 8.63
CA LEU B 9 7.41 2.91 8.20
C LEU B 9 6.43 2.34 7.17
N TRP B 10 5.21 2.84 7.22
CA TRP B 10 4.16 2.41 6.35
C TRP B 10 4.32 3.05 4.98
N SER B 11 4.73 4.30 4.98
CA SER B 11 4.90 5.05 3.76
C SER B 11 6.25 4.71 3.09
N SER B 12 7.01 3.88 3.77
CA SER B 12 8.32 3.48 3.34
C SER B 12 8.40 1.97 3.08
N LEU B 13 7.27 1.30 2.88
CA LEU B 13 7.35 -0.15 2.85
C LEU B 13 7.43 -0.69 1.45
N GLU B 14 7.45 0.20 0.50
CA GLU B 14 7.57 -0.15 -0.86
C GLU B 14 9.06 -0.43 -1.14
N PRO B 15 9.38 -1.19 -2.18
CA PRO B 15 10.76 -1.51 -2.51
C PRO B 15 11.62 -0.27 -2.79
N ASP B 16 11.30 0.42 -3.85
CA ASP B 16 12.05 1.56 -4.29
C ASP B 16 11.15 2.47 -5.06
#